data_8TTB
#
_entry.id   8TTB
#
_cell.length_a   1.00
_cell.length_b   1.00
_cell.length_c   1.00
_cell.angle_alpha   90.00
_cell.angle_beta   90.00
_cell.angle_gamma   90.00
#
_symmetry.space_group_name_H-M   'P 1'
#
loop_
_entity.id
_entity.type
_entity.pdbx_description
1 polymer 'Serine/threonine-protein phosphatase 2A 65 kDa regulatory subunit A alpha isoform'
2 polymer 'Serine/threonine-protein phosphatase 2A 55 kDa regulatory subunit B alpha isoform'
3 polymer 'Serine/threonine-protein phosphatase 2A catalytic subunit alpha isoform'
4 polymer 'cAMP-regulated phosphoprotein 19'
5 non-polymer 'FE (III) ION'
6 non-polymer 'ZINC ION'
#
loop_
_entity_poly.entity_id
_entity_poly.type
_entity_poly.pdbx_seq_one_letter_code
_entity_poly.pdbx_strand_id
1 'polypeptide(L)'
;GHMSLYPIAVLIDELRNEDVQLRLNSIKKLSTIALALGVERTRSELLPFLTDTIYDEDEVLLALAEQLGTFTTLVGGPEY
VHCLLPPLESLATVEETVVRDKAVESLRAISHEHSPSDLEAHFVPLVKRLAGGDWFTSRTSACGLFSVCYPRVSSAVKAE
LRQYFRNLCSDDTPMVRRAAASKLGEFAKVLELDNVKSEIIPMFSNLASDEQDSVRLLAVEACVNIAQLLPQEDLEALVM
PTLRQAAEDKSWRVRYMVADKFTELQKAVGPEITKTDLVPAFQNLMKDCEAEVRAAASHKVKEFCENLSADCRENVIMSQ
ILPCIKELVSDANQHVKSALASVIMGLSPILGKDNTIEHLLPLFLAQLKDECPEVRLNIISNLDCVNEVIGIRQLSQSLL
PAIVELAEDAKWRVRLAIIEYMPLLAGQLGVEFFDEKLNSLCMAWLVDHVYAIREAATSNLKKLVEKFGKEWAHATIIPK
VLAMSGDPNYLHRMTTLFCINVLSEVCGQDITTKHMLPTVLRMAGDPVANVRFNVAKSLQKIGPILDNSTLQSEVKPILE
KLTQDQDVDVKYFAQEALTVLSLA
;
A
2 'polypeptide(L)'
;HMGSAGAGGGNDIQWCFSQVKGAVDDDVAEADIISTVEFNHSGELLATGDKGGRVVIFQQEQENKIQSHSRGEYNVYSTF
QSHEPEFDYLKSLEIEEKINKIRWLPQKNAAQFLLSTNDKTIKLWKISERDKRPEGYNLKEEDGRYRDPTTVTTLRVPVF
RPMDLMVEASPRRIFANAHTYHINSISINSDYETYLSADDLRINLWHLEITDRSFNIVDIKPANMEELTEVITAAEFHPN
SCNTFVYSSSKGTIRLCDMRASALCDRHSKLFEEPEDPSNRSFFSEIISSISDVKFSHSGRYMMTRDYLSVKIWDLNMEN
RPVETYQVHEYLRSKLCSLYENDCIFDKFECCWNGSDSVVMTGSYNNFFRMFDRNTKRDITLEASRENNKPRTVLKPRKV
CASGKRKKDEISVDSLDFNKKILHTAWHPKENIIAVATTNNLYIFQDKVN
;
B
3 'polypeptide(L)'
;GHMDEKVFTKELDQWIEQLNECKQLSESQVKSLCEKAKEILTKESNVQEVRCPVTVCGDVHGQFHDLMELFRIGGKSPDT
NYLFMGDYVDRGYYSVETVTLLVALKVRYRERITILRGNHESRQITQVYGFYDECLRKYGNANVWKYFTDLFDYLPLTAL
VDGQIFCLHGGLSPSIDTLDHIRALDRLQEVPHEGPMCDLLWSDPDDRGGWGISPRGAGYTFGQDISETFNHANGLTLVS
RAHQLVMEGYNWCHDRNVVTIFSAPNYCYRCGNQAAIMELDDTLKYSFLQFDPAPRRGEPHVTRRTPDYF(MLL)
;
C
4 'polypeptide(L)'
;GHMSAEVPEAASAEEQKEMEDKVTSPEKAEEAKLKARYPHLGQKPGGSDFLRKRLQKGQKYFD(2RX)GDYNMAKAKMKN
KQLPTAAPDKTEVTGDHIPTPQDLPQRKPALVASKLAG
;
D
#
# COMPACT_ATOMS: atom_id res chain seq x y z
N SER A 4 -30.04 3.62 -37.55
CA SER A 4 -30.85 3.80 -36.35
C SER A 4 -30.55 2.72 -35.33
N LEU A 5 -30.66 1.46 -35.75
CA LEU A 5 -30.34 0.33 -34.88
C LEU A 5 -28.86 -0.02 -34.87
N TYR A 6 -28.08 0.51 -35.82
CA TYR A 6 -26.66 0.18 -35.86
C TYR A 6 -25.93 0.59 -34.59
N PRO A 7 -26.13 1.81 -34.06
CA PRO A 7 -25.45 2.14 -32.80
C PRO A 7 -25.76 1.17 -31.67
N ILE A 8 -27.00 0.69 -31.60
CA ILE A 8 -27.36 -0.29 -30.57
C ILE A 8 -26.66 -1.61 -30.83
N ALA A 9 -26.57 -2.02 -32.10
CA ALA A 9 -25.87 -3.25 -32.43
C ALA A 9 -24.42 -3.21 -32.00
N VAL A 10 -23.81 -2.02 -32.03
CA VAL A 10 -22.43 -1.88 -31.57
C VAL A 10 -22.33 -2.24 -30.09
N LEU A 11 -23.25 -1.70 -29.28
CA LEU A 11 -23.20 -1.95 -27.84
C LEU A 11 -23.41 -3.42 -27.53
N ILE A 12 -24.38 -4.06 -28.19
CA ILE A 12 -24.66 -5.46 -27.91
C ILE A 12 -23.46 -6.32 -28.24
N ASP A 13 -22.82 -6.07 -29.38
CA ASP A 13 -21.64 -6.85 -29.76
C ASP A 13 -20.50 -6.63 -28.77
N GLU A 14 -20.40 -5.43 -28.18
CA GLU A 14 -19.35 -5.16 -27.22
C GLU A 14 -19.48 -6.01 -25.96
N LEU A 15 -20.68 -6.53 -25.68
CA LEU A 15 -20.84 -7.37 -24.50
C LEU A 15 -19.91 -8.58 -24.54
N ARG A 16 -19.64 -9.11 -25.73
CA ARG A 16 -18.74 -10.23 -25.89
C ARG A 16 -17.31 -9.80 -26.17
N ASN A 17 -17.04 -8.50 -26.23
CA ASN A 17 -15.70 -8.03 -26.55
C ASN A 17 -14.71 -8.43 -25.46
N GLU A 18 -13.50 -8.82 -25.88
CA GLU A 18 -12.48 -9.19 -24.92
C GLU A 18 -11.95 -8.01 -24.12
N ASP A 19 -12.09 -6.79 -24.64
CA ASP A 19 -11.64 -5.61 -23.92
C ASP A 19 -12.61 -5.27 -22.80
N VAL A 20 -12.10 -5.16 -21.58
CA VAL A 20 -12.96 -4.86 -20.44
C VAL A 20 -13.59 -3.48 -20.61
N GLN A 21 -12.85 -2.52 -21.12
CA GLN A 21 -13.37 -1.17 -21.26
C GLN A 21 -14.60 -1.14 -22.16
N LEU A 22 -14.52 -1.82 -23.31
CA LEU A 22 -15.67 -1.88 -24.21
C LEU A 22 -16.83 -2.63 -23.57
N ARG A 23 -16.55 -3.77 -22.92
CA ARG A 23 -17.60 -4.48 -22.22
C ARG A 23 -18.16 -3.65 -21.08
N LEU A 24 -17.30 -2.97 -20.33
CA LEU A 24 -17.78 -2.10 -19.26
C LEU A 24 -18.68 -0.99 -19.81
N ASN A 25 -18.26 -0.37 -20.91
CA ASN A 25 -19.07 0.70 -21.50
C ASN A 25 -20.42 0.18 -21.96
N SER A 26 -20.45 -0.99 -22.60
CA SER A 26 -21.70 -1.54 -23.09
C SER A 26 -22.65 -1.85 -21.93
N ILE A 27 -22.14 -2.44 -20.86
CA ILE A 27 -22.99 -2.80 -19.73
C ILE A 27 -23.56 -1.55 -19.06
N LYS A 28 -22.77 -0.49 -18.97
CA LYS A 28 -23.26 0.74 -18.37
C LYS A 28 -24.40 1.36 -19.18
N LYS A 29 -24.58 0.94 -20.43
CA LYS A 29 -25.64 1.45 -21.29
C LYS A 29 -26.71 0.41 -21.57
N LEU A 30 -26.88 -0.56 -20.65
CA LEU A 30 -27.90 -1.57 -20.85
C LEU A 30 -29.29 -0.96 -20.87
N SER A 31 -29.49 0.18 -20.20
CA SER A 31 -30.78 0.86 -20.24
C SER A 31 -31.12 1.27 -21.67
N THR A 32 -30.15 1.81 -22.40
CA THR A 32 -30.37 2.14 -23.80
C THR A 32 -30.68 0.90 -24.62
N ILE A 33 -29.93 -0.18 -24.37
CA ILE A 33 -30.15 -1.42 -25.11
C ILE A 33 -31.55 -1.97 -24.83
N ALA A 34 -31.96 -1.95 -23.56
CA ALA A 34 -33.27 -2.50 -23.21
C ALA A 34 -34.40 -1.75 -23.89
N LEU A 35 -34.28 -0.42 -23.99
CA LEU A 35 -35.32 0.36 -24.65
C LEU A 35 -35.49 -0.07 -26.10
N ALA A 36 -34.38 -0.23 -26.82
CA ALA A 36 -34.46 -0.63 -28.22
C ALA A 36 -35.07 -2.02 -28.35
N LEU A 37 -34.66 -2.95 -27.50
CA LEU A 37 -35.21 -4.31 -27.57
C LEU A 37 -36.70 -4.32 -27.25
N GLY A 38 -37.11 -3.54 -26.26
CA GLY A 38 -38.49 -3.49 -25.83
C GLY A 38 -38.72 -4.24 -24.53
N VAL A 39 -39.91 -4.04 -23.97
CA VAL A 39 -40.25 -4.65 -22.69
C VAL A 39 -40.25 -6.17 -22.81
N GLU A 40 -40.88 -6.69 -23.87
CA GLU A 40 -41.01 -8.15 -23.99
C GLU A 40 -39.68 -8.79 -24.31
N ARG A 41 -38.93 -8.23 -25.27
CA ARG A 41 -37.68 -8.84 -25.68
C ARG A 41 -36.66 -8.82 -24.55
N THR A 42 -36.67 -7.75 -23.74
CA THR A 42 -35.71 -7.67 -22.64
C THR A 42 -35.88 -8.82 -21.67
N ARG A 43 -37.12 -9.16 -21.32
CA ARG A 43 -37.35 -10.28 -20.40
C ARG A 43 -36.91 -11.59 -21.02
N SER A 44 -37.19 -11.80 -22.31
CA SER A 44 -36.97 -13.10 -22.93
C SER A 44 -35.55 -13.26 -23.48
N GLU A 45 -34.88 -12.18 -23.86
CA GLU A 45 -33.59 -12.26 -24.51
C GLU A 45 -32.47 -11.64 -23.68
N LEU A 46 -32.63 -10.38 -23.25
CA LEU A 46 -31.52 -9.69 -22.60
C LEU A 46 -31.22 -10.29 -21.23
N LEU A 47 -32.26 -10.48 -20.41
CA LEU A 47 -32.03 -10.95 -19.03
C LEU A 47 -31.37 -12.32 -18.99
N PRO A 48 -31.83 -13.33 -19.74
CA PRO A 48 -31.13 -14.62 -19.71
C PRO A 48 -29.66 -14.51 -20.05
N PHE A 49 -29.29 -13.62 -20.97
CA PHE A 49 -27.89 -13.44 -21.31
C PHE A 49 -27.10 -12.84 -20.15
N LEU A 50 -27.76 -12.06 -19.30
CA LEU A 50 -27.11 -11.42 -18.16
C LEU A 50 -27.19 -12.26 -16.89
N THR A 51 -27.83 -13.42 -16.93
CA THR A 51 -27.99 -14.23 -15.73
C THR A 51 -26.63 -14.66 -15.17
N ASP A 52 -25.89 -15.46 -15.94
CA ASP A 52 -24.58 -15.97 -15.53
C ASP A 52 -23.57 -15.56 -16.60
N THR A 53 -22.99 -14.38 -16.44
CA THR A 53 -22.01 -13.88 -17.38
C THR A 53 -20.70 -14.67 -17.25
N ILE A 54 -20.13 -15.06 -18.39
CA ILE A 54 -18.86 -15.75 -18.38
C ILE A 54 -17.76 -14.86 -17.80
N TYR A 55 -17.73 -13.60 -18.23
CA TYR A 55 -16.74 -12.67 -17.69
C TYR A 55 -17.01 -12.41 -16.22
N ASP A 56 -15.93 -12.29 -15.45
CA ASP A 56 -16.03 -12.15 -14.00
C ASP A 56 -15.12 -11.03 -13.49
N GLU A 57 -14.94 -9.97 -14.28
CA GLU A 57 -14.17 -8.83 -13.81
C GLU A 57 -14.93 -8.11 -12.70
N ASP A 58 -14.22 -7.71 -11.65
CA ASP A 58 -14.87 -7.10 -10.50
C ASP A 58 -15.62 -5.84 -10.90
N GLU A 59 -14.97 -4.96 -11.66
CA GLU A 59 -15.62 -3.72 -12.08
C GLU A 59 -16.80 -4.00 -13.00
N VAL A 60 -16.64 -4.94 -13.92
CA VAL A 60 -17.72 -5.24 -14.86
C VAL A 60 -18.94 -5.78 -14.12
N LEU A 61 -18.73 -6.75 -13.22
CA LEU A 61 -19.85 -7.29 -12.46
C LEU A 61 -20.44 -6.23 -11.54
N LEU A 62 -19.60 -5.39 -10.93
CA LEU A 62 -20.10 -4.34 -10.06
C LEU A 62 -20.98 -3.36 -10.84
N ALA A 63 -20.56 -3.00 -12.05
CA ALA A 63 -21.37 -2.11 -12.89
C ALA A 63 -22.70 -2.76 -13.25
N LEU A 64 -22.67 -4.06 -13.58
CA LEU A 64 -23.91 -4.74 -13.94
C LEU A 64 -24.88 -4.76 -12.76
N ALA A 65 -24.37 -4.96 -11.54
CA ALA A 65 -25.25 -5.00 -10.38
C ALA A 65 -25.99 -3.68 -10.21
N GLU A 66 -25.29 -2.56 -10.41
CA GLU A 66 -25.95 -1.26 -10.28
C GLU A 66 -27.07 -1.11 -11.30
N GLN A 67 -26.80 -1.49 -12.55
CA GLN A 67 -27.81 -1.32 -13.60
C GLN A 67 -29.03 -2.21 -13.37
N LEU A 68 -28.80 -3.46 -12.96
CA LEU A 68 -29.91 -4.40 -12.80
C LEU A 68 -30.90 -3.96 -11.74
N GLY A 69 -30.51 -3.04 -10.85
CA GLY A 69 -31.42 -2.54 -9.84
C GLY A 69 -32.39 -1.48 -10.31
N THR A 70 -32.28 -1.05 -11.57
CA THR A 70 -33.11 0.03 -12.11
C THR A 70 -33.82 -0.41 -13.39
N PHE A 71 -34.12 -1.70 -13.51
CA PHE A 71 -34.77 -2.23 -14.70
C PHE A 71 -36.25 -2.52 -14.50
N THR A 72 -36.84 -2.06 -13.39
CA THR A 72 -38.23 -2.37 -13.11
C THR A 72 -39.14 -1.86 -14.22
N THR A 73 -38.95 -0.61 -14.63
CA THR A 73 -39.76 -0.07 -15.73
C THR A 73 -39.45 -0.77 -17.04
N LEU A 74 -38.16 -1.06 -17.29
CA LEU A 74 -37.77 -1.62 -18.58
C LEU A 74 -38.27 -3.05 -18.75
N VAL A 75 -38.45 -3.79 -17.65
CA VAL A 75 -38.88 -5.18 -17.73
C VAL A 75 -40.41 -5.24 -17.73
N GLY A 76 -41.05 -4.08 -17.78
CA GLY A 76 -42.50 -4.01 -17.82
C GLY A 76 -43.17 -3.58 -16.53
N GLY A 77 -42.42 -3.08 -15.56
CA GLY A 77 -43.00 -2.59 -14.33
C GLY A 77 -43.06 -3.65 -13.25
N PRO A 78 -43.74 -3.34 -12.14
CA PRO A 78 -43.80 -4.29 -11.02
C PRO A 78 -44.39 -5.64 -11.39
N GLU A 79 -45.27 -5.69 -12.41
CA GLU A 79 -45.89 -6.95 -12.76
C GLU A 79 -44.86 -8.02 -13.13
N TYR A 80 -43.74 -7.60 -13.75
CA TYR A 80 -42.70 -8.54 -14.18
C TYR A 80 -41.37 -8.25 -13.49
N VAL A 81 -41.39 -7.58 -12.33
CA VAL A 81 -40.14 -7.26 -11.65
C VAL A 81 -39.43 -8.52 -11.20
N HIS A 82 -40.17 -9.59 -10.92
CA HIS A 82 -39.56 -10.82 -10.45
C HIS A 82 -38.60 -11.40 -11.47
N CYS A 83 -38.71 -11.01 -12.75
CA CYS A 83 -37.80 -11.50 -13.77
C CYS A 83 -36.37 -11.00 -13.55
N LEU A 84 -36.18 -9.98 -12.72
CA LEU A 84 -34.85 -9.46 -12.43
C LEU A 84 -34.16 -10.22 -11.30
N LEU A 85 -34.84 -11.14 -10.62
CA LEU A 85 -34.21 -11.86 -9.52
C LEU A 85 -33.06 -12.75 -9.98
N PRO A 86 -33.20 -13.58 -11.02
CA PRO A 86 -32.12 -14.51 -11.37
C PRO A 86 -30.82 -13.80 -11.69
N PRO A 87 -30.85 -12.72 -12.48
CA PRO A 87 -29.61 -11.98 -12.72
C PRO A 87 -28.94 -11.49 -11.45
N LEU A 88 -29.71 -11.04 -10.47
CA LEU A 88 -29.13 -10.55 -9.23
C LEU A 88 -28.80 -11.69 -8.28
N GLU A 89 -29.54 -12.79 -8.34
CA GLU A 89 -29.22 -13.94 -7.49
C GLU A 89 -27.83 -14.47 -7.80
N SER A 90 -27.48 -14.55 -9.08
CA SER A 90 -26.13 -14.99 -9.45
C SER A 90 -25.08 -14.03 -8.93
N LEU A 91 -25.33 -12.73 -9.07
CA LEU A 91 -24.37 -11.74 -8.59
C LEU A 91 -24.23 -11.77 -7.08
N ALA A 92 -25.27 -12.19 -6.37
CA ALA A 92 -25.22 -12.29 -4.91
C ALA A 92 -24.36 -13.46 -4.45
N THR A 93 -23.93 -14.33 -5.35
CA THR A 93 -23.15 -15.52 -5.01
C THR A 93 -21.69 -15.40 -5.41
N VAL A 94 -21.29 -14.33 -6.09
CA VAL A 94 -19.92 -14.21 -6.56
C VAL A 94 -18.97 -14.02 -5.38
N GLU A 95 -17.71 -14.40 -5.59
CA GLU A 95 -16.73 -14.34 -4.52
C GLU A 95 -16.50 -12.90 -4.05
N GLU A 96 -16.45 -11.96 -4.99
CA GLU A 96 -16.10 -10.58 -4.63
C GLU A 96 -17.15 -10.00 -3.69
N THR A 97 -16.68 -9.36 -2.62
CA THR A 97 -17.60 -8.84 -1.61
C THR A 97 -18.36 -7.63 -2.12
N VAL A 98 -17.68 -6.70 -2.81
CA VAL A 98 -18.34 -5.47 -3.24
C VAL A 98 -19.45 -5.79 -4.24
N VAL A 99 -19.25 -6.80 -5.09
CA VAL A 99 -20.28 -7.18 -6.04
C VAL A 99 -21.47 -7.77 -5.31
N ARG A 100 -21.22 -8.63 -4.31
CA ARG A 100 -22.33 -9.17 -3.53
C ARG A 100 -23.08 -8.06 -2.80
N ASP A 101 -22.35 -7.13 -2.19
CA ASP A 101 -23.01 -6.04 -1.47
C ASP A 101 -23.87 -5.20 -2.42
N LYS A 102 -23.34 -4.87 -3.59
CA LYS A 102 -24.13 -4.12 -4.57
C LYS A 102 -25.31 -4.94 -5.04
N ALA A 103 -25.11 -6.23 -5.27
CA ALA A 103 -26.22 -7.09 -5.68
C ALA A 103 -27.29 -7.14 -4.61
N VAL A 104 -26.89 -7.24 -3.34
CA VAL A 104 -27.88 -7.23 -2.26
C VAL A 104 -28.61 -5.88 -2.24
N GLU A 105 -27.87 -4.79 -2.45
CA GLU A 105 -28.52 -3.48 -2.49
C GLU A 105 -29.56 -3.41 -3.60
N SER A 106 -29.22 -3.94 -4.78
CA SER A 106 -30.19 -3.94 -5.88
C SER A 106 -31.41 -4.78 -5.52
N LEU A 107 -31.21 -5.94 -4.91
CA LEU A 107 -32.34 -6.78 -4.52
C LEU A 107 -33.24 -6.06 -3.53
N ARG A 108 -32.63 -5.34 -2.57
CA ARG A 108 -33.43 -4.59 -1.62
C ARG A 108 -34.24 -3.49 -2.32
N ALA A 109 -33.62 -2.81 -3.29
CA ALA A 109 -34.32 -1.73 -3.97
C ALA A 109 -35.54 -2.23 -4.72
N ILE A 110 -35.40 -3.36 -5.44
CA ILE A 110 -36.52 -3.90 -6.20
C ILE A 110 -37.47 -4.71 -5.34
N SER A 111 -37.09 -5.04 -4.11
CA SER A 111 -38.00 -5.76 -3.22
C SER A 111 -39.23 -4.92 -2.91
N HIS A 112 -39.03 -3.61 -2.69
CA HIS A 112 -40.16 -2.74 -2.39
C HIS A 112 -41.20 -2.74 -3.51
N GLU A 113 -40.76 -2.97 -4.74
CA GLU A 113 -41.66 -2.96 -5.89
C GLU A 113 -42.40 -4.28 -6.08
N HIS A 114 -42.04 -5.32 -5.34
CA HIS A 114 -42.81 -6.55 -5.35
C HIS A 114 -44.06 -6.37 -4.50
N SER A 115 -45.21 -6.76 -5.05
CA SER A 115 -46.44 -6.77 -4.27
C SER A 115 -46.36 -7.87 -3.21
N PRO A 116 -47.17 -7.75 -2.15
CA PRO A 116 -47.09 -8.77 -1.08
C PRO A 116 -47.25 -10.19 -1.58
N SER A 117 -48.11 -10.41 -2.58
CA SER A 117 -48.23 -11.74 -3.16
C SER A 117 -46.94 -12.16 -3.85
N ASP A 118 -46.29 -11.22 -4.56
CA ASP A 118 -45.04 -11.55 -5.24
C ASP A 118 -43.96 -11.95 -4.25
N LEU A 119 -43.88 -11.24 -3.12
CA LEU A 119 -42.83 -11.54 -2.15
C LEU A 119 -42.90 -12.99 -1.69
N GLU A 120 -44.10 -13.46 -1.35
CA GLU A 120 -44.26 -14.84 -0.92
C GLU A 120 -44.11 -15.84 -2.05
N ALA A 121 -44.15 -15.38 -3.31
CA ALA A 121 -44.09 -16.28 -4.45
C ALA A 121 -42.72 -16.28 -5.14
N HIS A 122 -42.05 -15.13 -5.20
CA HIS A 122 -40.79 -15.01 -5.93
C HIS A 122 -39.64 -14.51 -5.07
N PHE A 123 -39.87 -13.55 -4.19
CA PHE A 123 -38.77 -12.96 -3.44
C PHE A 123 -38.41 -13.82 -2.23
N VAL A 124 -39.41 -14.18 -1.41
CA VAL A 124 -39.13 -15.00 -0.23
C VAL A 124 -38.46 -16.31 -0.60
N PRO A 125 -38.92 -17.05 -1.64
CA PRO A 125 -38.17 -18.24 -2.04
C PRO A 125 -36.72 -17.94 -2.40
N LEU A 126 -36.45 -16.80 -3.01
CA LEU A 126 -35.08 -16.44 -3.33
C LEU A 126 -34.24 -16.33 -2.07
N VAL A 127 -34.78 -15.68 -1.03
CA VAL A 127 -34.06 -15.57 0.23
C VAL A 127 -33.82 -16.96 0.81
N LYS A 128 -34.83 -17.84 0.75
CA LYS A 128 -34.67 -19.18 1.27
C LYS A 128 -33.59 -19.95 0.51
N ARG A 129 -33.54 -19.79 -0.82
CA ARG A 129 -32.50 -20.45 -1.60
C ARG A 129 -31.12 -19.95 -1.19
N LEU A 130 -30.93 -18.63 -1.13
CA LEU A 130 -29.65 -18.09 -0.71
C LEU A 130 -29.33 -18.46 0.73
N ALA A 131 -30.30 -18.37 1.62
CA ALA A 131 -30.05 -18.70 3.02
C ALA A 131 -29.69 -20.17 3.18
N GLY A 132 -30.37 -21.05 2.46
CA GLY A 132 -30.11 -22.48 2.50
C GLY A 132 -29.07 -22.95 1.51
N GLY A 133 -28.43 -22.05 0.78
CA GLY A 133 -27.45 -22.47 -0.21
C GLY A 133 -26.25 -23.13 0.44
N ASP A 134 -25.61 -24.01 -0.33
CA ASP A 134 -24.42 -24.73 0.14
C ASP A 134 -23.15 -23.89 0.05
N TRP A 135 -23.18 -22.76 -0.64
CA TRP A 135 -22.04 -21.87 -0.75
C TRP A 135 -22.25 -20.69 0.19
N PHE A 136 -21.30 -20.47 1.10
CA PHE A 136 -21.51 -19.44 2.12
C PHE A 136 -21.51 -18.03 1.54
N THR A 137 -21.06 -17.85 0.30
CA THR A 137 -21.24 -16.55 -0.34
C THR A 137 -22.71 -16.24 -0.52
N SER A 138 -23.52 -17.22 -0.91
CA SER A 138 -24.96 -17.02 -1.00
C SER A 138 -25.55 -16.77 0.37
N ARG A 139 -25.18 -17.58 1.36
CA ARG A 139 -25.73 -17.41 2.71
C ARG A 139 -25.33 -16.06 3.28
N THR A 140 -24.11 -15.59 3.00
CA THR A 140 -23.69 -14.28 3.46
C THR A 140 -24.58 -13.19 2.90
N SER A 141 -24.92 -13.28 1.61
CA SER A 141 -25.80 -12.28 1.00
C SER A 141 -27.23 -12.37 1.54
N ALA A 142 -27.68 -13.58 1.87
CA ALA A 142 -29.05 -13.74 2.33
C ALA A 142 -29.32 -12.94 3.59
N CYS A 143 -28.30 -12.70 4.41
CA CYS A 143 -28.49 -11.98 5.67
C CYS A 143 -29.06 -10.59 5.43
N GLY A 144 -28.70 -9.95 4.32
CA GLY A 144 -29.14 -8.60 4.05
C GLY A 144 -30.50 -8.47 3.41
N LEU A 145 -31.20 -9.58 3.18
CA LEU A 145 -32.49 -9.56 2.51
C LEU A 145 -33.67 -9.81 3.44
N PHE A 146 -33.44 -10.24 4.68
CA PHE A 146 -34.54 -10.54 5.58
C PHE A 146 -35.30 -9.28 5.97
N SER A 147 -34.60 -8.18 6.20
CA SER A 147 -35.24 -6.98 6.74
C SER A 147 -36.26 -6.42 5.75
N VAL A 148 -35.93 -6.39 4.46
CA VAL A 148 -36.81 -5.73 3.49
C VAL A 148 -38.11 -6.50 3.33
N CYS A 149 -38.05 -7.82 3.29
CA CYS A 149 -39.23 -8.63 2.99
C CYS A 149 -40.07 -8.92 4.23
N TYR A 150 -39.46 -8.93 5.42
CA TYR A 150 -40.18 -9.35 6.62
C TYR A 150 -41.43 -8.52 6.88
N PRO A 151 -41.38 -7.18 6.83
CA PRO A 151 -42.57 -6.40 7.22
C PRO A 151 -43.82 -6.73 6.41
N ARG A 152 -43.69 -6.98 5.11
CA ARG A 152 -44.85 -7.09 4.24
C ARG A 152 -45.36 -8.52 4.09
N VAL A 153 -44.52 -9.53 4.32
CA VAL A 153 -44.99 -10.91 4.19
C VAL A 153 -46.02 -11.20 5.27
N SER A 154 -46.73 -12.31 5.07
CA SER A 154 -47.77 -12.72 6.02
C SER A 154 -47.14 -13.27 7.29
N SER A 155 -47.97 -13.45 8.32
CA SER A 155 -47.49 -13.92 9.60
C SER A 155 -46.84 -15.29 9.48
N ALA A 156 -47.46 -16.20 8.72
CA ALA A 156 -46.88 -17.52 8.54
C ALA A 156 -45.50 -17.44 7.91
N VAL A 157 -45.34 -16.60 6.90
CA VAL A 157 -44.03 -16.41 6.28
C VAL A 157 -43.05 -15.81 7.27
N LYS A 158 -43.51 -14.83 8.06
CA LYS A 158 -42.62 -14.22 9.05
C LYS A 158 -42.01 -15.26 9.97
N ALA A 159 -42.80 -16.23 10.40
CA ALA A 159 -42.27 -17.28 11.27
C ALA A 159 -41.15 -18.05 10.57
N GLU A 160 -41.34 -18.36 9.29
CA GLU A 160 -40.31 -19.06 8.54
C GLU A 160 -39.03 -18.23 8.42
N LEU A 161 -39.19 -16.93 8.15
CA LEU A 161 -38.02 -16.07 7.98
C LEU A 161 -37.19 -16.02 9.26
N ARG A 162 -37.84 -15.90 10.41
CA ARG A 162 -37.10 -15.86 11.67
C ARG A 162 -36.31 -17.14 11.88
N GLN A 163 -36.91 -18.29 11.54
CA GLN A 163 -36.19 -19.54 11.67
C GLN A 163 -34.98 -19.58 10.74
N TYR A 164 -35.14 -19.10 9.51
CA TYR A 164 -34.02 -19.06 8.59
C TYR A 164 -32.90 -18.14 9.11
N PHE A 165 -33.27 -16.99 9.65
CA PHE A 165 -32.26 -16.09 10.19
C PHE A 165 -31.56 -16.71 11.40
N ARG A 166 -32.30 -17.46 12.21
CA ARG A 166 -31.68 -18.14 13.34
C ARG A 166 -30.63 -19.15 12.88
N ASN A 167 -30.92 -19.87 11.80
CA ASN A 167 -29.95 -20.82 11.28
C ASN A 167 -28.68 -20.12 10.81
N LEU A 168 -28.83 -18.95 10.17
CA LEU A 168 -27.65 -18.22 9.71
C LEU A 168 -26.77 -17.80 10.88
N CYS A 169 -27.38 -17.33 11.98
CA CYS A 169 -26.59 -16.95 13.14
C CYS A 169 -25.81 -18.11 13.73
N SER A 170 -26.23 -19.34 13.47
CA SER A 170 -25.53 -20.53 13.95
C SER A 170 -24.72 -21.20 12.86
N ASP A 171 -24.48 -20.53 11.74
CA ASP A 171 -23.76 -21.15 10.64
C ASP A 171 -22.34 -21.49 11.04
N ASP A 172 -21.80 -22.56 10.46
CA ASP A 172 -20.46 -23.01 10.79
C ASP A 172 -19.38 -22.08 10.24
N THR A 173 -19.71 -21.23 9.28
CA THR A 173 -18.72 -20.38 8.65
C THR A 173 -18.68 -19.01 9.34
N PRO A 174 -17.52 -18.55 9.80
CA PRO A 174 -17.46 -17.20 10.40
C PRO A 174 -17.93 -16.10 9.47
N MET A 175 -17.72 -16.25 8.17
CA MET A 175 -18.17 -15.23 7.23
C MET A 175 -19.68 -15.03 7.31
N VAL A 176 -20.44 -16.13 7.40
CA VAL A 176 -21.89 -16.02 7.51
C VAL A 176 -22.27 -15.38 8.84
N ARG A 177 -21.65 -15.82 9.92
CA ARG A 177 -22.00 -15.31 11.24
C ARG A 177 -21.71 -13.81 11.34
N ARG A 178 -20.59 -13.36 10.76
CA ARG A 178 -20.31 -11.93 10.74
C ARG A 178 -21.40 -11.18 10.00
N ALA A 179 -21.86 -11.71 8.86
CA ALA A 179 -22.94 -11.07 8.11
C ALA A 179 -24.23 -11.03 8.94
N ALA A 180 -24.55 -12.13 9.62
CA ALA A 180 -25.75 -12.14 10.45
C ALA A 180 -25.64 -11.12 11.58
N ALA A 181 -24.47 -11.05 12.22
CA ALA A 181 -24.30 -10.09 13.31
C ALA A 181 -24.43 -8.65 12.79
N SER A 182 -23.87 -8.37 11.62
CA SER A 182 -23.97 -7.02 11.07
C SER A 182 -25.41 -6.64 10.79
N LYS A 183 -26.19 -7.57 10.25
CA LYS A 183 -27.58 -7.31 9.89
C LYS A 183 -28.55 -7.62 11.03
N LEU A 184 -28.05 -8.11 12.17
CA LEU A 184 -28.94 -8.43 13.28
C LEU A 184 -29.66 -7.18 13.79
N GLY A 185 -28.95 -6.05 13.84
CA GLY A 185 -29.56 -4.84 14.37
C GLY A 185 -30.74 -4.37 13.54
N GLU A 186 -30.58 -4.34 12.21
CA GLU A 186 -31.66 -3.87 11.36
C GLU A 186 -32.82 -4.87 11.31
N PHE A 187 -32.52 -6.17 11.39
CA PHE A 187 -33.58 -7.16 11.38
C PHE A 187 -34.44 -7.06 12.64
N ALA A 188 -33.85 -6.60 13.75
CA ALA A 188 -34.63 -6.44 14.98
C ALA A 188 -35.56 -5.22 14.89
N LYS A 189 -35.16 -4.19 14.12
CA LYS A 189 -35.97 -2.99 14.04
C LYS A 189 -37.31 -3.24 13.35
N VAL A 190 -37.45 -4.33 12.60
CA VAL A 190 -38.71 -4.64 11.93
C VAL A 190 -39.48 -5.75 12.64
N LEU A 191 -38.84 -6.50 13.52
CA LEU A 191 -39.52 -7.57 14.23
C LEU A 191 -40.44 -6.99 15.31
N GLU A 192 -41.43 -7.78 15.69
CA GLU A 192 -42.31 -7.41 16.80
C GLU A 192 -41.53 -7.45 18.11
N LEU A 193 -41.87 -6.53 19.01
CA LEU A 193 -41.13 -6.42 20.26
C LEU A 193 -41.15 -7.72 21.04
N ASP A 194 -42.25 -8.47 20.97
CA ASP A 194 -42.31 -9.76 21.65
C ASP A 194 -41.27 -10.72 21.10
N ASN A 195 -41.13 -10.77 19.77
CA ASN A 195 -40.15 -11.66 19.16
C ASN A 195 -38.73 -11.20 19.44
N VAL A 196 -38.51 -9.89 19.53
CA VAL A 196 -37.16 -9.38 19.79
C VAL A 196 -36.65 -9.91 21.12
N LYS A 197 -37.49 -9.84 22.16
CA LYS A 197 -37.07 -10.33 23.47
C LYS A 197 -36.84 -11.84 23.45
N SER A 198 -37.70 -12.57 22.73
CA SER A 198 -37.69 -14.03 22.80
C SER A 198 -36.78 -14.68 21.76
N GLU A 199 -36.53 -14.02 20.63
CA GLU A 199 -35.78 -14.62 19.55
C GLU A 199 -34.51 -13.87 19.18
N ILE A 200 -34.55 -12.54 19.17
CA ILE A 200 -33.34 -11.78 18.85
C ILE A 200 -32.31 -11.89 19.96
N ILE A 201 -32.77 -11.78 21.22
CA ILE A 201 -31.82 -11.80 22.33
C ILE A 201 -31.03 -13.11 22.40
N PRO A 202 -31.66 -14.29 22.30
CA PRO A 202 -30.85 -15.51 22.27
C PRO A 202 -29.81 -15.52 21.17
N MET A 203 -30.15 -15.00 19.99
CA MET A 203 -29.16 -14.91 18.92
C MET A 203 -28.11 -13.85 19.26
N PHE A 204 -28.55 -12.70 19.79
CA PHE A 204 -27.60 -11.66 20.15
C PHE A 204 -26.64 -12.14 21.23
N SER A 205 -27.15 -12.86 22.23
CA SER A 205 -26.28 -13.39 23.27
C SER A 205 -25.30 -14.40 22.70
N ASN A 206 -25.77 -15.29 21.82
CA ASN A 206 -24.89 -16.31 21.26
C ASN A 206 -23.79 -15.69 20.42
N LEU A 207 -24.13 -14.72 19.57
CA LEU A 207 -23.12 -14.08 18.75
C LEU A 207 -22.11 -13.32 19.60
N ALA A 208 -22.58 -12.66 20.66
CA ALA A 208 -21.67 -11.89 21.51
C ALA A 208 -20.67 -12.78 22.21
N SER A 209 -20.95 -14.08 22.35
CA SER A 209 -20.04 -15.03 22.99
C SER A 209 -19.37 -15.94 21.97
N ASP A 210 -19.38 -15.57 20.69
CA ASP A 210 -18.80 -16.40 19.66
C ASP A 210 -17.30 -16.53 19.84
N GLU A 211 -16.75 -17.68 19.43
CA GLU A 211 -15.32 -17.90 19.56
C GLU A 211 -14.52 -16.93 18.69
N GLN A 212 -15.08 -16.53 17.56
CA GLN A 212 -14.37 -15.65 16.64
C GLN A 212 -14.39 -14.21 17.16
N ASP A 213 -13.21 -13.63 17.33
CA ASP A 213 -13.14 -12.23 17.75
C ASP A 213 -13.79 -11.32 16.72
N SER A 214 -13.65 -11.66 15.43
CA SER A 214 -14.24 -10.84 14.39
C SER A 214 -15.77 -10.84 14.44
N VAL A 215 -16.37 -11.84 15.08
CA VAL A 215 -17.82 -11.90 15.19
C VAL A 215 -18.30 -11.22 16.46
N ARG A 216 -17.60 -11.40 17.58
CA ARG A 216 -18.02 -10.75 18.82
C ARG A 216 -17.98 -9.24 18.69
N LEU A 217 -16.95 -8.69 18.04
CA LEU A 217 -16.84 -7.24 17.92
C LEU A 217 -18.00 -6.65 17.12
N LEU A 218 -18.63 -7.44 16.26
CA LEU A 218 -19.82 -6.97 15.55
C LEU A 218 -21.05 -6.94 16.45
N ALA A 219 -21.08 -7.77 17.49
CA ALA A 219 -22.21 -7.80 18.40
C ALA A 219 -22.38 -6.48 19.15
N VAL A 220 -21.30 -5.70 19.29
CA VAL A 220 -21.41 -4.44 20.01
C VAL A 220 -22.35 -3.49 19.28
N GLU A 221 -22.21 -3.39 17.96
CA GLU A 221 -23.13 -2.56 17.19
C GLU A 221 -24.56 -3.06 17.30
N ALA A 222 -24.75 -4.38 17.22
CA ALA A 222 -26.08 -4.95 17.43
C ALA A 222 -26.60 -4.63 18.82
N CYS A 223 -25.71 -4.54 19.81
CA CYS A 223 -26.13 -4.19 21.16
C CYS A 223 -26.75 -2.79 21.19
N VAL A 224 -26.16 -1.85 20.44
CA VAL A 224 -26.69 -0.49 20.42
C VAL A 224 -28.10 -0.49 19.84
N ASN A 225 -28.28 -1.15 18.69
CA ASN A 225 -29.59 -1.16 18.04
C ASN A 225 -30.64 -1.87 18.88
N ILE A 226 -30.27 -3.01 19.49
CA ILE A 226 -31.23 -3.75 20.30
C ILE A 226 -31.63 -2.93 21.52
N ALA A 227 -30.68 -2.20 22.11
CA ALA A 227 -30.98 -1.40 23.28
C ALA A 227 -32.02 -0.32 22.96
N GLN A 228 -31.89 0.32 21.79
CA GLN A 228 -32.82 1.38 21.41
C GLN A 228 -34.24 0.87 21.22
N LEU A 229 -34.43 -0.44 21.06
CA LEU A 229 -35.76 -1.00 20.87
C LEU A 229 -36.42 -1.44 22.17
N LEU A 230 -35.66 -2.09 23.05
CA LEU A 230 -36.25 -2.64 24.25
C LEU A 230 -36.64 -1.52 25.23
N PRO A 231 -37.61 -1.78 26.10
CA PRO A 231 -37.91 -0.81 27.17
C PRO A 231 -36.71 -0.64 28.09
N GLN A 232 -36.58 0.57 28.63
CA GLN A 232 -35.43 0.87 29.48
C GLN A 232 -35.33 -0.09 30.66
N GLU A 233 -36.47 -0.57 31.16
CA GLU A 233 -36.46 -1.46 32.32
C GLU A 233 -36.00 -2.87 31.97
N ASP A 234 -36.09 -3.26 30.71
CA ASP A 234 -35.69 -4.61 30.30
C ASP A 234 -34.22 -4.72 29.93
N LEU A 235 -33.48 -3.61 29.89
CA LEU A 235 -32.08 -3.67 29.50
C LEU A 235 -31.25 -4.45 30.51
N GLU A 236 -31.54 -4.28 31.80
CA GLU A 236 -30.72 -4.92 32.83
C GLU A 236 -30.69 -6.43 32.69
N ALA A 237 -31.73 -7.03 32.10
CA ALA A 237 -31.81 -8.48 31.98
C ALA A 237 -31.50 -8.97 30.58
N LEU A 238 -31.68 -8.14 29.55
CA LEU A 238 -31.54 -8.58 28.16
C LEU A 238 -30.31 -8.03 27.46
N VAL A 239 -29.82 -6.86 27.85
CA VAL A 239 -28.74 -6.18 27.15
C VAL A 239 -27.49 -6.09 28.02
N MET A 240 -27.62 -5.55 29.23
CA MET A 240 -26.44 -5.27 30.04
C MET A 240 -25.57 -6.50 30.28
N PRO A 241 -26.11 -7.68 30.58
CA PRO A 241 -25.23 -8.84 30.77
C PRO A 241 -24.32 -9.10 29.59
N THR A 242 -24.81 -8.89 28.37
CA THR A 242 -23.97 -9.03 27.19
C THR A 242 -23.03 -7.85 27.05
N LEU A 243 -23.50 -6.64 27.32
CA LEU A 243 -22.67 -5.45 27.17
C LEU A 243 -21.53 -5.44 28.18
N ARG A 244 -21.79 -5.87 29.41
CA ARG A 244 -20.75 -5.86 30.43
C ARG A 244 -19.58 -6.75 30.04
N GLN A 245 -19.87 -7.96 29.55
CA GLN A 245 -18.79 -8.86 29.16
C GLN A 245 -18.03 -8.34 27.95
N ALA A 246 -18.71 -7.61 27.06
CA ALA A 246 -18.03 -7.04 25.91
C ALA A 246 -16.95 -6.05 26.34
N ALA A 247 -17.28 -5.19 27.31
CA ALA A 247 -16.28 -4.25 27.82
C ALA A 247 -15.14 -4.96 28.52
N GLU A 248 -15.40 -6.15 29.07
CA GLU A 248 -14.39 -6.96 29.73
C GLU A 248 -13.89 -8.10 28.85
N ASP A 249 -14.13 -8.01 27.54
CA ASP A 249 -13.76 -9.10 26.64
C ASP A 249 -12.24 -9.27 26.60
N LYS A 250 -11.81 -10.51 26.44
CA LYS A 250 -10.38 -10.78 26.34
C LYS A 250 -9.77 -10.10 25.12
N SER A 251 -10.45 -10.15 23.99
CA SER A 251 -9.92 -9.57 22.76
C SER A 251 -9.96 -8.05 22.84
N TRP A 252 -8.83 -7.41 22.55
CA TRP A 252 -8.79 -5.96 22.51
C TRP A 252 -9.62 -5.40 21.37
N ARG A 253 -9.84 -6.20 20.31
CA ARG A 253 -10.68 -5.74 19.21
C ARG A 253 -12.11 -5.49 19.67
N VAL A 254 -12.65 -6.39 20.49
CA VAL A 254 -13.99 -6.19 21.01
C VAL A 254 -14.04 -4.98 21.92
N ARG A 255 -13.04 -4.83 22.81
CA ARG A 255 -13.01 -3.67 23.68
C ARG A 255 -12.89 -2.38 22.90
N TYR A 256 -12.20 -2.41 21.75
CA TYR A 256 -12.09 -1.22 20.92
C TYR A 256 -13.47 -0.77 20.43
N MET A 257 -14.31 -1.72 20.02
CA MET A 257 -15.64 -1.36 19.55
C MET A 257 -16.47 -0.74 20.66
N VAL A 258 -16.38 -1.28 21.87
CA VAL A 258 -17.11 -0.70 23.00
C VAL A 258 -16.66 0.75 23.21
N ALA A 259 -15.35 0.98 23.22
CA ALA A 259 -14.84 2.34 23.37
C ALA A 259 -15.26 3.22 22.19
N ASP A 260 -15.19 2.68 20.98
CA ASP A 260 -15.51 3.47 19.80
C ASP A 260 -17.00 3.82 19.72
N LYS A 261 -17.86 3.03 20.34
CA LYS A 261 -19.30 3.25 20.31
C LYS A 261 -19.86 3.51 21.69
N PHE A 262 -19.02 4.02 22.59
CA PHE A 262 -19.46 4.24 23.97
C PHE A 262 -20.55 5.29 24.04
N THR A 263 -20.40 6.38 23.29
CA THR A 263 -21.42 7.44 23.31
C THR A 263 -22.76 6.93 22.80
N GLU A 264 -22.74 6.12 21.74
CA GLU A 264 -23.99 5.54 21.24
C GLU A 264 -24.62 4.63 22.29
N LEU A 265 -23.80 3.85 22.99
CA LEU A 265 -24.33 3.03 24.09
C LEU A 265 -24.91 3.91 25.18
N GLN A 266 -24.26 5.02 25.49
CA GLN A 266 -24.75 5.90 26.54
C GLN A 266 -26.14 6.44 26.22
N LYS A 267 -26.35 6.85 24.97
CA LYS A 267 -27.65 7.37 24.57
C LYS A 267 -28.71 6.28 24.48
N ALA A 268 -28.33 5.01 24.51
CA ALA A 268 -29.27 3.90 24.41
C ALA A 268 -29.64 3.32 25.76
N VAL A 269 -28.68 3.17 26.67
CA VAL A 269 -28.97 2.57 27.97
C VAL A 269 -29.66 3.57 28.90
N GLY A 270 -29.42 4.86 28.71
CA GLY A 270 -30.04 5.88 29.52
C GLY A 270 -29.16 6.32 30.67
N PRO A 271 -29.47 7.48 31.26
CA PRO A 271 -28.60 8.02 32.32
C PRO A 271 -28.43 7.08 33.50
N GLU A 272 -29.49 6.38 33.91
CA GLU A 272 -29.42 5.56 35.11
C GLU A 272 -28.41 4.43 34.93
N ILE A 273 -28.47 3.73 33.80
CA ILE A 273 -27.52 2.66 33.55
C ILE A 273 -26.13 3.23 33.34
N THR A 274 -26.02 4.41 32.74
CA THR A 274 -24.71 4.99 32.47
C THR A 274 -23.92 5.19 33.76
N LYS A 275 -24.58 5.73 34.79
CA LYS A 275 -23.89 5.93 36.07
C LYS A 275 -23.46 4.62 36.69
N THR A 276 -24.35 3.63 36.69
CA THR A 276 -24.07 2.38 37.40
C THR A 276 -23.07 1.50 36.66
N ASP A 277 -23.21 1.40 35.34
CA ASP A 277 -22.44 0.44 34.55
C ASP A 277 -21.41 1.09 33.64
N LEU A 278 -21.83 2.03 32.78
CA LEU A 278 -20.91 2.57 31.79
C LEU A 278 -19.73 3.31 32.44
N VAL A 279 -20.00 4.11 33.46
CA VAL A 279 -18.92 4.91 34.07
C VAL A 279 -17.80 4.01 34.57
N PRO A 280 -18.05 2.96 35.36
CA PRO A 280 -16.95 2.04 35.68
C PRO A 280 -16.32 1.43 34.45
N ALA A 281 -17.12 1.11 33.43
CA ALA A 281 -16.57 0.53 32.20
C ALA A 281 -15.68 1.53 31.48
N PHE A 282 -16.08 2.80 31.45
CA PHE A 282 -15.29 3.81 30.76
C PHE A 282 -13.93 3.97 31.42
N GLN A 283 -13.88 3.91 32.75
CA GLN A 283 -12.60 4.01 33.44
C GLN A 283 -11.68 2.86 33.05
N ASN A 284 -12.22 1.64 32.96
CA ASN A 284 -11.40 0.50 32.58
C ASN A 284 -10.86 0.67 31.17
N LEU A 285 -11.68 1.18 30.25
CA LEU A 285 -11.22 1.37 28.88
C LEU A 285 -10.08 2.38 28.82
N MET A 286 -10.18 3.47 29.57
CA MET A 286 -9.10 4.45 29.61
C MET A 286 -7.83 3.88 30.21
N LYS A 287 -7.93 2.80 30.99
CA LYS A 287 -6.79 2.12 31.57
C LYS A 287 -6.45 0.84 30.83
N ASP A 288 -6.98 0.66 29.62
CA ASP A 288 -6.78 -0.58 28.89
C ASP A 288 -5.31 -0.77 28.54
N CYS A 289 -4.89 -2.03 28.50
CA CYS A 289 -3.49 -2.35 28.19
C CYS A 289 -3.14 -2.03 26.74
N GLU A 290 -4.12 -1.97 25.85
CA GLU A 290 -3.87 -1.72 24.43
C GLU A 290 -3.99 -0.22 24.15
N ALA A 291 -2.99 0.33 23.46
CA ALA A 291 -2.99 1.76 23.17
C ALA A 291 -4.17 2.15 22.29
N GLU A 292 -4.54 1.28 21.35
CA GLU A 292 -5.67 1.58 20.47
C GLU A 292 -6.95 1.79 21.27
N VAL A 293 -7.19 0.93 22.25
CA VAL A 293 -8.40 1.07 23.07
C VAL A 293 -8.36 2.38 23.85
N ARG A 294 -7.22 2.70 24.45
CA ARG A 294 -7.12 3.95 25.20
C ARG A 294 -7.33 5.16 24.30
N ALA A 295 -6.75 5.13 23.10
CA ALA A 295 -6.93 6.24 22.18
C ALA A 295 -8.39 6.41 21.80
N ALA A 296 -9.08 5.30 21.53
CA ALA A 296 -10.51 5.37 21.19
C ALA A 296 -11.31 5.93 22.35
N ALA A 297 -11.02 5.48 23.56
CA ALA A 297 -11.72 5.99 24.73
C ALA A 297 -11.46 7.48 24.92
N SER A 298 -10.24 7.92 24.63
CA SER A 298 -9.90 9.32 24.83
C SER A 298 -10.78 10.23 23.97
N HIS A 299 -11.06 9.82 22.73
CA HIS A 299 -11.89 10.64 21.86
C HIS A 299 -13.27 10.87 22.44
N LYS A 300 -13.76 9.94 23.27
CA LYS A 300 -15.11 9.99 23.80
C LYS A 300 -15.21 10.73 25.12
N VAL A 301 -14.11 11.27 25.64
CA VAL A 301 -14.14 11.91 26.95
C VAL A 301 -15.09 13.10 26.93
N LYS A 302 -14.98 13.95 25.90
CA LYS A 302 -15.81 15.15 25.85
C LYS A 302 -17.27 14.80 25.62
N GLU A 303 -17.55 13.95 24.62
CA GLU A 303 -18.93 13.59 24.33
C GLU A 303 -19.56 12.83 25.49
N PHE A 304 -18.82 11.89 26.09
CA PHE A 304 -19.38 11.09 27.17
C PHE A 304 -19.76 11.94 28.37
N CYS A 305 -18.88 12.88 28.74
CA CYS A 305 -19.13 13.69 29.92
C CYS A 305 -20.31 14.62 29.73
N GLU A 306 -20.49 15.16 28.53
CA GLU A 306 -21.60 16.08 28.28
C GLU A 306 -22.94 15.41 28.49
N ASN A 307 -23.08 14.16 28.02
CA ASN A 307 -24.36 13.48 28.06
C ASN A 307 -24.71 12.94 29.43
N LEU A 308 -23.80 13.00 30.40
CA LEU A 308 -24.13 12.57 31.75
C LEU A 308 -25.23 13.45 32.33
N SER A 309 -26.06 12.86 33.18
CA SER A 309 -27.15 13.59 33.80
C SER A 309 -26.61 14.75 34.64
N ALA A 310 -27.31 15.88 34.61
CA ALA A 310 -26.84 17.06 35.29
C ALA A 310 -26.76 16.86 36.80
N ASP A 311 -27.57 15.96 37.34
CA ASP A 311 -27.60 15.78 38.80
C ASP A 311 -26.26 15.34 39.35
N CYS A 312 -25.44 14.65 38.54
CA CYS A 312 -24.15 14.18 39.01
C CYS A 312 -23.05 14.37 37.96
N ARG A 313 -23.27 15.22 36.96
CA ARG A 313 -22.27 15.38 35.91
C ARG A 313 -20.95 15.88 36.47
N GLU A 314 -20.99 16.98 37.24
CA GLU A 314 -19.75 17.54 37.76
C GLU A 314 -19.08 16.62 38.76
N ASN A 315 -19.86 16.01 39.67
CA ASN A 315 -19.27 15.17 40.70
C ASN A 315 -18.61 13.94 40.09
N VAL A 316 -19.26 13.30 39.12
CA VAL A 316 -18.70 12.09 38.52
C VAL A 316 -17.42 12.43 37.77
N ILE A 317 -17.42 13.52 37.01
CA ILE A 317 -16.24 13.88 36.23
C ILE A 317 -15.06 14.16 37.15
N MET A 318 -15.30 14.95 38.20
CA MET A 318 -14.21 15.33 39.09
C MET A 318 -13.66 14.12 39.85
N SER A 319 -14.53 13.20 40.25
CA SER A 319 -14.14 12.11 41.14
C SER A 319 -13.77 10.83 40.40
N GLN A 320 -14.29 10.60 39.20
CA GLN A 320 -14.08 9.34 38.51
C GLN A 320 -13.42 9.50 37.14
N ILE A 321 -13.81 10.51 36.37
CA ILE A 321 -13.23 10.68 35.04
C ILE A 321 -11.91 11.45 35.11
N LEU A 322 -11.87 12.53 35.88
CA LEU A 322 -10.66 13.34 35.93
C LEU A 322 -9.43 12.55 36.35
N PRO A 323 -9.47 11.71 37.39
CA PRO A 323 -8.26 10.95 37.75
C PRO A 323 -7.72 10.10 36.60
N CYS A 324 -8.62 9.50 35.81
CA CYS A 324 -8.17 8.69 34.68
C CYS A 324 -7.49 9.55 33.62
N ILE A 325 -7.99 10.77 33.41
CA ILE A 325 -7.41 11.64 32.40
C ILE A 325 -5.98 12.01 32.78
N LYS A 326 -5.70 12.16 34.07
CA LYS A 326 -4.35 12.51 34.50
C LYS A 326 -3.35 11.46 34.04
N GLU A 327 -3.70 10.18 34.15
CA GLU A 327 -2.82 9.13 33.66
C GLU A 327 -2.64 9.21 32.15
N LEU A 328 -3.71 9.51 31.42
CA LEU A 328 -3.63 9.57 29.97
C LEU A 328 -2.68 10.68 29.52
N VAL A 329 -2.69 11.82 30.21
CA VAL A 329 -1.80 12.91 29.85
C VAL A 329 -0.36 12.47 29.88
N SER A 330 -0.03 11.54 30.77
CA SER A 330 1.32 10.99 30.88
C SER A 330 1.50 9.72 30.06
N ASP A 331 0.49 9.32 29.28
CA ASP A 331 0.57 8.07 28.54
C ASP A 331 1.77 8.07 27.61
N ALA A 332 2.47 6.93 27.58
CA ALA A 332 3.65 6.81 26.72
C ALA A 332 3.27 6.91 25.26
N ASN A 333 2.17 6.28 24.86
CA ASN A 333 1.78 6.27 23.46
C ASN A 333 1.48 7.68 22.97
N GLN A 334 2.05 8.04 21.83
CA GLN A 334 1.82 9.37 21.27
C GLN A 334 0.37 9.58 20.88
N HIS A 335 -0.25 8.56 20.27
CA HIS A 335 -1.58 8.72 19.72
C HIS A 335 -2.63 8.90 20.82
N VAL A 336 -2.46 8.23 21.96
CA VAL A 336 -3.39 8.41 23.05
C VAL A 336 -3.39 9.85 23.53
N LYS A 337 -2.20 10.43 23.69
CA LYS A 337 -2.11 11.83 24.12
C LYS A 337 -2.70 12.76 23.08
N SER A 338 -2.44 12.49 21.79
CA SER A 338 -2.99 13.34 20.74
C SER A 338 -4.51 13.29 20.73
N ALA A 339 -5.09 12.10 20.87
CA ALA A 339 -6.54 11.97 20.88
C ALA A 339 -7.14 12.70 22.07
N LEU A 340 -6.54 12.55 23.25
CA LEU A 340 -7.05 13.24 24.43
C LEU A 340 -6.93 14.75 24.28
N ALA A 341 -5.83 15.23 23.73
CA ALA A 341 -5.60 16.67 23.65
C ALA A 341 -6.70 17.36 22.86
N SER A 342 -7.20 16.72 21.81
CA SER A 342 -8.20 17.33 20.95
C SER A 342 -9.55 17.50 21.61
N VAL A 343 -9.79 16.86 22.76
CA VAL A 343 -11.10 16.87 23.38
C VAL A 343 -11.02 17.21 24.87
N ILE A 344 -9.80 17.21 25.42
CA ILE A 344 -9.66 17.39 26.86
C ILE A 344 -10.19 18.76 27.29
N MET A 345 -9.87 19.81 26.53
CA MET A 345 -10.32 21.14 26.89
C MET A 345 -11.81 21.34 26.75
N GLY A 346 -12.52 20.40 26.10
CA GLY A 346 -13.96 20.51 25.99
C GLY A 346 -14.70 20.31 27.30
N LEU A 347 -14.00 19.90 28.36
CA LEU A 347 -14.62 19.71 29.66
C LEU A 347 -14.68 21.00 30.47
N SER A 348 -14.06 22.08 30.00
CA SER A 348 -14.06 23.31 30.77
C SER A 348 -15.46 23.85 31.02
N PRO A 349 -16.35 23.94 30.02
CA PRO A 349 -17.70 24.44 30.31
C PRO A 349 -18.44 23.59 31.32
N ILE A 350 -18.22 22.27 31.31
CA ILE A 350 -18.95 21.39 32.21
C ILE A 350 -18.52 21.64 33.65
N LEU A 351 -17.22 21.69 33.91
CA LEU A 351 -16.72 21.81 35.27
C LEU A 351 -16.84 23.23 35.81
N GLY A 352 -16.88 24.24 34.94
CA GLY A 352 -16.97 25.61 35.37
C GLY A 352 -15.61 26.26 35.57
N LYS A 353 -15.63 27.57 35.81
CA LYS A 353 -14.40 28.33 35.92
C LYS A 353 -13.56 27.86 37.10
N ASP A 354 -14.16 27.75 38.29
CA ASP A 354 -13.38 27.42 39.48
C ASP A 354 -12.75 26.04 39.36
N ASN A 355 -13.52 25.06 38.90
CA ASN A 355 -13.00 23.71 38.77
C ASN A 355 -11.99 23.62 37.63
N THR A 356 -12.24 24.35 36.54
CA THR A 356 -11.34 24.29 35.39
C THR A 356 -9.93 24.74 35.76
N ILE A 357 -9.82 25.84 36.50
CA ILE A 357 -8.51 26.37 36.84
C ILE A 357 -7.76 25.42 37.75
N GLU A 358 -8.45 24.84 38.74
CA GLU A 358 -7.77 24.01 39.73
C GLU A 358 -7.38 22.65 39.16
N HIS A 359 -8.20 22.09 38.28
CA HIS A 359 -8.05 20.71 37.83
C HIS A 359 -7.65 20.58 36.37
N LEU A 360 -8.41 21.19 35.45
CA LEU A 360 -8.09 21.05 34.03
C LEU A 360 -6.82 21.81 33.67
N LEU A 361 -6.65 23.01 34.21
CA LEU A 361 -5.54 23.86 33.77
C LEU A 361 -4.18 23.19 33.98
N PRO A 362 -3.89 22.56 35.11
CA PRO A 362 -2.59 21.87 35.23
C PRO A 362 -2.36 20.84 34.14
N LEU A 363 -3.40 20.11 33.74
CA LEU A 363 -3.26 19.17 32.63
C LEU A 363 -3.07 19.91 31.31
N PHE A 364 -3.73 21.05 31.15
CA PHE A 364 -3.57 21.84 29.93
C PHE A 364 -2.12 22.28 29.76
N LEU A 365 -1.49 22.75 30.82
CA LEU A 365 -0.09 23.16 30.73
C LEU A 365 0.81 21.98 30.39
N ALA A 366 0.54 20.82 30.99
CA ALA A 366 1.36 19.65 30.71
C ALA A 366 1.30 19.27 29.24
N GLN A 367 0.12 19.34 28.63
CA GLN A 367 -0.02 19.00 27.23
C GLN A 367 0.80 19.94 26.36
N LEU A 368 0.78 21.24 26.65
CA LEU A 368 1.54 22.20 25.86
C LEU A 368 3.04 21.92 25.92
N LYS A 369 3.51 21.33 27.01
CA LYS A 369 4.91 21.00 27.16
C LYS A 369 5.26 19.64 26.59
N ASP A 370 4.29 18.93 26.02
CA ASP A 370 4.57 17.62 25.46
C ASP A 370 5.53 17.74 24.28
N GLU A 371 6.36 16.71 24.12
CA GLU A 371 7.35 16.74 23.06
C GLU A 371 6.71 16.58 21.69
N CYS A 372 5.63 15.84 21.59
CA CYS A 372 4.99 15.61 20.29
C CYS A 372 4.34 16.88 19.78
N PRO A 373 4.70 17.37 18.58
CA PRO A 373 4.02 18.56 18.05
C PRO A 373 2.52 18.37 17.89
N GLU A 374 2.07 17.16 17.54
CA GLU A 374 0.64 16.95 17.31
C GLU A 374 -0.16 17.21 18.58
N VAL A 375 0.34 16.77 19.73
CA VAL A 375 -0.35 17.01 20.99
C VAL A 375 -0.47 18.51 21.24
N ARG A 376 0.62 19.25 21.04
CA ARG A 376 0.58 20.69 21.22
C ARG A 376 -0.34 21.35 20.22
N LEU A 377 -0.30 20.90 18.96
CA LEU A 377 -1.17 21.49 17.94
C LEU A 377 -2.63 21.25 18.26
N ASN A 378 -2.98 20.05 18.75
CA ASN A 378 -4.36 19.76 19.08
C ASN A 378 -4.86 20.66 20.19
N ILE A 379 -4.04 20.90 21.22
CA ILE A 379 -4.45 21.78 22.31
C ILE A 379 -4.68 23.20 21.78
N ILE A 380 -3.75 23.70 20.98
CA ILE A 380 -3.85 25.07 20.50
C ILE A 380 -5.04 25.24 19.57
N SER A 381 -5.43 24.18 18.87
CA SER A 381 -6.54 24.27 17.93
C SER A 381 -7.89 24.34 18.63
N ASN A 382 -7.97 23.93 19.89
CA ASN A 382 -9.26 23.81 20.57
C ASN A 382 -9.31 24.69 21.82
N LEU A 383 -8.87 25.94 21.70
CA LEU A 383 -8.92 26.88 22.80
C LEU A 383 -10.23 27.66 22.87
N ASP A 384 -11.12 27.50 21.89
CA ASP A 384 -12.36 28.26 21.89
C ASP A 384 -13.22 27.93 23.10
N CYS A 385 -13.34 26.64 23.44
CA CYS A 385 -14.17 26.25 24.57
C CYS A 385 -13.62 26.83 25.87
N VAL A 386 -12.30 26.81 26.06
CA VAL A 386 -11.72 27.36 27.27
C VAL A 386 -11.91 28.88 27.30
N ASN A 387 -11.80 29.53 26.14
CA ASN A 387 -11.93 30.99 26.09
C ASN A 387 -13.28 31.44 26.63
N GLU A 388 -14.35 30.74 26.27
CA GLU A 388 -15.68 31.11 26.75
C GLU A 388 -15.76 31.01 28.27
N VAL A 389 -15.21 29.94 28.84
CA VAL A 389 -15.31 29.74 30.28
C VAL A 389 -14.38 30.68 31.03
N ILE A 390 -13.10 30.68 30.66
CA ILE A 390 -12.09 31.52 31.29
C ILE A 390 -11.38 32.31 30.20
N GLY A 391 -11.10 33.58 30.49
CA GLY A 391 -10.42 34.42 29.53
C GLY A 391 -9.10 33.83 29.07
N ILE A 392 -8.88 33.81 27.75
CA ILE A 392 -7.67 33.23 27.21
C ILE A 392 -6.44 33.99 27.67
N ARG A 393 -6.61 35.26 28.10
CA ARG A 393 -5.48 36.02 28.61
C ARG A 393 -4.80 35.32 29.78
N GLN A 394 -5.56 34.51 30.53
CA GLN A 394 -4.95 33.72 31.59
C GLN A 394 -4.01 32.66 31.02
N LEU A 395 -4.31 32.14 29.83
CA LEU A 395 -3.46 31.14 29.18
C LEU A 395 -2.42 31.78 28.27
N SER A 396 -2.44 33.10 28.10
CA SER A 396 -1.55 33.74 27.15
C SER A 396 -0.09 33.50 27.51
N GLN A 397 0.26 33.66 28.78
CA GLN A 397 1.65 33.48 29.19
C GLN A 397 2.13 32.05 29.01
N SER A 398 1.21 31.08 28.95
CA SER A 398 1.56 29.69 28.74
C SER A 398 1.44 29.25 27.29
N LEU A 399 0.56 29.89 26.52
CA LEU A 399 0.43 29.56 25.10
C LEU A 399 1.60 30.09 24.29
N LEU A 400 2.05 31.31 24.60
CA LEU A 400 3.07 31.94 23.77
C LEU A 400 4.34 31.10 23.67
N PRO A 401 4.90 30.55 24.76
CA PRO A 401 6.06 29.67 24.59
C PRO A 401 5.78 28.47 23.68
N ALA A 402 4.57 27.91 23.76
CA ALA A 402 4.24 26.80 22.88
C ALA A 402 4.12 27.24 21.43
N ILE A 403 3.48 28.38 21.19
CA ILE A 403 3.35 28.89 19.82
C ILE A 403 4.71 29.23 19.24
N VAL A 404 5.56 29.89 20.03
CA VAL A 404 6.87 30.28 19.54
C VAL A 404 7.69 29.05 19.18
N GLU A 405 7.66 28.03 20.03
CA GLU A 405 8.44 26.82 19.74
C GLU A 405 7.95 26.13 18.48
N LEU A 406 6.63 26.04 18.30
CA LEU A 406 6.09 25.44 17.07
C LEU A 406 6.44 26.27 15.85
N ALA A 407 6.36 27.60 15.96
CA ALA A 407 6.66 28.46 14.83
C ALA A 407 8.10 28.33 14.37
N GLU A 408 9.00 27.84 15.23
CA GLU A 408 10.42 27.71 14.92
C GLU A 408 10.86 26.25 14.84
N ASP A 409 9.92 25.32 14.67
CA ASP A 409 10.27 23.92 14.61
C ASP A 409 11.13 23.63 13.38
N ALA A 410 12.04 22.66 13.54
CA ALA A 410 12.93 22.32 12.44
C ALA A 410 12.15 21.79 11.23
N LYS A 411 11.17 20.93 11.49
CA LYS A 411 10.37 20.36 10.41
C LYS A 411 9.38 21.41 9.91
N TRP A 412 9.44 21.73 8.62
CA TRP A 412 8.60 22.79 8.09
C TRP A 412 7.13 22.42 8.13
N ARG A 413 6.79 21.13 8.00
CA ARG A 413 5.40 20.72 8.06
C ARG A 413 4.79 21.06 9.42
N VAL A 414 5.56 20.92 10.50
CA VAL A 414 5.09 21.36 11.80
C VAL A 414 4.88 22.86 11.80
N ARG A 415 5.83 23.61 11.23
CA ARG A 415 5.64 25.06 11.11
C ARG A 415 4.43 25.39 10.26
N LEU A 416 4.14 24.57 9.25
CA LEU A 416 2.96 24.81 8.43
C LEU A 416 1.69 24.68 9.24
N ALA A 417 1.62 23.68 10.13
CA ALA A 417 0.40 23.44 10.88
C ALA A 417 0.06 24.63 11.78
N ILE A 418 1.06 25.18 12.47
CA ILE A 418 0.78 26.30 13.36
C ILE A 418 0.34 27.52 12.56
N ILE A 419 0.87 27.71 11.35
CA ILE A 419 0.45 28.83 10.52
C ILE A 419 -1.03 28.73 10.21
N GLU A 420 -1.53 27.52 9.97
CA GLU A 420 -2.95 27.35 9.68
C GLU A 420 -3.81 27.81 10.84
N TYR A 421 -3.39 27.49 12.08
CA TYR A 421 -4.13 27.90 13.26
C TYR A 421 -3.84 29.33 13.69
N MET A 422 -2.85 29.98 13.09
CA MET A 422 -2.48 31.33 13.52
C MET A 422 -3.64 32.31 13.43
N PRO A 423 -4.37 32.41 12.31
CA PRO A 423 -5.50 33.37 12.28
C PRO A 423 -6.55 33.08 13.34
N LEU A 424 -6.80 31.81 13.64
CA LEU A 424 -7.75 31.47 14.69
C LEU A 424 -7.27 31.97 16.05
N LEU A 425 -5.98 31.73 16.35
CA LEU A 425 -5.43 32.19 17.63
C LEU A 425 -5.40 33.70 17.70
N ALA A 426 -5.09 34.37 16.60
CA ALA A 426 -4.98 35.83 16.63
C ALA A 426 -6.29 36.46 17.05
N GLY A 427 -7.41 35.98 16.53
CA GLY A 427 -8.70 36.51 16.94
C GLY A 427 -8.99 36.26 18.40
N GLN A 428 -8.72 35.04 18.88
CA GLN A 428 -8.97 34.72 20.28
C GLN A 428 -8.09 35.55 21.20
N LEU A 429 -6.82 35.73 20.86
CA LEU A 429 -5.90 36.49 21.68
C LEU A 429 -6.03 37.99 21.48
N GLY A 430 -6.70 38.44 20.42
CA GLY A 430 -6.95 39.85 20.20
C GLY A 430 -5.78 40.54 19.52
N VAL A 431 -6.06 41.76 19.06
CA VAL A 431 -5.04 42.53 18.36
C VAL A 431 -3.94 42.96 19.32
N GLU A 432 -4.30 43.31 20.55
CA GLU A 432 -3.32 43.81 21.51
C GLU A 432 -2.21 42.80 21.73
N PHE A 433 -2.56 41.53 21.96
CA PHE A 433 -1.56 40.51 22.21
C PHE A 433 -0.81 40.14 20.94
N PHE A 434 -1.52 40.08 19.82
CA PHE A 434 -0.88 39.68 18.57
C PHE A 434 0.23 40.64 18.17
N ASP A 435 -0.04 41.94 18.26
CA ASP A 435 0.94 42.92 17.82
C ASP A 435 2.20 42.87 18.67
N GLU A 436 2.05 42.69 19.98
CA GLU A 436 3.21 42.74 20.87
C GLU A 436 4.05 41.47 20.75
N LYS A 437 3.41 40.31 20.61
CA LYS A 437 4.10 39.03 20.70
C LYS A 437 4.11 38.27 19.37
N LEU A 438 2.95 38.03 18.79
CA LEU A 438 2.86 37.14 17.63
C LEU A 438 3.18 37.82 16.31
N ASN A 439 3.28 39.15 16.27
CA ASN A 439 3.54 39.83 15.02
C ASN A 439 4.90 39.44 14.45
N SER A 440 5.91 39.32 15.33
CA SER A 440 7.24 38.96 14.86
C SER A 440 7.25 37.59 14.20
N LEU A 441 6.51 36.64 14.77
CA LEU A 441 6.48 35.28 14.20
C LEU A 441 5.95 35.30 12.78
N CYS A 442 4.87 36.06 12.54
CA CYS A 442 4.27 36.09 11.21
C CYS A 442 5.24 36.66 10.18
N MET A 443 5.94 37.74 10.53
CA MET A 443 6.92 38.31 9.62
C MET A 443 8.07 37.34 9.37
N ALA A 444 8.51 36.63 10.41
CA ALA A 444 9.63 35.70 10.26
C ALA A 444 9.28 34.58 9.28
N TRP A 445 8.00 34.22 9.16
CA TRP A 445 7.61 33.16 8.24
C TRP A 445 7.73 33.61 6.79
N LEU A 446 7.48 34.90 6.51
CA LEU A 446 7.54 35.38 5.14
C LEU A 446 8.93 35.24 4.54
N VAL A 447 9.97 35.17 5.37
CA VAL A 447 11.33 35.05 4.87
C VAL A 447 11.87 33.67 5.20
N ASP A 448 10.97 32.70 5.33
CA ASP A 448 11.39 31.33 5.60
C ASP A 448 12.02 30.71 4.36
N HIS A 449 12.97 29.81 4.59
CA HIS A 449 13.64 29.15 3.47
C HIS A 449 12.66 28.32 2.65
N VAL A 450 11.78 27.58 3.31
CA VAL A 450 10.83 26.73 2.62
C VAL A 450 9.77 27.59 1.95
N TYR A 451 9.55 27.36 0.65
CA TYR A 451 8.55 28.15 -0.07
C TYR A 451 7.16 27.92 0.48
N ALA A 452 6.82 26.66 0.82
CA ALA A 452 5.50 26.36 1.34
C ALA A 452 5.19 27.20 2.56
N ILE A 453 6.19 27.42 3.43
CA ILE A 453 5.99 28.26 4.60
C ILE A 453 5.71 29.71 4.17
N ARG A 454 6.49 30.22 3.23
CA ARG A 454 6.25 31.57 2.74
C ARG A 454 4.89 31.69 2.09
N GLU A 455 4.49 30.67 1.32
CA GLU A 455 3.17 30.68 0.70
C GLU A 455 2.08 30.67 1.76
N ALA A 456 2.23 29.81 2.78
CA ALA A 456 1.24 29.76 3.85
C ALA A 456 1.18 31.07 4.62
N ALA A 457 2.34 31.66 4.89
CA ALA A 457 2.37 32.94 5.60
C ALA A 457 1.68 34.03 4.78
N THR A 458 1.88 34.02 3.47
CA THR A 458 1.22 35.01 2.62
C THR A 458 -0.29 34.91 2.72
N SER A 459 -0.81 33.68 2.68
CA SER A 459 -2.25 33.49 2.86
C SER A 459 -2.68 33.90 4.26
N ASN A 460 -1.85 33.60 5.26
CA ASN A 460 -2.18 33.94 6.64
C ASN A 460 -2.39 35.44 6.80
N LEU A 461 -1.61 36.25 6.08
CA LEU A 461 -1.78 37.71 6.17
C LEU A 461 -3.18 38.12 5.73
N LYS A 462 -3.68 37.53 4.65
CA LYS A 462 -5.01 37.88 4.17
C LYS A 462 -6.06 37.61 5.24
N LYS A 463 -5.99 36.45 5.89
CA LYS A 463 -6.97 36.11 6.91
C LYS A 463 -6.87 37.05 8.10
N LEU A 464 -5.65 37.41 8.51
CA LEU A 464 -5.49 38.32 9.64
C LEU A 464 -6.10 39.69 9.35
N VAL A 465 -5.91 40.19 8.12
CA VAL A 465 -6.48 41.49 7.77
C VAL A 465 -8.00 41.42 7.77
N GLU A 466 -8.56 40.28 7.37
CA GLU A 466 -10.02 40.16 7.28
C GLU A 466 -10.68 40.44 8.63
N LYS A 467 -10.02 40.12 9.73
CA LYS A 467 -10.60 40.28 11.05
C LYS A 467 -10.04 41.46 11.83
N PHE A 468 -8.77 41.81 11.63
CA PHE A 468 -8.19 42.97 12.30
C PHE A 468 -8.41 44.26 11.53
N GLY A 469 -8.96 44.19 10.32
CA GLY A 469 -9.34 45.38 9.59
C GLY A 469 -8.21 45.94 8.73
N LYS A 470 -8.61 46.75 7.75
CA LYS A 470 -7.65 47.36 6.84
C LYS A 470 -6.70 48.29 7.59
N GLU A 471 -7.23 49.07 8.54
CA GLU A 471 -6.41 50.06 9.23
C GLU A 471 -5.25 49.40 9.97
N TRP A 472 -5.51 48.27 10.62
CA TRP A 472 -4.45 47.58 11.33
C TRP A 472 -3.35 47.12 10.37
N ALA A 473 -3.75 46.58 9.22
CA ALA A 473 -2.76 46.10 8.25
C ALA A 473 -1.89 47.24 7.75
N HIS A 474 -2.48 48.40 7.48
CA HIS A 474 -1.71 49.53 6.98
C HIS A 474 -0.68 49.98 8.00
N ALA A 475 -1.04 49.97 9.28
CA ALA A 475 -0.13 50.44 10.32
C ALA A 475 0.95 49.42 10.65
N THR A 476 0.64 48.12 10.57
CA THR A 476 1.52 47.07 11.05
C THR A 476 2.08 46.19 9.95
N ILE A 477 1.22 45.63 9.11
CA ILE A 477 1.65 44.59 8.17
C ILE A 477 2.29 45.20 6.94
N ILE A 478 1.61 46.14 6.28
CA ILE A 478 2.08 46.64 5.00
C ILE A 478 3.48 47.22 5.08
N PRO A 479 3.81 48.09 6.03
CA PRO A 479 5.17 48.67 6.03
C PRO A 479 6.27 47.63 6.12
N LYS A 480 6.05 46.55 6.88
CA LYS A 480 7.06 45.50 6.97
C LYS A 480 7.11 44.64 5.72
N VAL A 481 5.96 44.40 5.08
CA VAL A 481 5.94 43.58 3.88
C VAL A 481 6.73 44.26 2.77
N LEU A 482 6.52 45.56 2.58
CA LEU A 482 7.22 46.28 1.52
C LEU A 482 8.72 46.36 1.77
N ALA A 483 9.16 46.18 3.03
CA ALA A 483 10.59 46.23 3.31
C ALA A 483 11.35 45.09 2.65
N MET A 484 10.68 43.95 2.42
CA MET A 484 11.33 42.82 1.78
C MET A 484 11.66 43.06 0.32
N SER A 485 11.10 44.11 -0.30
CA SER A 485 11.37 44.38 -1.71
C SER A 485 12.86 44.65 -1.93
N GLY A 486 13.56 45.11 -0.92
CA GLY A 486 14.99 45.36 -0.99
C GLY A 486 15.85 44.19 -0.60
N ASP A 487 15.27 43.03 -0.35
CA ASP A 487 16.06 41.88 0.07
C ASP A 487 16.98 41.45 -1.07
N PRO A 488 18.25 41.13 -0.78
CA PRO A 488 19.14 40.69 -1.86
C PRO A 488 18.68 39.43 -2.57
N ASN A 489 18.03 38.51 -1.86
CA ASN A 489 17.55 37.28 -2.46
C ASN A 489 16.29 37.56 -3.28
N TYR A 490 16.25 37.03 -4.51
CA TYR A 490 15.10 37.28 -5.36
C TYR A 490 13.89 36.49 -4.90
N LEU A 491 14.09 35.35 -4.24
CA LEU A 491 12.96 34.60 -3.70
C LEU A 491 12.21 35.44 -2.68
N HIS A 492 12.94 36.14 -1.80
CA HIS A 492 12.29 36.97 -0.80
C HIS A 492 11.65 38.19 -1.43
N ARG A 493 12.28 38.77 -2.46
CA ARG A 493 11.67 39.90 -3.15
C ARG A 493 10.36 39.50 -3.82
N MET A 494 10.32 38.33 -4.43
CA MET A 494 9.08 37.86 -5.04
C MET A 494 7.98 37.70 -3.99
N THR A 495 8.35 37.37 -2.75
CA THR A 495 7.34 37.26 -1.70
C THR A 495 6.60 38.56 -1.48
N THR A 496 7.27 39.70 -1.70
CA THR A 496 6.59 40.98 -1.60
C THR A 496 5.47 41.08 -2.61
N LEU A 497 5.72 40.66 -3.86
CA LEU A 497 4.67 40.67 -4.87
C LEU A 497 3.56 39.71 -4.51
N PHE A 498 3.90 38.52 -4.01
CA PHE A 498 2.89 37.57 -3.62
C PHE A 498 2.03 38.10 -2.47
N CYS A 499 2.66 38.74 -1.49
CA CYS A 499 1.90 39.34 -0.40
C CYS A 499 0.97 40.43 -0.91
N ILE A 500 1.46 41.28 -1.81
CA ILE A 500 0.62 42.34 -2.37
C ILE A 500 -0.55 41.75 -3.14
N ASN A 501 -0.34 40.61 -3.80
CA ASN A 501 -1.42 39.98 -4.55
C ASN A 501 -2.60 39.65 -3.67
N VAL A 502 -2.34 39.14 -2.46
CA VAL A 502 -3.42 38.74 -1.56
C VAL A 502 -3.90 39.92 -0.72
N LEU A 503 -3.00 40.80 -0.29
CA LEU A 503 -3.41 41.93 0.55
C LEU A 503 -4.29 42.91 -0.23
N SER A 504 -3.98 43.12 -1.52
CA SER A 504 -4.78 44.04 -2.31
C SER A 504 -6.23 43.58 -2.41
N GLU A 505 -6.47 42.27 -2.30
CA GLU A 505 -7.83 41.76 -2.37
C GLU A 505 -8.70 42.29 -1.25
N VAL A 506 -8.11 42.68 -0.12
CA VAL A 506 -8.89 43.11 1.04
C VAL A 506 -8.57 44.54 1.46
N CYS A 507 -7.43 45.11 1.05
CA CYS A 507 -7.08 46.46 1.47
C CYS A 507 -7.75 47.54 0.64
N GLY A 508 -8.32 47.19 -0.51
CA GLY A 508 -9.07 48.15 -1.30
C GLY A 508 -8.18 49.17 -2.00
N GLN A 509 -8.83 50.08 -2.72
CA GLN A 509 -8.11 51.12 -3.45
C GLN A 509 -7.49 52.14 -2.51
N ASP A 510 -8.12 52.39 -1.35
CA ASP A 510 -7.64 53.42 -0.46
C ASP A 510 -6.21 53.17 -0.01
N ILE A 511 -5.77 51.91 -0.04
CA ILE A 511 -4.44 51.53 0.42
C ILE A 511 -3.59 50.99 -0.71
N THR A 512 -4.18 50.19 -1.61
CA THR A 512 -3.41 49.54 -2.66
C THR A 512 -2.71 50.58 -3.53
N THR A 513 -3.46 51.59 -3.99
CA THR A 513 -2.88 52.59 -4.89
C THR A 513 -1.82 53.43 -4.17
N LYS A 514 -2.08 53.80 -2.92
CA LYS A 514 -1.20 54.75 -2.24
C LYS A 514 0.12 54.11 -1.84
N HIS A 515 0.08 52.87 -1.34
CA HIS A 515 1.25 52.23 -0.75
C HIS A 515 1.73 51.02 -1.53
N MET A 516 0.83 50.09 -1.85
CA MET A 516 1.25 48.86 -2.51
C MET A 516 1.74 49.12 -3.93
N LEU A 517 0.97 49.88 -4.71
CA LEU A 517 1.27 50.03 -6.13
C LEU A 517 2.65 50.63 -6.37
N PRO A 518 3.06 51.71 -5.69
CA PRO A 518 4.40 52.26 -5.97
C PRO A 518 5.51 51.22 -5.82
N THR A 519 5.42 50.35 -4.82
CA THR A 519 6.43 49.31 -4.66
C THR A 519 6.44 48.36 -5.84
N VAL A 520 5.27 47.95 -6.32
CA VAL A 520 5.19 47.02 -7.43
C VAL A 520 5.82 47.62 -8.67
N LEU A 521 5.50 48.89 -8.97
CA LEU A 521 6.06 49.53 -10.14
C LEU A 521 7.56 49.68 -10.02
N ARG A 522 8.05 50.02 -8.83
CA ARG A 522 9.49 50.18 -8.63
C ARG A 522 10.23 48.88 -8.89
N MET A 523 9.63 47.75 -8.48
CA MET A 523 10.27 46.46 -8.67
C MET A 523 10.31 46.03 -10.14
N ALA A 524 9.62 46.75 -11.03
CA ALA A 524 9.66 46.40 -12.45
C ALA A 524 11.07 46.49 -13.01
N GLY A 525 11.95 47.24 -12.37
CA GLY A 525 13.33 47.36 -12.79
C GLY A 525 14.30 46.41 -12.11
N ASP A 526 13.79 45.38 -11.44
CA ASP A 526 14.67 44.45 -10.76
C ASP A 526 15.56 43.73 -11.77
N PRO A 527 16.86 43.58 -11.48
CA PRO A 527 17.74 42.91 -12.45
C PRO A 527 17.33 41.47 -12.76
N VAL A 528 16.75 40.77 -11.80
CA VAL A 528 16.39 39.37 -12.00
C VAL A 528 15.10 39.30 -12.81
N ALA A 529 15.14 38.53 -13.90
CA ALA A 529 13.96 38.42 -14.76
C ALA A 529 12.80 37.76 -14.04
N ASN A 530 13.08 36.89 -13.07
CA ASN A 530 12.00 36.22 -12.34
C ASN A 530 11.12 37.24 -11.62
N VAL A 531 11.73 38.24 -10.99
CA VAL A 531 10.96 39.27 -10.31
C VAL A 531 10.19 40.10 -11.32
N ARG A 532 10.80 40.40 -12.46
CA ARG A 532 10.20 41.34 -13.40
C ARG A 532 8.86 40.84 -13.92
N PHE A 533 8.78 39.57 -14.30
CA PHE A 533 7.52 39.07 -14.86
C PHE A 533 6.50 38.75 -13.77
N ASN A 534 6.91 38.67 -12.50
CA ASN A 534 5.93 38.59 -11.43
C ASN A 534 5.24 39.93 -11.22
N VAL A 535 5.93 41.04 -11.54
CA VAL A 535 5.27 42.34 -11.55
C VAL A 535 4.15 42.34 -12.58
N ALA A 536 4.42 41.80 -13.77
CA ALA A 536 3.39 41.71 -14.79
C ALA A 536 2.22 40.87 -14.32
N LYS A 537 2.49 39.73 -13.68
CA LYS A 537 1.42 38.92 -13.13
C LYS A 537 0.78 39.61 -11.92
N SER A 538 1.60 40.30 -11.11
CA SER A 538 1.07 41.03 -9.97
C SER A 538 0.12 42.14 -10.43
N LEU A 539 0.55 42.93 -11.42
CA LEU A 539 -0.29 44.00 -11.91
C LEU A 539 -1.57 43.48 -12.52
N GLN A 540 -1.49 42.35 -13.23
CA GLN A 540 -2.69 41.75 -13.82
C GLN A 540 -3.72 41.43 -12.75
N LYS A 541 -3.26 41.01 -11.57
CA LYS A 541 -4.20 40.58 -10.53
C LYS A 541 -4.74 41.77 -9.74
N ILE A 542 -3.91 42.78 -9.48
CA ILE A 542 -4.37 43.94 -8.73
C ILE A 542 -4.92 45.04 -9.63
N GLY A 543 -4.85 44.87 -10.96
CA GLY A 543 -5.38 45.85 -11.88
C GLY A 543 -6.85 46.12 -11.74
N PRO A 544 -7.70 45.10 -11.59
CA PRO A 544 -9.14 45.38 -11.40
C PRO A 544 -9.42 46.27 -10.21
N ILE A 545 -8.68 46.09 -9.11
CA ILE A 545 -8.88 46.93 -7.95
C ILE A 545 -8.55 48.38 -8.26
N LEU A 546 -7.43 48.61 -8.94
CA LEU A 546 -6.97 49.96 -9.21
C LEU A 546 -7.98 50.71 -10.08
N ASP A 547 -8.09 52.01 -9.84
CA ASP A 547 -8.99 52.84 -10.61
C ASP A 547 -8.53 52.93 -12.07
N ASN A 548 -9.48 53.19 -12.96
CA ASN A 548 -9.16 53.23 -14.39
C ASN A 548 -8.13 54.31 -14.69
N SER A 549 -8.25 55.48 -14.05
CA SER A 549 -7.29 56.54 -14.29
C SER A 549 -5.88 56.11 -13.89
N THR A 550 -5.76 55.43 -12.75
CA THR A 550 -4.44 54.98 -12.30
C THR A 550 -3.83 53.98 -13.29
N LEU A 551 -4.66 53.06 -13.81
CA LEU A 551 -4.14 52.06 -14.74
C LEU A 551 -3.51 52.72 -15.97
N GLN A 552 -4.22 53.66 -16.57
CA GLN A 552 -3.70 54.31 -17.78
C GLN A 552 -2.47 55.14 -17.47
N SER A 553 -2.45 55.82 -16.32
CA SER A 553 -1.37 56.75 -16.03
C SER A 553 -0.07 56.02 -15.70
N GLU A 554 -0.15 54.97 -14.87
CA GLU A 554 1.05 54.33 -14.33
C GLU A 554 1.20 52.88 -14.76
N VAL A 555 0.15 52.07 -14.62
CA VAL A 555 0.28 50.65 -14.90
C VAL A 555 0.60 50.42 -16.37
N LYS A 556 -0.13 51.09 -17.26
CA LYS A 556 0.06 50.86 -18.69
C LYS A 556 1.47 51.17 -19.16
N PRO A 557 2.04 52.35 -18.89
CA PRO A 557 3.41 52.60 -19.36
C PRO A 557 4.42 51.60 -18.82
N ILE A 558 4.26 51.15 -17.58
CA ILE A 558 5.19 50.17 -17.03
C ILE A 558 5.01 48.81 -17.70
N LEU A 559 3.77 48.40 -17.91
CA LEU A 559 3.52 47.13 -18.61
C LEU A 559 4.05 47.18 -20.03
N GLU A 560 3.85 48.31 -20.72
CA GLU A 560 4.38 48.44 -22.07
C GLU A 560 5.90 48.35 -22.08
N LYS A 561 6.56 48.98 -21.10
CA LYS A 561 8.01 48.90 -21.02
C LYS A 561 8.47 47.46 -20.82
N LEU A 562 7.75 46.71 -19.98
CA LEU A 562 8.08 45.30 -19.79
C LEU A 562 7.89 44.51 -21.09
N THR A 563 6.97 44.94 -21.94
CA THR A 563 6.75 44.24 -23.20
C THR A 563 7.98 44.30 -24.10
N GLN A 564 8.89 45.22 -23.86
CA GLN A 564 10.12 45.34 -24.61
C GLN A 564 11.31 44.71 -23.90
N ASP A 565 11.07 43.99 -22.80
CA ASP A 565 12.15 43.37 -22.06
C ASP A 565 12.83 42.29 -22.89
N GLN A 566 14.13 42.11 -22.66
CA GLN A 566 14.90 41.13 -23.42
C GLN A 566 14.50 39.70 -23.12
N ASP A 567 13.80 39.46 -22.01
CA ASP A 567 13.42 38.11 -21.61
C ASP A 567 12.06 37.74 -22.19
N VAL A 568 11.96 36.50 -22.66
CA VAL A 568 10.72 36.04 -23.28
C VAL A 568 9.59 36.03 -22.25
N ASP A 569 9.86 35.50 -21.05
CA ASP A 569 8.81 35.39 -20.05
C ASP A 569 8.26 36.76 -19.65
N VAL A 570 9.14 37.74 -19.47
CA VAL A 570 8.67 39.08 -19.12
C VAL A 570 7.78 39.63 -20.22
N LYS A 571 8.18 39.44 -21.48
CA LYS A 571 7.37 39.92 -22.59
C LYS A 571 6.01 39.23 -22.62
N TYR A 572 5.99 37.90 -22.43
CA TYR A 572 4.73 37.17 -22.51
C TYR A 572 3.75 37.61 -21.44
N PHE A 573 4.19 37.62 -20.19
CA PHE A 573 3.28 38.00 -19.11
C PHE A 573 2.92 39.48 -19.16
N ALA A 574 3.84 40.33 -19.62
CA ALA A 574 3.51 41.73 -19.83
C ALA A 574 2.41 41.87 -20.89
N GLN A 575 2.52 41.11 -21.98
CA GLN A 575 1.47 41.12 -22.99
C GLN A 575 0.15 40.62 -22.42
N GLU A 576 0.20 39.55 -21.63
CA GLU A 576 -1.03 39.00 -21.07
C GLU A 576 -1.71 40.00 -20.14
N ALA A 577 -0.92 40.72 -19.34
CA ALA A 577 -1.51 41.69 -18.42
C ALA A 577 -2.26 42.77 -19.18
N LEU A 578 -1.68 43.29 -20.26
CA LEU A 578 -2.37 44.32 -21.04
C LEU A 578 -3.66 43.79 -21.62
N THR A 579 -3.65 42.57 -22.16
CA THR A 579 -4.87 42.00 -22.73
C THR A 579 -5.93 41.81 -21.66
N VAL A 580 -5.55 41.28 -20.49
CA VAL A 580 -6.52 41.04 -19.43
C VAL A 580 -7.04 42.36 -18.88
N LEU A 581 -6.16 43.35 -18.72
CA LEU A 581 -6.56 44.64 -18.20
C LEU A 581 -7.16 45.55 -19.27
N SER A 582 -7.25 45.08 -20.51
CA SER A 582 -7.84 45.86 -21.60
C SER A 582 -7.08 47.16 -21.84
N LEU A 583 -5.77 47.16 -21.56
CA LEU A 583 -4.92 48.30 -21.81
C LEU A 583 -4.31 48.30 -23.21
N ALA A 584 -4.57 47.26 -24.00
CA ALA A 584 -4.06 47.17 -25.35
C ALA A 584 -4.87 46.18 -26.18
N ASN B 11 -1.21 -53.40 12.69
CA ASN B 11 -2.12 -52.38 12.19
C ASN B 11 -1.39 -51.38 11.29
N ASP B 12 -0.17 -51.73 10.87
CA ASP B 12 0.59 -50.85 10.00
C ASP B 12 -0.13 -50.68 8.66
N ILE B 13 -0.07 -49.46 8.13
CA ILE B 13 -0.71 -49.17 6.85
C ILE B 13 0.18 -49.71 5.74
N GLN B 14 -0.38 -50.58 4.89
CA GLN B 14 0.35 -51.15 3.76
C GLN B 14 0.21 -50.20 2.57
N TRP B 15 1.07 -49.20 2.56
CA TRP B 15 1.05 -48.20 1.49
C TRP B 15 1.36 -48.87 0.15
N CYS B 16 0.56 -48.54 -0.86
CA CYS B 16 0.68 -49.12 -2.19
C CYS B 16 0.89 -48.02 -3.21
N PHE B 17 1.79 -48.27 -4.16
CA PHE B 17 1.99 -47.32 -5.26
C PHE B 17 0.71 -47.14 -6.03
N SER B 18 0.33 -45.89 -6.27
CA SER B 18 -0.88 -45.56 -7.02
C SER B 18 -0.57 -44.83 -8.31
N GLN B 19 0.20 -43.74 -8.25
CA GLN B 19 0.52 -42.97 -9.45
C GLN B 19 1.90 -42.36 -9.30
N VAL B 20 2.50 -42.03 -10.44
CA VAL B 20 3.72 -41.24 -10.50
C VAL B 20 3.57 -40.28 -11.67
N LYS B 21 3.96 -39.03 -11.46
CA LYS B 21 3.80 -37.99 -12.47
C LYS B 21 5.12 -37.27 -12.67
N GLY B 22 5.33 -36.81 -13.90
CA GLY B 22 6.57 -36.19 -14.31
C GLY B 22 7.37 -37.10 -15.23
N ALA B 23 8.37 -36.49 -15.86
CA ALA B 23 9.19 -37.22 -16.81
C ALA B 23 10.02 -38.28 -16.11
N VAL B 24 10.31 -39.35 -16.84
CA VAL B 24 11.04 -40.50 -16.30
C VAL B 24 12.52 -40.28 -16.51
N ASP B 25 13.24 -39.96 -15.43
CA ASP B 25 14.69 -39.76 -15.47
C ASP B 25 15.09 -38.87 -16.64
N ASP B 26 14.58 -37.64 -16.60
CA ASP B 26 14.82 -36.67 -17.66
C ASP B 26 16.03 -35.81 -17.30
N ASP B 27 16.22 -34.71 -18.04
CA ASP B 27 17.34 -33.80 -17.79
C ASP B 27 17.25 -33.07 -16.47
N VAL B 28 16.13 -33.22 -15.73
CA VAL B 28 15.93 -32.60 -14.42
C VAL B 28 16.37 -31.15 -14.44
N ALA B 29 15.79 -30.36 -15.34
CA ALA B 29 16.06 -28.93 -15.37
C ALA B 29 15.61 -28.30 -14.06
N GLU B 30 16.31 -27.23 -13.67
CA GLU B 30 16.01 -26.58 -12.39
C GLU B 30 14.58 -26.09 -12.33
N ALA B 31 14.02 -25.64 -13.46
CA ALA B 31 12.65 -25.17 -13.47
C ALA B 31 11.65 -26.29 -13.23
N ASP B 32 12.06 -27.54 -13.38
CA ASP B 32 11.16 -28.69 -13.23
C ASP B 32 11.17 -29.26 -11.82
N ILE B 33 11.88 -28.64 -10.89
CA ILE B 33 11.98 -29.18 -9.54
C ILE B 33 10.74 -28.75 -8.75
N ILE B 34 10.04 -29.72 -8.17
CA ILE B 34 8.86 -29.44 -7.38
C ILE B 34 9.26 -28.72 -6.11
N SER B 35 8.53 -27.65 -5.76
CA SER B 35 8.85 -26.84 -4.60
C SER B 35 7.75 -26.80 -3.55
N THR B 36 6.59 -27.40 -3.81
CA THR B 36 5.53 -27.41 -2.81
C THR B 36 4.41 -28.33 -3.27
N VAL B 37 3.82 -29.05 -2.32
CA VAL B 37 2.66 -29.90 -2.55
C VAL B 37 1.63 -29.59 -1.48
N GLU B 38 0.39 -29.32 -1.90
CA GLU B 38 -0.66 -28.89 -1.00
C GLU B 38 -1.98 -29.51 -1.43
N PHE B 39 -2.60 -30.28 -0.54
CA PHE B 39 -3.92 -30.81 -0.80
C PHE B 39 -4.99 -29.76 -0.55
N ASN B 40 -6.15 -29.96 -1.17
CA ASN B 40 -7.29 -29.09 -0.95
C ASN B 40 -7.92 -29.39 0.41
N HIS B 41 -8.77 -28.47 0.88
CA HIS B 41 -9.45 -28.68 2.15
C HIS B 41 -10.26 -29.97 2.13
N SER B 42 -11.02 -30.18 1.06
CA SER B 42 -11.79 -31.41 0.91
C SER B 42 -10.96 -32.55 0.35
N GLY B 43 -9.78 -32.28 -0.21
CA GLY B 43 -8.91 -33.31 -0.74
C GLY B 43 -9.14 -33.66 -2.19
N GLU B 44 -10.15 -33.09 -2.84
CA GLU B 44 -10.39 -33.40 -4.25
C GLU B 44 -9.24 -32.90 -5.12
N LEU B 45 -8.72 -31.70 -4.84
CA LEU B 45 -7.69 -31.08 -5.64
C LEU B 45 -6.35 -31.15 -4.93
N LEU B 46 -5.29 -31.26 -5.74
CA LEU B 46 -3.91 -31.37 -5.24
C LEU B 46 -3.03 -30.41 -6.02
N ALA B 47 -2.66 -29.29 -5.40
CA ALA B 47 -1.82 -28.31 -6.05
C ALA B 47 -0.35 -28.69 -5.91
N THR B 48 0.43 -28.42 -6.96
CA THR B 48 1.85 -28.67 -6.96
C THR B 48 2.57 -27.47 -7.55
N GLY B 49 3.61 -27.00 -6.87
CA GLY B 49 4.40 -25.89 -7.36
C GLY B 49 5.84 -26.30 -7.62
N ASP B 50 6.52 -25.59 -8.51
CA ASP B 50 7.90 -25.92 -8.88
C ASP B 50 8.73 -24.64 -8.89
N LYS B 51 10.05 -24.82 -9.02
CA LYS B 51 10.95 -23.68 -9.03
C LYS B 51 10.77 -22.81 -10.26
N GLY B 52 10.10 -23.31 -11.30
CA GLY B 52 9.86 -22.53 -12.50
C GLY B 52 8.68 -21.60 -12.42
N GLY B 53 7.99 -21.54 -11.29
CA GLY B 53 6.81 -20.71 -11.16
C GLY B 53 5.54 -21.31 -11.70
N ARG B 54 5.56 -22.57 -12.12
CA ARG B 54 4.39 -23.22 -12.67
C ARG B 54 3.63 -23.96 -11.58
N VAL B 55 2.30 -23.87 -11.63
CA VAL B 55 1.42 -24.55 -10.69
C VAL B 55 0.56 -25.53 -11.48
N VAL B 56 0.57 -26.79 -11.04
CA VAL B 56 -0.23 -27.84 -11.66
C VAL B 56 -1.20 -28.37 -10.61
N ILE B 57 -2.48 -28.38 -10.95
CA ILE B 57 -3.53 -28.82 -10.03
C ILE B 57 -4.11 -30.12 -10.55
N PHE B 58 -4.14 -31.13 -9.70
CA PHE B 58 -4.69 -32.43 -10.03
C PHE B 58 -6.00 -32.64 -9.29
N GLN B 59 -6.98 -33.21 -9.98
CA GLN B 59 -8.30 -33.47 -9.41
C GLN B 59 -8.53 -34.97 -9.34
N GLN B 60 -9.01 -35.44 -8.20
CA GLN B 60 -9.32 -36.85 -8.03
C GLN B 60 -10.57 -37.23 -8.81
N GLU B 61 -10.55 -38.42 -9.40
CA GLU B 61 -11.72 -38.90 -10.13
C GLU B 61 -12.92 -38.99 -9.20
N GLN B 62 -14.07 -38.47 -9.65
CA GLN B 62 -15.24 -38.38 -8.80
C GLN B 62 -15.97 -39.72 -8.66
N GLU B 63 -15.74 -40.66 -9.56
CA GLU B 63 -16.40 -41.96 -9.48
C GLU B 63 -15.86 -42.76 -8.30
N HIS B 69 -15.45 -43.04 1.40
CA HIS B 69 -14.03 -43.16 1.05
C HIS B 69 -13.86 -43.34 -0.46
N SER B 70 -12.90 -42.63 -1.03
CA SER B 70 -12.62 -42.69 -2.45
C SER B 70 -11.13 -42.90 -2.65
N ARG B 71 -10.79 -43.67 -3.70
CA ARG B 71 -9.40 -43.96 -4.05
C ARG B 71 -9.16 -43.75 -5.53
N GLY B 72 -9.94 -42.87 -6.16
CA GLY B 72 -9.74 -42.60 -7.56
C GLY B 72 -8.40 -41.93 -7.82
N GLU B 73 -7.93 -42.12 -9.05
CA GLU B 73 -6.66 -41.52 -9.44
C GLU B 73 -6.80 -40.02 -9.62
N TYR B 74 -5.66 -39.32 -9.49
CA TYR B 74 -5.60 -37.88 -9.67
C TYR B 74 -5.19 -37.56 -11.10
N ASN B 75 -5.96 -36.72 -11.76
CA ASN B 75 -5.73 -36.34 -13.14
C ASN B 75 -5.53 -34.83 -13.24
N VAL B 76 -4.79 -34.41 -14.26
CA VAL B 76 -4.51 -33.00 -14.44
C VAL B 76 -5.81 -32.22 -14.53
N TYR B 77 -5.90 -31.14 -13.75
CA TYR B 77 -7.10 -30.31 -13.69
C TYR B 77 -6.85 -28.90 -14.22
N SER B 78 -5.80 -28.23 -13.73
CA SER B 78 -5.47 -26.90 -14.19
C SER B 78 -3.96 -26.74 -14.19
N THR B 79 -3.49 -25.80 -15.00
CA THR B 79 -2.07 -25.50 -15.10
C THR B 79 -1.92 -24.04 -15.48
N PHE B 80 -1.05 -23.32 -14.77
CA PHE B 80 -0.85 -21.90 -15.04
C PHE B 80 0.51 -21.48 -14.52
N GLN B 81 0.98 -20.34 -15.03
CA GLN B 81 2.25 -19.76 -14.61
C GLN B 81 1.95 -18.83 -13.43
N SER B 82 2.12 -19.35 -12.21
CA SER B 82 1.82 -18.55 -11.03
C SER B 82 2.70 -17.32 -10.95
N HIS B 83 4.01 -17.51 -11.06
CA HIS B 83 4.97 -16.41 -10.98
C HIS B 83 5.95 -16.50 -12.13
N GLU B 84 6.49 -15.36 -12.51
CA GLU B 84 7.47 -15.24 -13.58
C GLU B 84 8.70 -14.54 -13.06
N PRO B 85 9.86 -14.79 -13.67
CA PRO B 85 11.08 -14.11 -13.22
C PRO B 85 10.92 -12.60 -13.32
N GLU B 86 11.46 -11.89 -12.33
CA GLU B 86 11.37 -10.44 -12.28
C GLU B 86 12.68 -9.87 -11.79
N PHE B 87 12.91 -8.60 -12.13
CA PHE B 87 14.09 -7.86 -11.70
C PHE B 87 13.61 -6.69 -10.85
N ASP B 88 14.02 -6.67 -9.59
CA ASP B 88 13.66 -5.60 -8.66
C ASP B 88 14.63 -4.45 -8.87
N TYR B 89 14.30 -3.56 -9.80
CA TYR B 89 15.20 -2.45 -10.13
C TYR B 89 15.36 -1.50 -8.96
N LEU B 90 14.51 -1.56 -7.94
CA LEU B 90 14.71 -0.77 -6.74
C LEU B 90 15.78 -1.36 -5.82
N LYS B 91 16.20 -2.61 -6.05
CA LYS B 91 17.25 -3.23 -5.27
C LYS B 91 18.29 -3.94 -6.11
N SER B 92 18.18 -3.93 -7.45
CA SER B 92 19.10 -4.63 -8.32
C SER B 92 19.16 -6.11 -7.97
N LEU B 93 17.99 -6.71 -7.72
CA LEU B 93 17.88 -8.12 -7.37
C LEU B 93 16.96 -8.81 -8.36
N GLU B 94 17.32 -10.05 -8.71
CA GLU B 94 16.47 -10.90 -9.54
C GLU B 94 15.55 -11.70 -8.63
N ILE B 95 14.26 -11.45 -8.73
CA ILE B 95 13.27 -12.15 -7.91
C ILE B 95 13.01 -13.51 -8.55
N GLU B 96 13.44 -14.58 -7.87
CA GLU B 96 13.18 -15.93 -8.38
C GLU B 96 11.68 -16.19 -8.40
N GLU B 97 11.25 -16.95 -9.42
CA GLU B 97 9.85 -17.29 -9.59
C GLU B 97 9.47 -18.57 -8.86
N LYS B 98 10.38 -19.15 -8.10
CA LYS B 98 10.09 -20.38 -7.38
C LYS B 98 8.86 -20.22 -6.49
N ILE B 99 8.00 -21.22 -6.50
CA ILE B 99 6.81 -21.24 -5.66
C ILE B 99 7.19 -21.83 -4.32
N ASN B 100 7.14 -21.01 -3.27
CA ASN B 100 7.52 -21.47 -1.93
C ASN B 100 6.39 -22.26 -1.28
N LYS B 101 5.22 -21.63 -1.14
CA LYS B 101 4.09 -22.23 -0.45
C LYS B 101 2.82 -22.04 -1.27
N ILE B 102 1.96 -23.05 -1.24
CA ILE B 102 0.63 -22.98 -1.82
C ILE B 102 -0.37 -23.29 -0.71
N ARG B 103 -1.38 -22.44 -0.56
CA ARG B 103 -2.40 -22.59 0.47
C ARG B 103 -3.77 -22.41 -0.14
N TRP B 104 -4.61 -23.43 -0.03
CA TRP B 104 -5.97 -23.35 -0.52
C TRP B 104 -6.85 -22.58 0.47
N LEU B 105 -7.70 -21.72 -0.05
CA LEU B 105 -8.70 -21.08 0.77
C LEU B 105 -9.91 -21.99 0.92
N PRO B 106 -10.71 -21.81 1.98
CA PRO B 106 -11.93 -22.59 2.10
C PRO B 106 -12.85 -22.34 0.91
N GLN B 107 -13.49 -23.40 0.44
CA GLN B 107 -14.34 -23.29 -0.74
C GLN B 107 -15.54 -22.39 -0.42
N LYS B 108 -15.70 -21.33 -1.22
CA LYS B 108 -16.76 -20.35 -0.99
C LYS B 108 -17.83 -20.38 -2.06
N ASN B 109 -17.55 -20.91 -3.24
CA ASN B 109 -18.55 -21.07 -4.29
C ASN B 109 -18.03 -22.15 -5.24
N ALA B 110 -18.66 -22.25 -6.41
CA ALA B 110 -18.23 -23.25 -7.39
C ALA B 110 -16.75 -23.11 -7.72
N ALA B 111 -16.22 -21.89 -7.68
CA ALA B 111 -14.82 -21.68 -7.99
C ALA B 111 -13.94 -22.15 -6.84
N GLN B 112 -12.65 -22.28 -7.13
CA GLN B 112 -11.64 -22.66 -6.16
C GLN B 112 -10.60 -21.54 -6.06
N PHE B 113 -10.08 -21.32 -4.86
CA PHE B 113 -9.12 -20.26 -4.61
C PHE B 113 -7.93 -20.82 -3.86
N LEU B 114 -6.75 -20.30 -4.20
CA LEU B 114 -5.52 -20.68 -3.51
C LEU B 114 -4.57 -19.51 -3.51
N LEU B 115 -3.66 -19.49 -2.54
CA LEU B 115 -2.61 -18.48 -2.45
C LEU B 115 -1.30 -19.11 -2.87
N SER B 116 -0.62 -18.47 -3.82
CA SER B 116 0.70 -18.90 -4.29
C SER B 116 1.69 -17.78 -4.01
N THR B 117 2.81 -18.13 -3.40
CA THR B 117 3.80 -17.14 -2.99
C THR B 117 5.18 -17.54 -3.46
N ASN B 118 5.88 -16.61 -4.09
CA ASN B 118 7.32 -16.71 -4.30
C ASN B 118 8.01 -15.98 -3.14
N ASP B 119 9.31 -15.73 -3.27
CA ASP B 119 10.05 -15.08 -2.20
C ASP B 119 9.53 -13.69 -1.87
N LYS B 120 8.81 -13.05 -2.78
CA LYS B 120 8.43 -11.65 -2.61
C LYS B 120 6.93 -11.39 -2.70
N THR B 121 6.21 -12.05 -3.59
CA THR B 121 4.82 -11.73 -3.88
C THR B 121 3.92 -12.91 -3.60
N ILE B 122 2.74 -12.64 -3.02
CA ILE B 122 1.70 -13.63 -2.84
C ILE B 122 0.56 -13.28 -3.80
N LYS B 123 0.08 -14.28 -4.53
CA LYS B 123 -0.98 -14.10 -5.51
C LYS B 123 -2.17 -14.97 -5.15
N LEU B 124 -3.36 -14.38 -5.25
CA LEU B 124 -4.61 -15.12 -5.07
C LEU B 124 -5.10 -15.57 -6.44
N TRP B 125 -5.18 -16.88 -6.63
CA TRP B 125 -5.54 -17.47 -7.92
C TRP B 125 -6.91 -18.13 -7.81
N LYS B 126 -7.79 -17.81 -8.75
CA LYS B 126 -9.12 -18.39 -8.84
C LYS B 126 -9.13 -19.42 -9.96
N ILE B 127 -9.53 -20.65 -9.62
CA ILE B 127 -9.65 -21.73 -10.60
C ILE B 127 -11.13 -22.06 -10.71
N SER B 128 -11.70 -21.82 -11.89
CA SER B 128 -13.12 -22.00 -12.12
C SER B 128 -13.35 -22.76 -13.41
N GLU B 129 -14.45 -23.50 -13.46
CA GLU B 129 -14.85 -24.26 -14.64
C GLU B 129 -15.88 -23.46 -15.42
N ARG B 130 -15.67 -23.32 -16.72
CA ARG B 130 -16.58 -22.62 -17.61
C ARG B 130 -17.06 -23.58 -18.69
N ASP B 131 -18.38 -23.63 -18.89
CA ASP B 131 -18.95 -24.51 -19.90
C ASP B 131 -20.02 -23.82 -20.72
N LYS B 132 -20.03 -22.49 -20.76
CA LYS B 132 -20.99 -21.71 -21.54
C LYS B 132 -20.23 -20.87 -22.55
N ARG B 133 -20.63 -20.96 -23.81
CA ARG B 133 -20.02 -20.17 -24.88
C ARG B 133 -21.03 -19.17 -25.41
N PRO B 134 -20.79 -17.86 -25.31
CA PRO B 134 -21.74 -16.90 -25.90
C PRO B 134 -21.71 -16.98 -27.42
N GLU B 135 -22.87 -17.24 -28.01
CA GLU B 135 -23.01 -17.37 -29.45
C GLU B 135 -24.03 -16.35 -29.95
N GLY B 136 -23.71 -15.73 -31.09
CA GLY B 136 -24.58 -14.73 -31.68
C GLY B 136 -23.87 -13.42 -31.94
N TYR B 137 -24.13 -12.83 -33.10
CA TYR B 137 -23.55 -11.54 -33.46
C TYR B 137 -24.55 -10.77 -34.32
N ASN B 138 -24.36 -9.46 -34.36
CA ASN B 138 -25.18 -8.57 -35.18
C ASN B 138 -24.41 -7.97 -36.34
N LEU B 139 -23.17 -7.54 -36.12
CA LEU B 139 -22.37 -6.86 -37.14
C LEU B 139 -21.36 -7.79 -37.81
N LYS B 140 -21.38 -9.08 -37.49
CA LYS B 140 -20.42 -10.02 -38.08
C LYS B 140 -20.90 -11.44 -37.75
N GLU B 141 -20.08 -12.41 -38.09
CA GLU B 141 -20.35 -13.82 -37.83
C GLU B 141 -19.42 -14.34 -36.73
N GLU B 142 -19.67 -15.58 -36.31
CA GLU B 142 -18.81 -16.20 -35.32
C GLU B 142 -17.38 -16.38 -35.82
N ASP B 143 -17.18 -16.38 -37.13
CA ASP B 143 -15.86 -16.52 -37.72
C ASP B 143 -15.13 -15.19 -37.85
N GLY B 144 -15.75 -14.09 -37.45
CA GLY B 144 -15.16 -12.77 -37.58
C GLY B 144 -15.44 -12.08 -38.89
N ARG B 145 -16.22 -12.68 -39.78
CA ARG B 145 -16.55 -12.08 -41.06
C ARG B 145 -17.63 -11.02 -40.87
N TYR B 146 -17.29 -9.77 -41.13
CA TYR B 146 -18.24 -8.68 -40.95
C TYR B 146 -19.26 -8.66 -42.08
N ARG B 147 -20.35 -7.92 -41.86
CA ARG B 147 -21.43 -7.79 -42.81
C ARG B 147 -21.68 -6.31 -43.08
N ASP B 148 -22.61 -6.04 -43.99
CA ASP B 148 -22.95 -4.66 -44.32
C ASP B 148 -23.73 -4.04 -43.17
N PRO B 149 -23.27 -2.92 -42.59
CA PRO B 149 -24.03 -2.32 -41.48
C PRO B 149 -25.44 -1.90 -41.87
N THR B 150 -25.66 -1.58 -43.15
CA THR B 150 -27.00 -1.18 -43.59
C THR B 150 -28.00 -2.32 -43.46
N THR B 151 -27.54 -3.57 -43.39
CA THR B 151 -28.42 -4.73 -43.28
C THR B 151 -28.84 -5.01 -41.84
N VAL B 152 -28.68 -4.05 -40.94
CA VAL B 152 -29.08 -4.21 -39.54
C VAL B 152 -30.55 -3.82 -39.45
N THR B 153 -31.44 -4.80 -39.53
CA THR B 153 -32.88 -4.58 -39.46
C THR B 153 -33.47 -4.91 -38.10
N THR B 154 -33.06 -6.02 -37.50
CA THR B 154 -33.57 -6.43 -36.20
C THR B 154 -32.41 -6.80 -35.29
N LEU B 155 -32.48 -6.34 -34.05
CA LEU B 155 -31.46 -6.64 -33.06
C LEU B 155 -31.71 -8.00 -32.42
N ARG B 156 -30.63 -8.75 -32.20
CA ARG B 156 -30.70 -10.04 -31.52
C ARG B 156 -29.63 -10.09 -30.44
N VAL B 157 -29.97 -10.73 -29.32
CA VAL B 157 -29.07 -10.81 -28.18
C VAL B 157 -28.35 -12.16 -28.22
N PRO B 158 -27.07 -12.24 -27.86
CA PRO B 158 -26.38 -13.53 -27.86
C PRO B 158 -26.97 -14.48 -26.82
N VAL B 159 -26.74 -15.77 -27.06
CA VAL B 159 -27.17 -16.83 -26.16
C VAL B 159 -25.97 -17.68 -25.81
N PHE B 160 -26.08 -18.38 -24.67
CA PHE B 160 -25.01 -19.23 -24.18
C PHE B 160 -25.22 -20.66 -24.67
N ARG B 161 -24.20 -21.22 -25.33
CA ARG B 161 -24.25 -22.57 -25.84
C ARG B 161 -23.36 -23.49 -25.00
N PRO B 162 -23.82 -24.67 -24.63
CA PRO B 162 -22.95 -25.61 -23.91
C PRO B 162 -21.71 -25.93 -24.73
N MET B 163 -20.57 -26.03 -24.05
CA MET B 163 -19.31 -26.35 -24.69
C MET B 163 -18.52 -27.30 -23.80
N ASP B 164 -17.44 -27.84 -24.35
CA ASP B 164 -16.58 -28.73 -23.59
C ASP B 164 -16.06 -28.02 -22.35
N LEU B 165 -16.10 -28.72 -21.22
CA LEU B 165 -15.67 -28.13 -19.96
C LEU B 165 -14.21 -27.69 -20.06
N MET B 166 -13.93 -26.48 -19.59
CA MET B 166 -12.58 -25.94 -19.55
C MET B 166 -12.34 -25.30 -18.19
N VAL B 167 -11.13 -25.46 -17.68
CA VAL B 167 -10.74 -24.92 -16.38
C VAL B 167 -9.85 -23.70 -16.62
N GLU B 168 -10.21 -22.58 -16.00
CA GLU B 168 -9.51 -21.32 -16.20
C GLU B 168 -8.93 -20.86 -14.86
N ALA B 169 -7.65 -20.52 -14.86
CA ALA B 169 -6.97 -19.98 -13.69
C ALA B 169 -6.57 -18.55 -13.98
N SER B 170 -7.01 -17.62 -13.13
CA SER B 170 -6.71 -16.21 -13.30
C SER B 170 -6.29 -15.63 -11.96
N PRO B 171 -5.41 -14.62 -11.97
CA PRO B 171 -4.99 -13.99 -10.70
C PRO B 171 -5.99 -12.91 -10.29
N ARG B 172 -6.55 -13.07 -9.10
CA ARG B 172 -7.55 -12.13 -8.60
C ARG B 172 -6.89 -10.94 -7.89
N ARG B 173 -5.95 -11.21 -6.99
CA ARG B 173 -5.31 -10.15 -6.22
C ARG B 173 -3.83 -10.47 -6.06
N ILE B 174 -3.00 -9.42 -6.09
CA ILE B 174 -1.56 -9.55 -5.95
C ILE B 174 -1.15 -8.80 -4.69
N PHE B 175 -0.48 -9.51 -3.78
CA PHE B 175 0.03 -8.94 -2.54
C PHE B 175 1.55 -8.87 -2.66
N ALA B 176 2.08 -7.68 -2.94
CA ALA B 176 3.50 -7.51 -3.21
C ALA B 176 4.00 -6.24 -2.55
N ASN B 177 5.33 -6.07 -2.57
CA ASN B 177 5.99 -4.86 -2.09
C ASN B 177 5.85 -4.70 -0.57
N ALA B 178 5.70 -5.80 0.16
CA ALA B 178 5.55 -5.76 1.60
C ALA B 178 6.70 -6.36 2.37
N HIS B 179 7.44 -7.30 1.79
CA HIS B 179 8.49 -8.03 2.48
C HIS B 179 9.84 -7.59 1.94
N THR B 180 10.70 -7.09 2.84
CA THR B 180 12.07 -6.77 2.45
C THR B 180 12.87 -8.05 2.20
N TYR B 181 12.63 -9.09 2.99
CA TYR B 181 13.35 -10.34 2.89
C TYR B 181 12.48 -11.39 2.20
N HIS B 182 12.95 -12.63 2.17
CA HIS B 182 12.29 -13.68 1.41
C HIS B 182 11.16 -14.29 2.23
N ILE B 183 9.96 -14.31 1.64
CA ILE B 183 8.82 -14.95 2.30
C ILE B 183 9.07 -16.44 2.39
N ASN B 184 8.86 -17.00 3.59
CA ASN B 184 9.06 -18.42 3.82
C ASN B 184 7.80 -19.15 4.26
N SER B 185 6.72 -18.44 4.55
CA SER B 185 5.50 -19.10 5.02
C SER B 185 4.30 -18.21 4.75
N ILE B 186 3.18 -18.84 4.43
CA ILE B 186 1.87 -18.17 4.39
C ILE B 186 0.86 -19.10 5.04
N SER B 187 -0.03 -18.52 5.85
CA SER B 187 -1.03 -19.30 6.55
C SER B 187 -2.31 -18.48 6.65
N ILE B 188 -3.43 -19.13 6.38
CA ILE B 188 -4.74 -18.48 6.41
C ILE B 188 -5.29 -18.53 7.83
N ASN B 189 -5.95 -17.46 8.23
CA ASN B 189 -6.60 -17.42 9.54
C ASN B 189 -7.94 -18.13 9.47
N SER B 190 -8.38 -18.65 10.62
CA SER B 190 -9.63 -19.39 10.70
C SER B 190 -10.86 -18.49 10.55
N ASP B 191 -10.68 -17.17 10.56
CA ASP B 191 -11.80 -16.25 10.45
C ASP B 191 -12.24 -16.01 9.02
N TYR B 192 -11.58 -16.62 8.04
CA TYR B 192 -11.89 -16.51 6.62
C TYR B 192 -11.61 -15.13 6.05
N GLU B 193 -11.01 -14.23 6.83
CA GLU B 193 -10.72 -12.88 6.39
C GLU B 193 -9.23 -12.65 6.11
N THR B 194 -8.37 -13.02 7.04
CA THR B 194 -6.97 -12.62 7.01
C THR B 194 -6.06 -13.82 6.85
N TYR B 195 -4.81 -13.53 6.51
CA TYR B 195 -3.75 -14.52 6.46
C TYR B 195 -2.44 -13.81 6.76
N LEU B 196 -1.44 -14.58 7.18
CA LEU B 196 -0.14 -14.03 7.52
C LEU B 196 0.91 -14.53 6.54
N SER B 197 1.87 -13.67 6.24
CA SER B 197 3.05 -14.01 5.45
C SER B 197 4.29 -13.65 6.27
N ALA B 198 5.17 -14.62 6.45
CA ALA B 198 6.35 -14.46 7.31
C ALA B 198 7.60 -14.54 6.46
N ASP B 199 8.41 -13.48 6.51
CA ASP B 199 9.74 -13.50 5.91
C ASP B 199 10.76 -13.82 7.00
N ASP B 200 12.05 -13.65 6.69
CA ASP B 200 13.09 -14.07 7.62
C ASP B 200 13.04 -13.31 8.94
N LEU B 201 12.54 -12.08 8.93
CA LEU B 201 12.58 -11.24 10.12
C LEU B 201 11.26 -10.56 10.47
N ARG B 202 10.25 -10.61 9.63
CA ARG B 202 9.00 -9.91 9.87
C ARG B 202 7.82 -10.78 9.46
N ILE B 203 6.71 -10.62 10.17
CA ILE B 203 5.46 -11.31 9.86
C ILE B 203 4.41 -10.25 9.59
N ASN B 204 3.75 -10.33 8.44
CA ASN B 204 2.73 -9.38 8.04
C ASN B 204 1.36 -10.05 8.08
N LEU B 205 0.36 -9.29 8.51
CA LEU B 205 -1.03 -9.75 8.53
C LEU B 205 -1.77 -9.07 7.38
N TRP B 206 -2.39 -9.88 6.53
CA TRP B 206 -3.08 -9.40 5.34
C TRP B 206 -4.58 -9.61 5.48
N HIS B 207 -5.33 -8.88 4.66
CA HIS B 207 -6.75 -9.11 4.47
C HIS B 207 -6.96 -9.62 3.05
N LEU B 208 -7.72 -10.71 2.92
CA LEU B 208 -7.81 -11.39 1.63
C LEU B 208 -8.43 -10.51 0.55
N GLU B 209 -9.08 -9.42 0.92
CA GLU B 209 -9.71 -8.53 -0.04
C GLU B 209 -9.05 -7.16 -0.11
N ILE B 210 -7.87 -7.00 0.49
CA ILE B 210 -7.14 -5.74 0.46
C ILE B 210 -5.69 -6.04 0.11
N THR B 211 -5.14 -5.29 -0.85
CA THR B 211 -3.78 -5.48 -1.32
C THR B 211 -2.88 -4.29 -1.12
N ASP B 212 -3.42 -3.10 -0.88
CA ASP B 212 -2.62 -1.88 -0.83
C ASP B 212 -1.98 -1.65 0.52
N ARG B 213 -2.29 -2.44 1.54
CA ARG B 213 -1.69 -2.25 2.85
C ARG B 213 -1.71 -3.56 3.61
N SER B 214 -0.73 -3.72 4.51
CA SER B 214 -0.63 -4.89 5.36
C SER B 214 -0.19 -4.45 6.75
N PHE B 215 -0.46 -5.30 7.73
CA PHE B 215 -0.17 -5.00 9.13
C PHE B 215 0.99 -5.86 9.60
N ASN B 216 2.06 -5.22 10.05
CA ASN B 216 3.27 -5.91 10.50
C ASN B 216 3.14 -6.23 11.98
N ILE B 217 2.59 -7.40 12.27
CA ILE B 217 2.36 -7.80 13.67
C ILE B 217 3.68 -8.06 14.38
N VAL B 218 4.60 -8.77 13.73
CA VAL B 218 5.86 -9.20 14.35
C VAL B 218 7.01 -8.60 13.55
N ASP B 219 8.05 -8.16 14.27
CA ASP B 219 9.24 -7.59 13.63
C ASP B 219 10.41 -7.80 14.59
N ILE B 220 11.22 -8.83 14.32
CA ILE B 220 12.36 -9.16 15.17
C ILE B 220 13.67 -8.68 14.58
N LYS B 221 13.63 -7.81 13.59
CA LYS B 221 14.86 -7.30 13.00
C LYS B 221 15.63 -6.50 14.04
N PRO B 222 16.91 -6.77 14.25
CA PRO B 222 17.69 -5.94 15.18
C PRO B 222 17.93 -4.55 14.61
N ALA B 223 18.16 -3.60 15.52
CA ALA B 223 18.44 -2.24 15.07
C ALA B 223 19.68 -2.19 14.19
N ASN B 224 20.72 -2.93 14.57
CA ASN B 224 21.93 -3.06 13.78
C ASN B 224 22.07 -4.52 13.36
N MET B 225 22.16 -4.75 12.05
CA MET B 225 22.20 -6.11 11.54
C MET B 225 23.43 -6.87 12.03
N GLU B 226 24.45 -6.16 12.52
CA GLU B 226 25.61 -6.83 13.09
C GLU B 226 25.26 -7.71 14.28
N GLU B 227 24.14 -7.43 14.95
CA GLU B 227 23.73 -8.16 16.14
C GLU B 227 22.73 -9.26 15.86
N LEU B 228 22.42 -9.53 14.60
CA LEU B 228 21.42 -10.54 14.26
C LEU B 228 21.87 -11.91 14.77
N THR B 229 20.94 -12.62 15.42
CA THR B 229 21.24 -13.92 16.00
C THR B 229 20.26 -15.01 15.62
N GLU B 230 19.05 -14.67 15.17
CA GLU B 230 18.08 -15.67 14.77
C GLU B 230 17.12 -15.05 13.75
N VAL B 231 16.52 -15.92 12.94
CA VAL B 231 15.57 -15.50 11.91
C VAL B 231 14.32 -16.37 12.04
N ILE B 232 13.22 -15.86 11.49
CA ILE B 232 11.97 -16.63 11.47
C ILE B 232 12.05 -17.65 10.34
N THR B 233 11.85 -18.92 10.68
CA THR B 233 11.92 -20.00 9.69
C THR B 233 10.55 -20.41 9.20
N ALA B 234 9.53 -20.36 10.06
CA ALA B 234 8.19 -20.77 9.66
C ALA B 234 7.18 -20.09 10.58
N ALA B 235 5.93 -20.05 10.13
CA ALA B 235 4.84 -19.49 10.91
C ALA B 235 3.54 -20.12 10.45
N GLU B 236 2.57 -20.19 11.35
CA GLU B 236 1.29 -20.80 11.04
C GLU B 236 0.23 -20.31 12.01
N PHE B 237 -0.97 -20.09 11.49
CA PHE B 237 -2.12 -19.80 12.34
C PHE B 237 -2.67 -21.08 12.96
N HIS B 238 -3.30 -20.92 14.12
CA HIS B 238 -3.96 -22.06 14.74
C HIS B 238 -5.14 -22.50 13.87
N PRO B 239 -5.32 -23.81 13.67
CA PRO B 239 -6.40 -24.26 12.78
C PRO B 239 -7.78 -23.80 13.21
N ASN B 240 -8.03 -23.66 14.51
CA ASN B 240 -9.34 -23.28 15.03
C ASN B 240 -9.35 -21.88 15.62
N SER B 241 -8.47 -21.61 16.59
CA SER B 241 -8.43 -20.30 17.21
C SER B 241 -7.98 -19.25 16.20
N CYS B 242 -8.69 -18.13 16.16
CA CYS B 242 -8.40 -17.05 15.22
C CYS B 242 -7.37 -16.06 15.76
N ASN B 243 -6.95 -16.20 17.02
CA ASN B 243 -6.05 -15.26 17.66
C ASN B 243 -4.69 -15.84 17.98
N THR B 244 -4.43 -17.09 17.61
CA THR B 244 -3.20 -17.78 17.98
C THR B 244 -2.42 -18.15 16.74
N PHE B 245 -1.13 -17.83 16.74
CA PHE B 245 -0.22 -18.30 15.70
C PHE B 245 1.16 -18.50 16.33
N VAL B 246 1.92 -19.42 15.76
CA VAL B 246 3.25 -19.78 16.25
C VAL B 246 4.24 -19.63 15.11
N TYR B 247 5.37 -18.99 15.38
CA TYR B 247 6.46 -18.88 14.43
C TYR B 247 7.74 -19.39 15.05
N SER B 248 8.44 -20.29 14.34
CA SER B 248 9.69 -20.85 14.81
C SER B 248 10.86 -20.01 14.34
N SER B 249 11.96 -20.11 15.08
CA SER B 249 13.18 -19.37 14.78
C SER B 249 14.31 -20.34 14.47
N SER B 250 15.43 -19.78 13.98
CA SER B 250 16.59 -20.58 13.67
C SER B 250 17.30 -21.12 14.90
N LYS B 251 16.95 -20.62 16.09
CA LYS B 251 17.52 -21.15 17.33
C LYS B 251 16.81 -22.39 17.83
N GLY B 252 15.73 -22.82 17.17
CA GLY B 252 14.98 -23.97 17.60
C GLY B 252 13.89 -23.70 18.60
N THR B 253 13.47 -22.44 18.75
CA THR B 253 12.44 -22.05 19.70
C THR B 253 11.19 -21.60 18.95
N ILE B 254 10.03 -22.02 19.44
CA ILE B 254 8.75 -21.65 18.86
C ILE B 254 8.06 -20.69 19.81
N ARG B 255 7.66 -19.54 19.30
CA ARG B 255 6.96 -18.52 20.08
C ARG B 255 5.49 -18.53 19.69
N LEU B 256 4.62 -18.66 20.68
CA LEU B 256 3.18 -18.63 20.46
C LEU B 256 2.65 -17.25 20.85
N CYS B 257 1.98 -16.60 19.91
CA CYS B 257 1.49 -15.24 20.08
C CYS B 257 -0.03 -15.24 20.16
N ASP B 258 -0.56 -14.58 21.19
CA ASP B 258 -2.00 -14.42 21.36
C ASP B 258 -2.37 -13.02 20.88
N MET B 259 -3.06 -12.95 19.74
CA MET B 259 -3.41 -11.67 19.15
C MET B 259 -4.44 -10.91 19.97
N ARG B 260 -5.07 -11.55 20.94
CA ARG B 260 -6.02 -10.84 21.80
C ARG B 260 -5.31 -9.93 22.79
N ALA B 261 -4.11 -10.30 23.23
CA ALA B 261 -3.42 -9.51 24.25
C ALA B 261 -3.13 -8.10 23.76
N SER B 262 -2.65 -7.97 22.53
CA SER B 262 -2.29 -6.65 22.01
C SER B 262 -2.33 -6.70 20.49
N ALA B 263 -2.39 -5.52 19.88
CA ALA B 263 -2.38 -5.43 18.42
C ALA B 263 -1.08 -5.96 17.85
N LEU B 264 0.05 -5.58 18.45
CA LEU B 264 1.36 -6.04 18.02
C LEU B 264 1.77 -7.25 18.83
N CYS B 265 2.17 -8.32 18.14
CA CYS B 265 2.55 -9.57 18.78
C CYS B 265 4.05 -9.67 19.06
N ASP B 266 4.71 -8.55 19.30
CA ASP B 266 6.14 -8.58 19.62
C ASP B 266 6.41 -9.37 20.89
N ARG B 267 5.44 -9.43 21.79
CA ARG B 267 5.57 -10.18 23.04
C ARG B 267 4.84 -11.51 22.89
N HIS B 268 5.57 -12.60 23.08
CA HIS B 268 5.01 -13.93 22.92
C HIS B 268 4.29 -14.38 24.18
N SER B 269 3.15 -15.04 24.00
CA SER B 269 2.43 -15.59 25.15
C SER B 269 3.16 -16.79 25.73
N LYS B 270 3.73 -17.64 24.87
CA LYS B 270 4.43 -18.83 25.30
C LYS B 270 5.71 -18.99 24.48
N LEU B 271 6.68 -19.69 25.06
CA LEU B 271 7.95 -19.97 24.40
C LEU B 271 8.25 -21.45 24.58
N PHE B 272 8.33 -22.19 23.47
CA PHE B 272 8.63 -23.61 23.50
C PHE B 272 10.10 -23.82 23.15
N GLU B 273 10.82 -24.49 24.02
CA GLU B 273 12.25 -24.73 23.82
C GLU B 273 12.70 -25.85 24.75
N GLU B 274 13.89 -26.36 24.47
CA GLU B 274 14.53 -27.39 25.28
C GLU B 274 15.85 -26.87 25.82
N PRO B 275 16.34 -27.45 26.94
CA PRO B 275 17.62 -27.01 27.53
C PRO B 275 18.76 -27.00 26.52
N ARG B 281 25.66 -31.62 22.14
CA ARG B 281 26.49 -30.44 22.00
C ARG B 281 27.42 -30.56 20.81
N SER B 282 26.83 -30.85 19.65
CA SER B 282 27.60 -31.07 18.44
C SER B 282 28.19 -29.76 17.92
N PHE B 283 29.18 -29.91 17.04
CA PHE B 283 29.80 -28.74 16.42
C PHE B 283 28.80 -27.95 15.59
N PHE B 284 27.95 -28.66 14.83
CA PHE B 284 26.96 -28.03 13.98
C PHE B 284 25.64 -27.77 14.69
N SER B 285 25.63 -27.70 16.03
CA SER B 285 24.38 -27.56 16.77
C SER B 285 23.62 -26.33 16.31
N GLU B 286 24.32 -25.24 15.99
CA GLU B 286 23.64 -24.01 15.60
C GLU B 286 22.82 -24.20 14.31
N ILE B 287 23.19 -25.17 13.48
CA ILE B 287 22.53 -25.36 12.20
C ILE B 287 21.41 -26.37 12.36
N ILE B 288 21.74 -27.57 12.85
CA ILE B 288 20.75 -28.64 12.92
C ILE B 288 19.62 -28.28 13.87
N SER B 289 19.85 -27.33 14.79
CA SER B 289 18.80 -26.95 15.73
C SER B 289 17.69 -26.16 15.06
N SER B 290 18.00 -25.48 13.95
CA SER B 290 17.01 -24.65 13.27
C SER B 290 15.80 -25.48 12.88
N ILE B 291 14.61 -24.90 13.07
CA ILE B 291 13.35 -25.58 12.76
C ILE B 291 12.98 -25.26 11.32
N SER B 292 12.90 -26.31 10.50
CA SER B 292 12.56 -26.13 9.09
C SER B 292 11.09 -25.75 8.93
N ASP B 293 10.19 -26.45 9.62
CA ASP B 293 8.76 -26.23 9.47
C ASP B 293 8.06 -26.51 10.79
N VAL B 294 6.93 -25.83 10.99
CA VAL B 294 6.08 -26.04 12.16
C VAL B 294 4.65 -26.24 11.66
N LYS B 295 3.99 -27.30 12.15
CA LYS B 295 2.65 -27.67 11.71
C LYS B 295 1.77 -27.92 12.92
N PHE B 296 0.61 -27.27 12.95
CA PHE B 296 -0.38 -27.58 13.96
C PHE B 296 -1.09 -28.89 13.64
N SER B 297 -1.42 -29.66 14.68
CA SER B 297 -2.26 -30.82 14.50
C SER B 297 -3.67 -30.40 14.10
N HIS B 298 -4.38 -31.29 13.43
CA HIS B 298 -5.72 -30.96 12.97
C HIS B 298 -6.62 -30.56 14.14
N SER B 299 -6.54 -31.30 15.24
CA SER B 299 -7.29 -30.92 16.44
C SER B 299 -6.81 -29.58 16.98
N GLY B 300 -5.55 -29.23 16.74
CA GLY B 300 -4.98 -27.99 17.22
C GLY B 300 -4.39 -28.07 18.62
N ARG B 301 -4.54 -29.20 19.31
CA ARG B 301 -3.99 -29.32 20.65
C ARG B 301 -2.48 -29.54 20.62
N TYR B 302 -1.98 -30.21 19.59
CA TYR B 302 -0.56 -30.51 19.45
C TYR B 302 0.04 -29.69 18.33
N MET B 303 1.38 -29.60 18.36
CA MET B 303 2.14 -28.86 17.35
C MET B 303 3.41 -29.64 17.04
N MET B 304 3.70 -29.81 15.76
CA MET B 304 4.87 -30.55 15.31
C MET B 304 5.86 -29.60 14.65
N THR B 305 7.13 -29.75 14.99
CA THR B 305 8.22 -28.98 14.41
C THR B 305 9.27 -29.93 13.86
N ARG B 306 9.79 -29.61 12.68
CA ARG B 306 10.82 -30.41 12.03
C ARG B 306 12.12 -29.61 12.00
N ASP B 307 13.14 -30.11 12.67
CA ASP B 307 14.50 -29.64 12.50
C ASP B 307 15.23 -30.61 11.58
N TYR B 308 16.53 -30.41 11.40
CA TYR B 308 17.25 -31.18 10.40
C TYR B 308 17.22 -32.67 10.71
N LEU B 309 17.42 -33.05 11.97
CA LEU B 309 17.62 -34.46 12.31
C LEU B 309 16.42 -35.12 12.98
N SER B 310 15.50 -34.36 13.56
CA SER B 310 14.46 -34.94 14.38
C SER B 310 13.13 -34.25 14.15
N VAL B 311 12.06 -34.93 14.53
CA VAL B 311 10.71 -34.37 14.56
C VAL B 311 10.27 -34.30 16.01
N LYS B 312 9.87 -33.12 16.45
CA LYS B 312 9.44 -32.88 17.82
C LYS B 312 7.98 -32.44 17.82
N ILE B 313 7.18 -33.08 18.67
CA ILE B 313 5.77 -32.78 18.81
C ILE B 313 5.57 -32.12 20.18
N TRP B 314 4.99 -30.92 20.17
CA TRP B 314 4.84 -30.11 21.37
C TRP B 314 3.37 -30.06 21.77
N ASP B 315 3.11 -30.27 23.05
CA ASP B 315 1.78 -30.01 23.61
C ASP B 315 1.68 -28.53 23.96
N LEU B 316 0.66 -27.85 23.44
CA LEU B 316 0.56 -26.41 23.64
C LEU B 316 0.46 -26.06 25.12
N ASN B 317 0.05 -27.00 25.97
CA ASN B 317 -0.03 -26.75 27.40
C ASN B 317 1.31 -26.88 28.10
N MET B 318 2.30 -27.52 27.48
CA MET B 318 3.62 -27.73 28.06
C MET B 318 4.67 -27.08 27.18
N GLU B 319 5.53 -26.26 27.79
CA GLU B 319 6.52 -25.49 27.08
C GLU B 319 7.96 -25.93 27.34
N ASN B 320 8.21 -26.62 28.45
CA ASN B 320 9.59 -26.93 28.83
C ASN B 320 10.20 -27.97 27.89
N ARG B 321 9.42 -28.93 27.44
CA ARG B 321 9.95 -30.01 26.61
C ARG B 321 8.85 -30.51 25.68
N PRO B 322 9.20 -31.17 24.59
CA PRO B 322 8.18 -31.79 23.74
C PRO B 322 7.67 -33.09 24.35
N VAL B 323 6.41 -33.39 24.04
CA VAL B 323 5.83 -34.65 24.51
C VAL B 323 6.46 -35.84 23.79
N GLU B 324 6.77 -35.67 22.50
CA GLU B 324 7.31 -36.76 21.69
C GLU B 324 8.44 -36.24 20.83
N THR B 325 9.45 -37.07 20.62
CA THR B 325 10.56 -36.77 19.73
C THR B 325 10.87 -37.99 18.88
N TYR B 326 11.09 -37.76 17.59
CA TYR B 326 11.38 -38.83 16.65
C TYR B 326 12.62 -38.46 15.84
N GLN B 327 13.51 -39.42 15.65
CA GLN B 327 14.74 -39.22 14.90
C GLN B 327 14.50 -39.62 13.46
N VAL B 328 14.58 -38.65 12.54
CA VAL B 328 14.32 -38.96 11.14
C VAL B 328 15.45 -39.79 10.56
N HIS B 329 16.70 -39.41 10.82
CA HIS B 329 17.85 -40.15 10.31
C HIS B 329 19.05 -40.00 11.23
N GLU B 330 19.21 -40.93 12.18
CA GLU B 330 20.33 -40.87 13.10
C GLU B 330 21.65 -41.19 12.42
N TYR B 331 21.61 -42.04 11.39
CA TYR B 331 22.85 -42.44 10.72
C TYR B 331 23.56 -41.27 10.06
N LEU B 332 22.88 -40.13 9.89
CA LEU B 332 23.52 -38.94 9.33
C LEU B 332 24.12 -38.03 10.39
N ARG B 333 23.90 -38.32 11.68
CA ARG B 333 24.52 -37.51 12.72
C ARG B 333 26.04 -37.61 12.69
N SER B 334 26.56 -38.76 12.28
CA SER B 334 28.00 -38.94 12.16
C SER B 334 28.55 -38.40 10.85
N LYS B 335 27.70 -38.03 9.90
CA LYS B 335 28.14 -37.54 8.59
C LYS B 335 27.85 -36.05 8.40
N LEU B 336 27.61 -35.31 9.48
CA LEU B 336 27.30 -33.89 9.35
C LEU B 336 28.44 -33.14 8.68
N CYS B 337 29.68 -33.57 8.91
CA CYS B 337 30.82 -32.91 8.27
C CYS B 337 30.71 -32.97 6.75
N SER B 338 30.42 -34.16 6.21
CA SER B 338 30.25 -34.29 4.77
C SER B 338 29.05 -33.49 4.28
N LEU B 339 27.96 -33.51 5.03
CA LEU B 339 26.76 -32.78 4.63
C LEU B 339 27.01 -31.28 4.59
N TYR B 340 27.82 -30.76 5.51
CA TYR B 340 28.13 -29.33 5.51
C TYR B 340 28.87 -28.94 4.24
N GLU B 341 29.81 -29.77 3.80
CA GLU B 341 30.61 -29.43 2.62
C GLU B 341 29.74 -29.25 1.38
N ASN B 342 28.79 -30.16 1.17
CA ASN B 342 27.93 -30.12 -0.01
C ASN B 342 26.66 -29.30 0.21
N ASP B 343 26.51 -28.65 1.36
CA ASP B 343 25.40 -27.75 1.68
C ASP B 343 24.10 -28.50 1.91
N CYS B 344 24.10 -29.84 1.89
CA CYS B 344 22.89 -30.59 2.17
C CYS B 344 22.40 -30.37 3.59
N ILE B 345 23.28 -29.93 4.50
CA ILE B 345 22.89 -29.71 5.88
C ILE B 345 21.89 -28.58 6.02
N PHE B 346 21.77 -27.73 5.01
CA PHE B 346 20.85 -26.60 5.04
C PHE B 346 19.49 -26.91 4.43
N ASP B 347 19.26 -28.15 4.01
CA ASP B 347 17.96 -28.50 3.43
C ASP B 347 16.85 -28.27 4.45
N LYS B 348 15.75 -27.67 3.98
CA LYS B 348 14.59 -27.38 4.83
C LYS B 348 13.51 -28.42 4.55
N PHE B 349 13.56 -29.51 5.32
CA PHE B 349 12.54 -30.54 5.22
C PHE B 349 11.23 -30.06 5.82
N GLU B 350 10.16 -30.81 5.54
CA GLU B 350 8.83 -30.49 6.03
C GLU B 350 8.23 -31.71 6.72
N CYS B 351 7.12 -31.48 7.42
CA CYS B 351 6.40 -32.50 8.13
C CYS B 351 4.90 -32.35 7.86
N CYS B 352 4.17 -33.45 7.99
CA CYS B 352 2.75 -33.46 7.67
C CYS B 352 2.01 -34.34 8.67
N TRP B 353 0.86 -33.84 9.13
CA TRP B 353 -0.04 -34.64 9.96
C TRP B 353 -1.00 -35.42 9.08
N ASN B 354 -1.42 -36.59 9.57
CA ASN B 354 -2.51 -37.31 8.93
C ASN B 354 -3.85 -36.77 9.43
N GLY B 355 -4.93 -37.29 8.85
CA GLY B 355 -6.25 -36.78 9.20
C GLY B 355 -6.56 -36.87 10.67
N SER B 356 -6.24 -38.00 11.29
CA SER B 356 -6.55 -38.25 12.69
C SER B 356 -5.44 -37.84 13.64
N ASP B 357 -4.34 -37.27 13.13
CA ASP B 357 -3.19 -36.82 13.91
C ASP B 357 -2.43 -37.96 14.56
N SER B 358 -2.77 -39.21 14.24
CA SER B 358 -2.10 -40.35 14.84
C SER B 358 -0.79 -40.71 14.16
N VAL B 359 -0.55 -40.19 12.95
CA VAL B 359 0.64 -40.49 12.18
C VAL B 359 1.18 -39.19 11.59
N VAL B 360 2.49 -39.01 11.65
CA VAL B 360 3.17 -37.85 11.07
C VAL B 360 4.19 -38.34 10.07
N MET B 361 4.24 -37.67 8.91
CA MET B 361 5.12 -38.04 7.82
C MET B 361 6.13 -36.91 7.59
N THR B 362 7.38 -37.29 7.34
CA THR B 362 8.43 -36.35 7.00
C THR B 362 9.38 -37.02 6.03
N GLY B 363 10.06 -36.20 5.23
CA GLY B 363 10.95 -36.71 4.21
C GLY B 363 12.38 -36.89 4.69
N SER B 364 13.17 -37.54 3.85
CA SER B 364 14.58 -37.79 4.13
C SER B 364 15.34 -37.82 2.81
N TYR B 365 16.56 -38.34 2.84
CA TYR B 365 17.39 -38.41 1.65
C TYR B 365 17.23 -39.76 0.95
N ASN B 366 17.78 -39.85 -0.26
CA ASN B 366 17.72 -41.07 -1.06
C ASN B 366 16.28 -41.48 -1.35
N ASN B 367 15.40 -40.49 -1.51
CA ASN B 367 13.98 -40.74 -1.77
C ASN B 367 13.36 -41.61 -0.68
N PHE B 368 13.70 -41.32 0.57
CA PHE B 368 13.08 -41.95 1.72
C PHE B 368 12.18 -40.95 2.43
N PHE B 369 11.00 -41.40 2.84
CA PHE B 369 10.10 -40.62 3.67
C PHE B 369 9.66 -41.48 4.84
N ARG B 370 9.72 -40.92 6.04
CA ARG B 370 9.51 -41.66 7.27
C ARG B 370 8.08 -41.47 7.77
N MET B 371 7.50 -42.55 8.29
CA MET B 371 6.19 -42.54 8.92
C MET B 371 6.37 -42.86 10.40
N PHE B 372 5.88 -41.98 11.26
CA PHE B 372 5.94 -42.15 12.70
C PHE B 372 4.53 -42.28 13.25
N ASP B 373 4.20 -43.45 13.77
CA ASP B 373 2.90 -43.71 14.36
C ASP B 373 2.94 -43.30 15.82
N ARG B 374 2.18 -42.25 16.16
CA ARG B 374 2.22 -41.72 17.52
C ARG B 374 1.58 -42.68 18.52
N ASN B 375 0.46 -43.30 18.14
CA ASN B 375 -0.24 -44.19 19.06
C ASN B 375 0.62 -45.40 19.42
N THR B 376 1.13 -46.10 18.40
CA THR B 376 1.88 -47.32 18.62
C THR B 376 3.38 -47.12 18.70
N LYS B 377 3.88 -45.92 18.40
CA LYS B 377 5.30 -45.60 18.38
C LYS B 377 6.06 -46.43 17.36
N ARG B 378 5.37 -47.07 16.42
CA ARG B 378 6.06 -47.80 15.36
C ARG B 378 6.72 -46.83 14.39
N ASP B 379 7.68 -47.34 13.63
CA ASP B 379 8.51 -46.50 12.76
C ASP B 379 8.89 -47.30 11.54
N ILE B 380 8.57 -46.77 10.35
CA ILE B 380 8.88 -47.43 9.10
C ILE B 380 9.51 -46.42 8.14
N THR B 381 10.29 -46.94 7.20
CA THR B 381 10.91 -46.14 6.15
C THR B 381 10.44 -46.67 4.80
N LEU B 382 10.02 -45.76 3.93
CA LEU B 382 9.49 -46.12 2.61
C LEU B 382 10.21 -45.32 1.54
N GLU B 383 10.35 -45.93 0.36
CA GLU B 383 11.07 -45.34 -0.76
C GLU B 383 10.11 -45.06 -1.90
N ALA B 384 10.23 -43.88 -2.50
CA ALA B 384 9.44 -43.48 -3.66
C ALA B 384 10.34 -43.57 -4.88
N SER B 385 10.29 -44.72 -5.57
CA SER B 385 11.16 -44.98 -6.71
C SER B 385 10.36 -45.54 -7.87
N ARG B 386 10.83 -45.27 -9.08
CA ARG B 386 10.17 -45.77 -10.29
C ARG B 386 10.26 -47.29 -10.40
N GLU B 387 11.23 -47.92 -9.73
CA GLU B 387 11.38 -49.36 -9.85
C GLU B 387 10.12 -50.10 -9.43
N ASN B 388 9.32 -49.51 -8.55
CA ASN B 388 8.05 -50.08 -8.11
C ASN B 388 6.86 -49.43 -8.82
N ASN B 389 7.04 -49.05 -10.09
CA ASN B 389 6.00 -48.35 -10.84
C ASN B 389 4.94 -49.34 -11.35
N LYS B 390 4.27 -49.96 -10.39
CA LYS B 390 3.16 -50.88 -10.67
C LYS B 390 2.03 -50.55 -9.72
N PRO B 391 0.88 -50.08 -10.21
CA PRO B 391 -0.20 -49.67 -9.30
C PRO B 391 -0.62 -50.83 -8.38
N ARG B 392 -0.97 -50.47 -7.15
CA ARG B 392 -1.43 -51.44 -6.16
C ARG B 392 -0.31 -52.42 -5.78
N THR B 393 0.90 -51.90 -5.63
CA THR B 393 2.06 -52.70 -5.23
C THR B 393 2.52 -52.24 -3.85
N VAL B 394 2.60 -53.17 -2.91
CA VAL B 394 2.97 -52.83 -1.54
C VAL B 394 4.41 -52.34 -1.50
N LEU B 395 4.66 -51.32 -0.69
CA LEU B 395 6.01 -50.78 -0.53
C LEU B 395 6.74 -51.54 0.57
N LYS B 396 7.87 -52.13 0.22
CA LYS B 396 8.68 -52.86 1.19
C LYS B 396 9.38 -51.88 2.12
N PRO B 397 9.24 -52.01 3.44
CA PRO B 397 9.98 -51.11 4.34
C PRO B 397 11.48 -51.19 4.11
N ARG B 398 12.14 -50.04 4.22
CA ARG B 398 13.57 -49.95 4.00
C ARG B 398 14.31 -49.84 5.33
N LYS B 399 15.52 -50.38 5.36
CA LYS B 399 16.38 -50.31 6.53
C LYS B 399 17.74 -49.79 6.11
N VAL B 400 18.26 -48.82 6.84
CA VAL B 400 19.56 -48.21 6.56
C VAL B 400 20.50 -48.54 7.72
N CYS B 401 21.64 -49.15 7.40
CA CYS B 401 22.60 -49.53 8.42
C CYS B 401 24.00 -49.56 7.80
N ALA B 402 24.99 -49.23 8.62
CA ALA B 402 26.38 -49.23 8.18
C ALA B 402 27.31 -49.50 9.36
N ARG B 406 26.54 -54.86 7.74
CA ARG B 406 25.33 -54.63 6.96
C ARG B 406 24.69 -55.95 6.56
N LYS B 407 23.45 -56.17 7.01
CA LYS B 407 22.74 -57.39 6.68
C LYS B 407 22.15 -57.31 5.27
N LYS B 408 21.58 -58.43 4.83
CA LYS B 408 20.98 -58.48 3.50
C LYS B 408 19.79 -57.55 3.40
N ASP B 409 19.64 -56.92 2.24
CA ASP B 409 18.54 -56.03 1.86
C ASP B 409 18.66 -54.67 2.54
N GLU B 410 19.61 -54.46 3.44
CA GLU B 410 19.80 -53.16 4.07
C GLU B 410 20.66 -52.27 3.18
N ILE B 411 20.26 -51.01 3.06
CA ILE B 411 20.97 -50.04 2.22
C ILE B 411 22.07 -49.39 3.05
N SER B 412 23.30 -49.46 2.56
CA SER B 412 24.41 -48.86 3.27
C SER B 412 24.26 -47.35 3.34
N VAL B 413 24.72 -46.77 4.45
CA VAL B 413 24.66 -45.32 4.61
C VAL B 413 25.49 -44.63 3.54
N ASP B 414 26.62 -45.22 3.15
CA ASP B 414 27.45 -44.64 2.10
C ASP B 414 26.70 -44.60 0.77
N SER B 415 25.81 -45.56 0.53
CA SER B 415 25.09 -45.61 -0.73
C SER B 415 24.03 -44.53 -0.85
N LEU B 416 23.70 -43.84 0.24
CA LEU B 416 22.66 -42.83 0.20
C LEU B 416 22.99 -41.74 -0.82
N ASP B 417 22.02 -41.40 -1.65
CA ASP B 417 22.17 -40.33 -2.63
C ASP B 417 21.55 -39.07 -2.05
N PHE B 418 22.39 -38.17 -1.54
CA PHE B 418 21.89 -36.96 -0.91
C PHE B 418 21.33 -35.96 -1.91
N ASN B 419 21.51 -36.19 -3.22
CA ASN B 419 20.87 -35.32 -4.20
C ASN B 419 19.37 -35.62 -4.30
N LYS B 420 18.96 -36.83 -3.94
CA LYS B 420 17.54 -37.22 -3.97
C LYS B 420 16.93 -36.87 -2.62
N LYS B 421 16.31 -35.69 -2.55
CA LYS B 421 15.72 -35.17 -1.32
C LYS B 421 14.21 -35.14 -1.46
N ILE B 422 13.51 -35.77 -0.51
CA ILE B 422 12.05 -35.63 -0.42
C ILE B 422 11.79 -34.53 0.59
N LEU B 423 11.73 -33.29 0.08
CA LEU B 423 11.54 -32.15 0.96
C LEU B 423 10.05 -31.89 1.23
N HIS B 424 9.21 -32.08 0.22
CA HIS B 424 7.81 -31.69 0.28
C HIS B 424 6.92 -32.93 0.24
N THR B 425 5.98 -33.00 1.18
CA THR B 425 5.03 -34.10 1.25
C THR B 425 3.68 -33.53 1.68
N ALA B 426 2.61 -34.25 1.32
CA ALA B 426 1.27 -33.83 1.68
C ALA B 426 0.42 -35.06 1.99
N TRP B 427 -0.47 -34.92 2.96
CA TRP B 427 -1.37 -36.00 3.37
C TRP B 427 -2.80 -35.59 3.07
N HIS B 428 -3.56 -36.50 2.49
CA HIS B 428 -4.95 -36.22 2.20
C HIS B 428 -5.68 -35.89 3.51
N PRO B 429 -6.48 -34.82 3.54
CA PRO B 429 -7.08 -34.41 4.82
C PRO B 429 -7.94 -35.48 5.46
N LYS B 430 -8.57 -36.35 4.68
CA LYS B 430 -9.49 -37.36 5.19
C LYS B 430 -8.95 -38.78 5.02
N GLU B 431 -8.63 -39.16 3.78
CA GLU B 431 -8.25 -40.53 3.49
C GLU B 431 -6.74 -40.74 3.68
N ASN B 432 -6.32 -42.00 3.54
CA ASN B 432 -4.91 -42.36 3.63
C ASN B 432 -4.28 -42.30 2.24
N ILE B 433 -4.23 -41.09 1.70
CA ILE B 433 -3.59 -40.80 0.43
C ILE B 433 -2.53 -39.73 0.67
N ILE B 434 -1.30 -40.03 0.29
CA ILE B 434 -0.17 -39.12 0.51
C ILE B 434 0.46 -38.79 -0.84
N ALA B 435 0.75 -37.50 -1.05
CA ALA B 435 1.46 -37.03 -2.22
C ALA B 435 2.89 -36.74 -1.83
N VAL B 436 3.83 -37.55 -2.31
CA VAL B 436 5.25 -37.41 -2.01
C VAL B 436 5.94 -36.89 -3.25
N ALA B 437 6.59 -35.73 -3.13
CA ALA B 437 7.25 -35.07 -4.25
C ALA B 437 8.75 -35.28 -4.14
N THR B 438 9.32 -35.99 -5.10
CA THR B 438 10.76 -36.11 -5.23
C THR B 438 11.30 -34.84 -5.91
N THR B 439 12.53 -34.89 -6.38
CA THR B 439 13.13 -33.72 -7.02
C THR B 439 12.23 -33.21 -8.15
N ASN B 440 11.80 -34.10 -9.04
CA ASN B 440 11.02 -33.69 -10.19
C ASN B 440 9.80 -34.57 -10.47
N ASN B 441 9.52 -35.57 -9.65
CA ASN B 441 8.37 -36.45 -9.84
C ASN B 441 7.46 -36.37 -8.62
N LEU B 442 6.15 -36.40 -8.86
CA LEU B 442 5.15 -36.42 -7.79
C LEU B 442 4.60 -37.83 -7.68
N TYR B 443 4.75 -38.43 -6.49
CA TYR B 443 4.27 -39.77 -6.21
C TYR B 443 3.03 -39.69 -5.34
N ILE B 444 1.99 -40.44 -5.71
CA ILE B 444 0.76 -40.54 -4.93
C ILE B 444 0.63 -41.98 -4.48
N PHE B 445 0.53 -42.18 -3.17
CA PHE B 445 0.37 -43.51 -2.59
C PHE B 445 -0.96 -43.58 -1.87
N GLN B 446 -1.53 -44.79 -1.81
CA GLN B 446 -2.82 -45.01 -1.19
C GLN B 446 -2.76 -46.22 -0.27
N ASP B 447 -3.62 -46.23 0.73
CA ASP B 447 -3.72 -47.36 1.63
C ASP B 447 -4.27 -48.58 0.88
N LYS B 448 -3.80 -49.76 1.28
CA LYS B 448 -4.26 -51.00 0.67
C LYS B 448 -5.67 -51.33 1.14
N VAL B 449 -6.66 -50.92 0.35
CA VAL B 449 -8.06 -51.19 0.71
C VAL B 449 -8.32 -52.68 0.72
N ASP C 4 0.16 30.07 -34.93
CA ASP C 4 0.02 30.83 -33.66
C ASP C 4 0.70 30.09 -32.51
N GLU C 5 1.53 30.81 -31.76
CA GLU C 5 2.22 30.23 -30.62
C GLU C 5 1.40 30.32 -29.33
N LYS C 6 0.51 31.31 -29.23
CA LYS C 6 -0.29 31.46 -28.02
C LYS C 6 -1.19 30.24 -27.80
N VAL C 7 -1.79 29.73 -28.87
CA VAL C 7 -2.69 28.59 -28.74
C VAL C 7 -1.94 27.38 -28.19
N PHE C 8 -0.73 27.12 -28.70
CA PHE C 8 0.06 26.03 -28.17
C PHE C 8 0.46 26.27 -26.72
N THR C 9 0.79 27.52 -26.39
CA THR C 9 1.18 27.83 -25.01
C THR C 9 0.05 27.50 -24.04
N LYS C 10 -1.18 27.88 -24.38
CA LYS C 10 -2.31 27.55 -23.52
C LYS C 10 -2.48 26.04 -23.41
N GLU C 11 -2.33 25.32 -24.52
CA GLU C 11 -2.38 23.86 -24.46
C GLU C 11 -1.24 23.32 -23.61
N LEU C 12 -0.04 23.90 -23.75
CA LEU C 12 1.10 23.45 -22.97
C LEU C 12 0.88 23.69 -21.48
N ASP C 13 0.30 24.84 -21.13
CA ASP C 13 -0.01 25.10 -19.73
C ASP C 13 -0.99 24.08 -19.17
N GLN C 14 -1.98 23.67 -19.98
CA GLN C 14 -2.91 22.64 -19.53
C GLN C 14 -2.18 21.34 -19.22
N TRP C 15 -1.20 20.98 -20.07
CA TRP C 15 -0.43 19.77 -19.81
C TRP C 15 0.31 19.85 -18.48
N ILE C 16 0.90 21.01 -18.19
CA ILE C 16 1.66 21.17 -16.95
C ILE C 16 0.74 20.96 -15.75
N GLU C 17 -0.44 21.56 -15.78
CA GLU C 17 -1.39 21.38 -14.68
C GLU C 17 -1.81 19.91 -14.57
N GLN C 18 -2.06 19.26 -15.70
CA GLN C 18 -2.41 17.84 -15.67
C GLN C 18 -1.26 17.01 -15.09
N LEU C 19 -0.03 17.29 -15.50
CA LEU C 19 1.11 16.54 -14.99
C LEU C 19 1.31 16.78 -13.50
N ASN C 20 1.10 18.01 -13.04
CA ASN C 20 1.24 18.31 -11.62
C ASN C 20 0.31 17.44 -10.78
N GLU C 21 -0.79 16.95 -11.36
CA GLU C 21 -1.70 16.04 -10.68
C GLU C 21 -1.27 14.58 -10.84
N CYS C 22 -0.12 14.33 -11.46
CA CYS C 22 0.39 12.98 -11.68
C CYS C 22 -0.45 12.23 -12.72
N LYS C 23 -0.97 12.95 -13.70
CA LYS C 23 -1.74 12.36 -14.78
C LYS C 23 -0.91 12.40 -16.06
N GLN C 24 -0.62 11.23 -16.61
CA GLN C 24 0.25 11.14 -17.77
C GLN C 24 -0.45 11.71 -19.01
N LEU C 25 0.35 12.34 -19.87
CA LEU C 25 -0.16 12.83 -21.14
C LEU C 25 -0.36 11.68 -22.11
N SER C 26 -1.19 11.92 -23.12
CA SER C 26 -1.44 10.92 -24.14
C SER C 26 -0.21 10.74 -25.03
N GLU C 27 -0.17 9.60 -25.73
CA GLU C 27 0.97 9.31 -26.59
C GLU C 27 1.15 10.38 -27.65
N SER C 28 0.05 10.83 -28.27
CA SER C 28 0.14 11.88 -29.27
C SER C 28 0.70 13.16 -28.66
N GLN C 29 0.24 13.53 -27.46
CA GLN C 29 0.75 14.72 -26.80
C GLN C 29 2.24 14.58 -26.49
N VAL C 30 2.65 13.41 -26.00
CA VAL C 30 4.06 13.20 -25.70
C VAL C 30 4.90 13.32 -26.97
N LYS C 31 4.43 12.74 -28.07
CA LYS C 31 5.17 12.84 -29.32
C LYS C 31 5.33 14.30 -29.76
N SER C 32 4.25 15.08 -29.67
CA SER C 32 4.34 16.48 -30.01
C SER C 32 5.27 17.23 -29.05
N LEU C 33 5.19 16.90 -27.76
CA LEU C 33 6.03 17.59 -26.77
C LEU C 33 7.50 17.34 -27.04
N CYS C 34 7.88 16.10 -27.32
CA CYS C 34 9.29 15.78 -27.55
C CYS C 34 9.83 16.53 -28.76
N GLU C 35 9.04 16.58 -29.84
CA GLU C 35 9.50 17.29 -31.03
C GLU C 35 9.81 18.75 -30.73
N LYS C 36 8.93 19.41 -29.98
CA LYS C 36 9.19 20.80 -29.59
C LYS C 36 10.46 20.89 -28.76
N ALA C 37 10.65 19.95 -27.83
CA ALA C 37 11.82 19.98 -26.96
C ALA C 37 13.10 19.86 -27.76
N LYS C 38 13.12 18.99 -28.77
CA LYS C 38 14.31 18.82 -29.60
C LYS C 38 14.72 20.14 -30.24
N GLU C 39 13.76 20.90 -30.75
CA GLU C 39 14.07 22.17 -31.38
C GLU C 39 14.77 23.11 -30.41
N ILE C 40 14.41 23.05 -29.13
CA ILE C 40 15.01 23.93 -28.13
C ILE C 40 16.35 23.37 -27.67
N LEU C 41 16.40 22.08 -27.35
CA LEU C 41 17.62 21.49 -26.81
C LEU C 41 18.75 21.49 -27.84
N THR C 42 18.44 21.27 -29.12
CA THR C 42 19.48 21.22 -30.13
C THR C 42 20.24 22.53 -30.25
N LYS C 43 19.64 23.64 -29.81
CA LYS C 43 20.30 24.94 -29.87
C LYS C 43 21.19 25.20 -28.65
N GLU C 44 21.12 24.36 -27.63
CA GLU C 44 21.92 24.56 -26.43
C GLU C 44 23.27 23.87 -26.55
N SER C 45 24.30 24.51 -26.00
CA SER C 45 25.65 24.01 -26.10
C SER C 45 25.88 22.85 -25.15
N ASN C 46 26.99 22.13 -25.36
CA ASN C 46 27.37 21.07 -24.44
C ASN C 46 27.59 21.60 -23.04
N VAL C 47 28.20 22.78 -22.92
CA VAL C 47 28.33 23.46 -21.64
C VAL C 47 27.36 24.63 -21.65
N GLN C 48 26.15 24.39 -21.17
CA GLN C 48 25.09 25.40 -21.23
C GLN C 48 25.34 26.47 -20.18
N GLU C 49 25.34 27.73 -20.62
CA GLU C 49 25.49 28.83 -19.69
C GLU C 49 24.20 29.06 -18.92
N VAL C 50 24.30 29.14 -17.60
CA VAL C 50 23.15 29.39 -16.73
C VAL C 50 23.42 30.66 -15.96
N ARG C 51 22.40 31.51 -15.83
CA ARG C 51 22.50 32.80 -15.19
C ARG C 51 21.86 32.75 -13.81
N CYS C 52 22.59 33.23 -12.80
CA CYS C 52 22.06 33.28 -11.46
C CYS C 52 20.93 34.31 -11.38
N PRO C 53 20.04 34.17 -10.40
CA PRO C 53 19.96 33.12 -9.38
C PRO C 53 19.34 31.84 -9.92
N VAL C 54 19.70 30.68 -9.37
CA VAL C 54 19.16 29.41 -9.85
C VAL C 54 19.26 28.40 -8.71
N THR C 55 18.31 27.46 -8.68
CA THR C 55 18.31 26.38 -7.72
C THR C 55 18.81 25.12 -8.41
N VAL C 56 19.86 24.52 -7.86
CA VAL C 56 20.49 23.34 -8.45
C VAL C 56 19.94 22.10 -7.76
N CYS C 57 19.41 21.18 -8.55
CA CYS C 57 18.78 19.97 -8.03
C CYS C 57 19.48 18.74 -8.59
N GLY C 58 19.55 17.70 -7.78
CA GLY C 58 20.21 16.46 -8.14
C GLY C 58 19.24 15.46 -8.74
N ASP C 59 19.53 14.18 -8.51
CA ASP C 59 18.71 13.12 -9.07
C ASP C 59 17.34 13.09 -8.42
N VAL C 60 16.32 12.84 -9.24
CA VAL C 60 14.97 12.60 -8.77
C VAL C 60 14.54 11.16 -9.03
N HIS C 61 14.97 10.58 -10.16
CA HIS C 61 14.73 9.18 -10.48
C HIS C 61 13.24 8.83 -10.40
N GLY C 62 12.44 9.60 -11.11
CA GLY C 62 11.04 9.26 -11.27
C GLY C 62 10.24 9.26 -9.99
N GLN C 63 10.75 9.86 -8.92
CA GLN C 63 10.01 9.98 -7.68
C GLN C 63 9.18 11.26 -7.76
N PHE C 64 8.02 11.14 -8.41
CA PHE C 64 7.22 12.32 -8.71
C PHE C 64 6.75 13.02 -7.44
N HIS C 65 6.27 12.26 -6.45
CA HIS C 65 5.77 12.87 -5.22
C HIS C 65 6.87 13.62 -4.50
N ASP C 66 8.12 13.18 -4.63
CA ASP C 66 9.23 13.94 -4.09
C ASP C 66 9.56 15.15 -4.94
N LEU C 67 9.37 15.05 -6.26
CA LEU C 67 9.55 16.22 -7.12
C LEU C 67 8.56 17.32 -6.75
N MET C 68 7.32 16.94 -6.45
CA MET C 68 6.36 17.92 -5.95
C MET C 68 6.82 18.51 -4.62
N GLU C 69 7.41 17.67 -3.76
CA GLU C 69 7.99 18.18 -2.52
C GLU C 69 9.11 19.18 -2.82
N LEU C 70 9.93 18.89 -3.82
CA LEU C 70 11.01 19.80 -4.17
C LEU C 70 10.47 21.17 -4.55
N PHE C 71 9.41 21.20 -5.37
CA PHE C 71 8.82 22.47 -5.76
C PHE C 71 8.21 23.20 -4.56
N ARG C 72 7.57 22.45 -3.65
CA ARG C 72 7.00 23.07 -2.47
C ARG C 72 8.05 23.74 -1.61
N ILE C 73 9.31 23.35 -1.73
CA ILE C 73 10.40 23.93 -0.95
C ILE C 73 11.16 24.97 -1.74
N GLY C 74 11.62 24.62 -2.95
CA GLY C 74 12.31 25.58 -3.79
C GLY C 74 11.40 26.59 -4.45
N GLY C 75 10.12 26.27 -4.59
CA GLY C 75 9.17 27.13 -5.26
C GLY C 75 8.63 26.50 -6.54
N LYS C 76 7.69 27.20 -7.14
CA LYS C 76 7.03 26.75 -8.36
C LYS C 76 7.66 27.44 -9.57
N SER C 77 7.94 26.67 -10.61
CA SER C 77 8.36 27.26 -11.86
C SER C 77 7.18 28.00 -12.50
N PRO C 78 7.44 29.13 -13.18
CA PRO C 78 8.73 29.76 -13.49
C PRO C 78 9.21 30.74 -12.42
N ASP C 79 8.56 30.81 -11.26
CA ASP C 79 8.98 31.76 -10.25
C ASP C 79 10.41 31.49 -9.81
N THR C 80 10.75 30.22 -9.63
CA THR C 80 12.10 29.82 -9.22
C THR C 80 12.81 29.17 -10.41
N ASN C 81 14.03 29.62 -10.68
CA ASN C 81 14.85 29.02 -11.71
C ASN C 81 15.46 27.73 -11.18
N TYR C 82 15.40 26.67 -11.98
CA TYR C 82 15.87 25.35 -11.57
C TYR C 82 16.92 24.85 -12.55
N LEU C 83 17.76 23.94 -12.05
CA LEU C 83 18.80 23.29 -12.85
C LEU C 83 18.89 21.85 -12.37
N PHE C 84 18.28 20.94 -13.12
CA PHE C 84 18.28 19.51 -12.77
C PHE C 84 19.45 18.84 -13.47
N MET C 85 20.28 18.14 -12.70
CA MET C 85 21.48 17.51 -13.22
C MET C 85 21.26 16.03 -13.58
N GLY C 86 20.25 15.77 -14.41
CA GLY C 86 20.06 14.45 -14.97
C GLY C 86 19.40 13.46 -14.03
N ASP C 87 19.27 12.23 -14.52
CA ASP C 87 18.64 11.12 -13.80
C ASP C 87 17.21 11.48 -13.38
N TYR C 88 16.37 11.68 -14.39
CA TYR C 88 14.96 11.97 -14.15
C TYR C 88 14.08 10.73 -14.16
N VAL C 89 14.62 9.58 -14.56
CA VAL C 89 13.84 8.38 -14.78
C VAL C 89 14.51 7.21 -14.05
N ASP C 90 13.92 6.02 -14.19
CA ASP C 90 14.45 4.79 -13.62
C ASP C 90 14.35 4.80 -12.11
N ARG C 91 14.23 3.61 -11.52
CA ARG C 91 14.21 3.45 -10.06
C ARG C 91 13.15 4.35 -9.42
N GLY C 92 11.97 4.40 -10.03
CA GLY C 92 10.87 5.18 -9.50
C GLY C 92 9.56 4.70 -10.06
N TYR C 93 8.48 5.00 -9.34
CA TYR C 93 7.15 4.58 -9.74
C TYR C 93 6.52 5.51 -10.77
N TYR C 94 7.05 6.71 -10.95
CA TYR C 94 6.44 7.73 -11.80
C TYR C 94 7.48 8.38 -12.70
N SER C 95 8.30 7.54 -13.36
CA SER C 95 9.31 8.06 -14.27
C SER C 95 8.66 8.82 -15.43
N VAL C 96 7.56 8.30 -15.97
CA VAL C 96 6.91 8.94 -17.10
C VAL C 96 6.44 10.34 -16.73
N GLU C 97 5.72 10.45 -15.61
CA GLU C 97 5.23 11.76 -15.19
C GLU C 97 6.38 12.69 -14.83
N THR C 98 7.41 12.16 -14.17
CA THR C 98 8.54 12.99 -13.77
C THR C 98 9.24 13.58 -14.98
N VAL C 99 9.63 12.74 -15.95
CA VAL C 99 10.34 13.25 -17.12
C VAL C 99 9.42 14.11 -17.97
N THR C 100 8.17 13.68 -18.12
CA THR C 100 7.23 14.45 -18.94
C THR C 100 7.03 15.85 -18.37
N LEU C 101 6.89 15.96 -17.05
CA LEU C 101 6.70 17.27 -16.43
C LEU C 101 7.93 18.15 -16.64
N LEU C 102 9.13 17.59 -16.43
CA LEU C 102 10.34 18.37 -16.58
C LEU C 102 10.52 18.83 -18.03
N VAL C 103 10.27 17.94 -18.99
CA VAL C 103 10.34 18.32 -20.39
C VAL C 103 9.30 19.39 -20.71
N ALA C 104 8.09 19.23 -20.18
CA ALA C 104 7.04 20.21 -20.42
C ALA C 104 7.45 21.58 -19.89
N LEU C 105 8.03 21.64 -18.70
CA LEU C 105 8.50 22.91 -18.16
C LEU C 105 9.60 23.50 -19.04
N LYS C 106 10.52 22.66 -19.52
CA LYS C 106 11.60 23.15 -20.37
C LYS C 106 11.05 23.76 -21.65
N VAL C 107 10.07 23.12 -22.28
CA VAL C 107 9.46 23.68 -23.48
C VAL C 107 8.75 24.99 -23.14
N ARG C 108 7.99 24.99 -22.04
CA ARG C 108 7.23 26.18 -21.68
C ARG C 108 8.15 27.32 -21.24
N TYR C 109 9.15 27.01 -20.40
CA TYR C 109 9.99 28.04 -19.79
C TYR C 109 11.46 27.77 -20.05
N ARG C 110 11.84 27.53 -21.31
CA ARG C 110 13.20 27.19 -21.68
C ARG C 110 14.24 28.02 -20.93
N GLU C 111 13.96 29.30 -20.71
CA GLU C 111 14.91 30.17 -20.05
C GLU C 111 14.92 30.02 -18.53
N ARG C 112 13.89 29.41 -17.95
CA ARG C 112 13.76 29.32 -16.50
C ARG C 112 14.28 28.01 -15.94
N ILE C 113 14.15 26.91 -16.66
CA ILE C 113 14.52 25.58 -16.18
C ILE C 113 15.55 24.99 -17.15
N THR C 114 16.64 24.48 -16.61
CA THR C 114 17.68 23.82 -17.38
C THR C 114 17.76 22.36 -16.94
N ILE C 115 17.67 21.45 -17.90
CA ILE C 115 17.73 20.02 -17.64
C ILE C 115 18.96 19.47 -18.33
N LEU C 116 19.85 18.87 -17.55
CA LEU C 116 21.08 18.26 -18.06
C LEU C 116 20.89 16.76 -18.20
N ARG C 117 21.82 16.13 -18.92
CA ARG C 117 21.76 14.71 -19.16
C ARG C 117 22.45 13.94 -18.04
N GLY C 118 21.76 12.92 -17.53
CA GLY C 118 22.32 12.01 -16.56
C GLY C 118 22.64 10.67 -17.22
N ASN C 119 23.36 9.83 -16.47
CA ASN C 119 23.75 8.54 -16.99
C ASN C 119 22.55 7.63 -17.24
N HIS C 120 21.42 7.90 -16.59
CA HIS C 120 20.20 7.13 -16.82
C HIS C 120 19.39 7.64 -18.01
N GLU C 121 19.76 8.77 -18.60
CA GLU C 121 19.10 9.26 -19.81
C GLU C 121 19.70 8.58 -21.03
N SER C 122 19.54 7.26 -21.06
CA SER C 122 20.14 6.42 -22.09
C SER C 122 19.18 5.30 -22.44
N ARG C 123 19.31 4.77 -23.66
CA ARG C 123 18.44 3.68 -24.09
C ARG C 123 18.74 2.39 -23.35
N GLN C 124 20.02 2.04 -23.20
CA GLN C 124 20.39 0.75 -22.64
C GLN C 124 19.99 0.67 -21.18
N ILE C 125 20.35 1.67 -20.38
CA ILE C 125 20.11 1.60 -18.94
C ILE C 125 18.63 1.70 -18.63
N THR C 126 17.88 2.53 -19.36
CA THR C 126 16.46 2.66 -19.10
C THR C 126 15.74 1.33 -19.23
N GLN C 127 16.21 0.45 -20.12
CA GLN C 127 15.62 -0.87 -20.26
C GLN C 127 15.92 -1.77 -19.07
N VAL C 128 16.82 -1.38 -18.19
CA VAL C 128 17.22 -2.19 -17.05
C VAL C 128 16.47 -1.78 -15.79
N TYR C 129 16.30 -0.47 -15.57
CA TYR C 129 15.82 0.05 -14.30
C TYR C 129 14.38 0.59 -14.39
N GLY C 130 13.56 0.02 -15.25
CA GLY C 130 12.12 0.15 -15.15
C GLY C 130 11.49 1.22 -16.03
N PHE C 131 12.25 2.18 -16.54
CA PHE C 131 11.65 3.23 -17.34
C PHE C 131 11.01 2.65 -18.60
N TYR C 132 11.70 1.73 -19.26
CA TYR C 132 11.12 1.07 -20.43
C TYR C 132 9.84 0.33 -20.06
N ASP C 133 9.87 -0.42 -18.96
CA ASP C 133 8.69 -1.16 -18.54
C ASP C 133 7.54 -0.21 -18.19
N GLU C 134 7.85 0.87 -17.47
CA GLU C 134 6.80 1.80 -17.07
C GLU C 134 6.10 2.42 -18.27
N CYS C 135 6.89 2.85 -19.27
CA CYS C 135 6.28 3.40 -20.48
C CYS C 135 5.44 2.36 -21.19
N LEU C 136 5.96 1.14 -21.31
CA LEU C 136 5.18 0.06 -21.94
C LEU C 136 3.93 -0.25 -21.12
N ARG C 137 4.07 -0.32 -19.79
CA ARG C 137 2.93 -0.65 -18.95
C ARG C 137 1.87 0.45 -18.99
N LYS C 138 2.30 1.71 -18.96
CA LYS C 138 1.37 2.84 -18.90
C LYS C 138 0.86 3.26 -20.27
N TYR C 139 1.38 2.69 -21.36
CA TYR C 139 0.90 3.00 -22.70
C TYR C 139 0.64 1.76 -23.55
N GLY C 140 1.18 0.60 -23.21
CA GLY C 140 1.01 -0.58 -24.02
C GLY C 140 1.90 -0.64 -25.24
N ASN C 141 2.77 0.34 -25.44
CA ASN C 141 3.64 0.38 -26.60
C ASN C 141 4.92 1.13 -26.22
N ALA C 142 5.97 0.89 -27.00
CA ALA C 142 7.28 1.46 -26.74
C ALA C 142 7.49 2.81 -27.42
N ASN C 143 6.47 3.35 -28.07
CA ASN C 143 6.64 4.63 -28.77
C ASN C 143 7.01 5.74 -27.80
N VAL C 144 6.34 5.81 -26.66
CA VAL C 144 6.63 6.85 -25.68
C VAL C 144 8.07 6.73 -25.19
N TRP C 145 8.51 5.51 -24.89
CA TRP C 145 9.89 5.31 -24.50
C TRP C 145 10.85 5.73 -25.61
N LYS C 146 10.51 5.37 -26.85
CA LYS C 146 11.35 5.74 -27.98
C LYS C 146 11.46 7.25 -28.11
N TYR C 147 10.33 7.96 -27.95
CA TYR C 147 10.35 9.41 -28.09
C TYR C 147 11.28 10.05 -27.08
N PHE C 148 11.13 9.71 -25.79
CA PHE C 148 11.94 10.33 -24.76
C PHE C 148 13.42 10.00 -24.96
N THR C 149 13.73 8.74 -25.26
CA THR C 149 15.13 8.35 -25.43
C THR C 149 15.78 9.14 -26.56
N ASP C 150 15.05 9.36 -27.65
CA ASP C 150 15.57 10.21 -28.72
C ASP C 150 15.81 11.62 -28.22
N LEU C 151 14.88 12.14 -27.40
CA LEU C 151 15.03 13.47 -26.85
C LEU C 151 16.25 13.56 -25.94
N PHE C 152 16.53 12.51 -25.17
CA PHE C 152 17.65 12.54 -24.24
C PHE C 152 18.96 12.88 -24.94
N ASP C 153 19.10 12.47 -26.20
CA ASP C 153 20.33 12.71 -26.93
C ASP C 153 20.65 14.19 -27.05
N TYR C 154 19.64 15.06 -27.00
CA TYR C 154 19.85 16.49 -27.14
C TYR C 154 20.09 17.20 -25.82
N LEU C 155 19.98 16.50 -24.69
CA LEU C 155 20.17 17.13 -23.40
C LEU C 155 21.60 17.61 -23.25
N PRO C 156 21.84 18.84 -22.80
CA PRO C 156 23.21 19.30 -22.57
C PRO C 156 23.92 18.41 -21.56
N LEU C 157 25.22 18.20 -21.78
CA LEU C 157 26.00 17.35 -20.89
C LEU C 157 26.28 18.05 -19.57
N THR C 158 26.61 19.33 -19.61
CA THR C 158 27.01 20.08 -18.43
C THR C 158 26.46 21.49 -18.52
N ALA C 159 26.55 22.20 -17.38
CA ALA C 159 26.13 23.59 -17.30
C ALA C 159 27.18 24.40 -16.56
N LEU C 160 27.24 25.69 -16.88
CA LEU C 160 28.16 26.63 -16.25
C LEU C 160 27.36 27.80 -15.70
N VAL C 161 27.48 28.03 -14.40
CA VAL C 161 26.69 29.05 -13.72
C VAL C 161 27.61 30.25 -13.46
N ASP C 162 27.39 31.33 -14.19
CA ASP C 162 28.18 32.56 -14.08
C ASP C 162 29.67 32.31 -14.24
N GLY C 163 30.05 31.25 -14.94
CA GLY C 163 31.45 30.98 -15.17
C GLY C 163 32.26 30.73 -13.92
N GLN C 164 31.61 30.34 -12.82
CA GLN C 164 32.31 30.09 -11.56
C GLN C 164 31.96 28.73 -11.00
N ILE C 165 30.74 28.27 -11.25
CA ILE C 165 30.25 26.98 -10.76
C ILE C 165 29.95 26.10 -11.96
N PHE C 166 30.56 24.91 -11.99
CA PHE C 166 30.40 23.97 -13.08
C PHE C 166 29.50 22.84 -12.61
N CYS C 167 28.36 22.66 -13.28
CA CYS C 167 27.36 21.68 -12.89
C CYS C 167 27.33 20.56 -13.93
N LEU C 168 27.49 19.33 -13.47
CA LEU C 168 27.40 18.16 -14.32
C LEU C 168 26.89 16.99 -13.48
N HIS C 169 26.28 16.01 -14.14
CA HIS C 169 25.72 14.88 -13.41
C HIS C 169 26.80 14.06 -12.73
N GLY C 170 27.84 13.68 -13.47
CA GLY C 170 28.88 12.82 -12.95
C GLY C 170 30.05 13.57 -12.38
N GLY C 171 31.20 13.45 -13.03
CA GLY C 171 32.41 14.10 -12.56
C GLY C 171 33.38 14.42 -13.68
N LEU C 172 34.64 14.67 -13.33
CA LEU C 172 35.64 15.01 -14.32
C LEU C 172 36.08 13.77 -15.08
N SER C 173 36.78 14.01 -16.19
CA SER C 173 37.22 12.94 -17.08
C SER C 173 38.71 13.03 -17.35
N PRO C 174 39.42 11.91 -17.46
CA PRO C 174 40.84 11.98 -17.84
C PRO C 174 41.06 12.63 -19.19
N SER C 175 40.15 12.43 -20.14
CA SER C 175 40.28 12.99 -21.47
C SER C 175 39.90 14.47 -21.53
N ILE C 176 39.32 15.01 -20.46
CA ILE C 176 38.85 16.38 -20.44
C ILE C 176 39.67 17.15 -19.40
N ASP C 177 40.29 18.26 -19.83
CA ASP C 177 41.03 19.13 -18.93
C ASP C 177 40.49 20.54 -18.89
N THR C 178 39.76 20.98 -19.91
CA THR C 178 39.21 22.33 -19.97
C THR C 178 37.81 22.27 -20.55
N LEU C 179 37.01 23.30 -20.26
CA LEU C 179 35.65 23.34 -20.78
C LEU C 179 35.64 23.34 -22.31
N ASP C 180 36.71 23.80 -22.94
CA ASP C 180 36.78 23.80 -24.40
C ASP C 180 36.67 22.37 -24.94
N HIS C 181 37.33 21.41 -24.28
CA HIS C 181 37.22 20.03 -24.71
C HIS C 181 35.78 19.54 -24.64
N ILE C 182 35.05 19.93 -23.60
CA ILE C 182 33.66 19.51 -23.46
C ILE C 182 32.84 20.02 -24.63
N ARG C 183 33.02 21.30 -24.98
CA ARG C 183 32.27 21.86 -26.10
C ARG C 183 32.57 21.14 -27.41
N ALA C 184 33.73 20.51 -27.51
CA ALA C 184 34.10 19.81 -28.74
C ALA C 184 33.38 18.47 -28.89
N LEU C 185 32.84 17.93 -27.81
CA LEU C 185 32.20 16.62 -27.87
C LEU C 185 30.93 16.67 -28.72
N ASP C 186 30.65 15.56 -29.39
CA ASP C 186 29.40 15.37 -30.10
C ASP C 186 28.43 14.63 -29.17
N ARG C 187 27.55 15.37 -28.51
CA ARG C 187 26.66 14.79 -27.51
C ARG C 187 25.39 14.21 -28.10
N LEU C 188 25.10 14.47 -29.37
CA LEU C 188 23.84 14.02 -29.96
C LEU C 188 23.92 12.55 -30.35
N GLN C 189 24.19 11.69 -29.37
CA GLN C 189 24.35 10.26 -29.61
C GLN C 189 24.01 9.50 -28.33
N GLU C 190 23.89 8.19 -28.47
CA GLU C 190 23.71 7.35 -27.29
C GLU C 190 24.94 7.45 -26.39
N VAL C 191 24.73 7.38 -25.08
CA VAL C 191 25.81 7.53 -24.13
C VAL C 191 26.83 6.43 -24.36
N PRO C 192 28.08 6.75 -24.69
CA PRO C 192 29.07 5.69 -24.88
C PRO C 192 29.42 4.99 -23.58
N HIS C 193 29.97 3.78 -23.71
CA HIS C 193 30.51 3.05 -22.58
C HIS C 193 31.94 3.45 -22.25
N GLU C 194 32.56 4.28 -23.08
CA GLU C 194 33.92 4.75 -22.84
C GLU C 194 34.06 6.14 -23.44
N GLY C 195 35.10 6.86 -23.01
CA GLY C 195 35.41 8.15 -23.56
C GLY C 195 34.93 9.30 -22.70
N PRO C 196 35.18 10.53 -23.17
CA PRO C 196 34.83 11.70 -22.36
C PRO C 196 33.37 11.79 -22.01
N MET C 197 32.48 11.47 -22.95
CA MET C 197 31.05 11.60 -22.69
C MET C 197 30.57 10.63 -21.62
N CYS C 198 31.15 9.43 -21.58
CA CYS C 198 30.77 8.47 -20.56
C CYS C 198 31.26 8.90 -19.19
N ASP C 199 32.49 9.41 -19.11
CA ASP C 199 33.08 9.80 -17.84
C ASP C 199 32.29 10.93 -17.19
N LEU C 200 31.88 11.92 -17.99
CA LEU C 200 31.17 13.07 -17.43
C LEU C 200 29.90 12.66 -16.72
N LEU C 201 29.32 11.51 -17.06
CA LEU C 201 28.07 11.07 -16.48
C LEU C 201 28.24 9.93 -15.48
N TRP C 202 29.40 9.28 -15.44
CA TRP C 202 29.63 8.14 -14.57
C TRP C 202 30.72 8.34 -13.53
N SER C 203 31.57 9.35 -13.68
CA SER C 203 32.68 9.54 -12.75
C SER C 203 32.17 10.03 -11.40
N ASP C 204 32.84 9.58 -10.34
CA ASP C 204 32.53 9.98 -8.97
C ASP C 204 33.79 10.40 -8.25
N PRO C 205 33.68 11.32 -7.29
CA PRO C 205 34.85 11.65 -6.46
C PRO C 205 35.08 10.59 -5.40
N ASP C 206 36.29 10.61 -4.85
CA ASP C 206 36.65 9.65 -3.81
C ASP C 206 37.83 10.20 -3.02
N ASP C 207 38.02 9.63 -1.83
CA ASP C 207 39.12 10.05 -0.97
C ASP C 207 40.47 9.74 -1.60
N ARG C 208 40.58 8.58 -2.26
CA ARG C 208 41.83 8.16 -2.89
C ARG C 208 42.34 9.26 -3.81
N GLY C 209 43.65 9.24 -4.10
CA GLY C 209 44.25 10.25 -4.94
C GLY C 209 44.33 9.83 -6.40
N GLY C 210 44.27 10.82 -7.28
CA GLY C 210 44.35 10.55 -8.70
C GLY C 210 43.11 9.82 -9.21
N TRP C 211 43.27 9.19 -10.37
CA TRP C 211 42.19 8.44 -10.97
C TRP C 211 42.13 7.03 -10.37
N GLY C 212 41.00 6.37 -10.58
CA GLY C 212 40.80 5.04 -10.04
C GLY C 212 39.73 4.29 -10.80
N ILE C 213 39.58 3.02 -10.43
CA ILE C 213 38.58 2.17 -11.06
C ILE C 213 37.23 2.41 -10.40
N SER C 214 36.24 2.78 -11.19
CA SER C 214 34.91 3.06 -10.67
C SER C 214 34.18 1.75 -10.39
N PRO C 215 33.66 1.54 -9.17
CA PRO C 215 32.90 0.29 -8.92
C PRO C 215 31.65 0.16 -9.77
N ARG C 216 31.15 1.27 -10.33
CA ARG C 216 29.97 1.21 -11.18
C ARG C 216 30.21 0.43 -12.46
N GLY C 217 31.47 0.16 -12.79
CA GLY C 217 31.80 -0.47 -14.05
C GLY C 217 31.92 0.47 -15.22
N ALA C 218 31.70 1.77 -15.00
CA ALA C 218 31.89 2.77 -16.05
C ALA C 218 32.36 4.05 -15.40
N GLY C 219 32.97 4.91 -16.22
CA GLY C 219 33.53 6.14 -15.69
C GLY C 219 34.80 5.89 -14.90
N TYR C 220 35.27 6.95 -14.25
CA TYR C 220 36.49 6.91 -13.46
C TYR C 220 36.25 7.56 -12.10
N THR C 221 37.00 7.08 -11.11
CA THR C 221 36.97 7.66 -9.78
C THR C 221 38.17 8.60 -9.64
N PHE C 222 37.90 9.88 -9.39
CA PHE C 222 38.93 10.91 -9.36
C PHE C 222 39.07 11.44 -7.94
N GLY C 223 40.32 11.62 -7.50
CA GLY C 223 40.60 12.14 -6.18
C GLY C 223 40.62 13.66 -6.13
N GLN C 224 40.95 14.18 -4.96
CA GLN C 224 41.02 15.63 -4.77
C GLN C 224 42.07 16.27 -5.66
N ASP C 225 43.07 15.50 -6.09
CA ASP C 225 44.12 16.07 -6.93
C ASP C 225 43.55 16.57 -8.25
N ILE C 226 42.66 15.79 -8.87
CA ILE C 226 42.09 16.18 -10.16
C ILE C 226 41.20 17.41 -9.99
N SER C 227 40.38 17.43 -8.94
CA SER C 227 39.43 18.53 -8.78
C SER C 227 40.14 19.86 -8.63
N GLU C 228 41.21 19.90 -7.83
CA GLU C 228 41.94 21.14 -7.64
C GLU C 228 42.55 21.63 -8.95
N THR C 229 43.12 20.71 -9.74
CA THR C 229 43.67 21.10 -11.03
C THR C 229 42.60 21.61 -11.97
N PHE C 230 41.45 20.94 -12.02
CA PHE C 230 40.40 21.33 -12.96
C PHE C 230 39.86 22.71 -12.63
N ASN C 231 39.63 23.00 -11.34
CA ASN C 231 39.11 24.31 -10.96
C ASN C 231 40.10 25.41 -11.31
N HIS C 232 41.39 25.20 -11.00
CA HIS C 232 42.39 26.22 -11.29
C HIS C 232 42.54 26.44 -12.78
N ALA C 233 42.52 25.36 -13.57
CA ALA C 233 42.70 25.49 -15.01
C ALA C 233 41.58 26.30 -15.64
N ASN C 234 40.34 26.05 -15.23
CA ASN C 234 39.18 26.71 -15.80
C ASN C 234 38.68 27.88 -14.96
N GLY C 235 39.36 28.21 -13.86
CA GLY C 235 38.90 29.29 -13.01
C GLY C 235 37.52 29.05 -12.44
N LEU C 236 37.25 27.84 -11.97
CA LEU C 236 35.95 27.47 -11.42
C LEU C 236 36.00 27.54 -9.91
N THR C 237 35.04 28.25 -9.31
CA THR C 237 34.97 28.32 -7.86
C THR C 237 34.51 27.01 -7.25
N LEU C 238 33.63 26.28 -7.95
CA LEU C 238 33.05 25.06 -7.41
C LEU C 238 32.64 24.15 -8.56
N VAL C 239 32.51 22.87 -8.26
CA VAL C 239 32.05 21.86 -9.22
C VAL C 239 30.88 21.14 -8.56
N SER C 240 29.67 21.62 -8.81
CA SER C 240 28.47 20.96 -8.32
C SER C 240 28.20 19.70 -9.13
N ARG C 241 27.78 18.63 -8.46
CA ARG C 241 27.56 17.36 -9.12
C ARG C 241 26.39 16.63 -8.47
N ALA C 242 26.12 15.44 -9.01
CA ALA C 242 25.03 14.57 -8.60
C ALA C 242 25.50 13.14 -8.83
N HIS C 243 24.57 12.21 -8.96
CA HIS C 243 24.81 10.84 -9.40
C HIS C 243 25.28 9.92 -8.27
N GLN C 244 25.49 10.44 -7.06
CA GLN C 244 25.96 9.62 -5.94
C GLN C 244 25.04 9.85 -4.76
N LEU C 245 24.54 8.76 -4.17
CA LEU C 245 23.65 8.87 -3.03
C LEU C 245 24.41 9.42 -1.82
N VAL C 246 23.86 10.46 -1.21
CA VAL C 246 24.42 11.07 -0.01
C VAL C 246 23.32 11.14 1.04
N MET C 247 23.61 10.67 2.25
CA MET C 247 22.58 10.52 3.26
C MET C 247 22.00 11.86 3.67
N GLU C 248 22.84 12.90 3.76
CA GLU C 248 22.41 14.20 4.22
C GLU C 248 21.86 15.08 3.11
N GLY C 249 21.77 14.59 1.90
CA GLY C 249 21.26 15.35 0.76
C GLY C 249 22.36 16.07 -0.01
N TYR C 250 23.28 16.71 0.70
CA TYR C 250 24.45 17.32 0.10
C TYR C 250 25.69 16.93 0.88
N ASN C 251 26.80 16.80 0.18
CA ASN C 251 28.03 16.31 0.80
C ASN C 251 29.22 17.00 0.13
N TRP C 252 29.85 17.92 0.85
CA TRP C 252 31.08 18.53 0.37
C TRP C 252 32.21 17.50 0.37
N CYS C 253 33.12 17.65 -0.59
CA CYS C 253 34.25 16.74 -0.69
C CYS C 253 35.40 17.45 -1.39
N HIS C 254 36.59 16.86 -1.27
CA HIS C 254 37.79 17.38 -1.92
C HIS C 254 38.05 18.83 -1.51
N ASP C 255 38.04 19.06 -0.19
CA ASP C 255 38.31 20.39 0.37
C ASP C 255 37.35 21.43 -0.21
N ARG C 256 36.07 21.07 -0.29
CA ARG C 256 35.02 21.97 -0.77
C ARG C 256 35.22 22.39 -2.22
N ASN C 257 36.00 21.62 -2.98
CA ASN C 257 36.10 21.86 -4.42
C ASN C 257 34.97 21.20 -5.18
N VAL C 258 34.33 20.17 -4.62
CA VAL C 258 33.23 19.47 -5.26
C VAL C 258 32.13 19.26 -4.24
N VAL C 259 30.89 19.52 -4.64
CA VAL C 259 29.72 19.31 -3.81
C VAL C 259 28.76 18.39 -4.57
N THR C 260 28.26 17.37 -3.90
CA THR C 260 27.27 16.46 -4.46
C THR C 260 25.89 16.83 -3.94
N ILE C 261 24.92 16.96 -4.84
CA ILE C 261 23.55 17.26 -4.49
C ILE C 261 22.69 16.07 -4.94
N PHE C 262 21.89 15.54 -4.02
CA PHE C 262 20.98 14.44 -4.28
C PHE C 262 19.59 14.90 -3.88
N SER C 263 18.66 14.90 -4.85
CA SER C 263 17.33 15.47 -4.65
C SER C 263 16.24 14.42 -4.66
N ALA C 264 16.56 13.18 -4.27
CA ALA C 264 15.60 12.08 -4.20
C ALA C 264 15.58 11.56 -2.78
N PRO C 265 14.74 12.10 -1.91
CA PRO C 265 14.72 11.64 -0.51
C PRO C 265 14.21 10.22 -0.41
N ASN C 266 14.76 9.48 0.56
CA ASN C 266 14.45 8.07 0.74
C ASN C 266 14.60 7.34 -0.60
N TYR C 267 15.83 7.36 -1.11
CA TYR C 267 16.11 6.85 -2.44
C TYR C 267 15.63 5.41 -2.59
N CYS C 268 14.92 5.15 -3.68
CA CYS C 268 14.31 3.84 -3.96
C CYS C 268 13.32 3.45 -2.88
N TYR C 269 12.83 4.41 -2.10
CA TYR C 269 11.85 4.17 -1.05
C TYR C 269 12.38 3.26 0.04
N ARG C 270 13.69 3.07 0.10
CA ARG C 270 14.29 2.21 1.12
C ARG C 270 15.55 2.78 1.75
N CYS C 271 16.26 3.70 1.10
CA CYS C 271 17.52 4.18 1.65
C CYS C 271 17.30 5.08 2.87
N GLY C 272 16.20 5.82 2.90
CA GLY C 272 15.93 6.69 4.03
C GLY C 272 16.83 7.89 4.12
N ASN C 273 17.41 8.31 3.00
CA ASN C 273 18.32 9.45 2.99
C ASN C 273 17.55 10.76 2.95
N GLN C 274 18.25 11.84 3.24
CA GLN C 274 17.72 13.18 3.06
C GLN C 274 18.07 13.69 1.67
N ALA C 275 17.17 14.48 1.10
CA ALA C 275 17.40 15.15 -0.16
C ALA C 275 17.71 16.62 0.10
N ALA C 276 18.43 17.23 -0.85
CA ALA C 276 18.81 18.63 -0.72
C ALA C 276 18.87 19.26 -2.10
N ILE C 277 18.67 20.58 -2.14
CA ILE C 277 18.81 21.36 -3.35
C ILE C 277 19.64 22.59 -3.01
N MET C 278 20.63 22.88 -3.85
CA MET C 278 21.52 24.02 -3.62
C MET C 278 20.94 25.24 -4.33
N GLU C 279 20.67 26.29 -3.55
CA GLU C 279 20.14 27.54 -4.08
C GLU C 279 21.26 28.56 -4.19
N LEU C 280 21.43 29.12 -5.39
CA LEU C 280 22.45 30.11 -5.66
C LEU C 280 21.81 31.50 -5.62
N ASP C 281 22.29 32.34 -4.71
CA ASP C 281 21.73 33.67 -4.56
C ASP C 281 22.03 34.53 -5.79
N ASP C 282 21.44 35.72 -5.81
CA ASP C 282 21.71 36.66 -6.90
C ASP C 282 23.19 36.97 -7.00
N THR C 283 23.92 36.88 -5.89
CA THR C 283 25.34 37.15 -5.85
C THR C 283 26.18 35.88 -5.86
N LEU C 284 25.59 34.75 -6.22
CA LEU C 284 26.23 33.44 -6.38
C LEU C 284 26.44 32.74 -5.04
N LYS C 285 25.99 33.31 -3.92
CA LYS C 285 26.08 32.60 -2.65
C LYS C 285 25.21 31.36 -2.67
N TYR C 286 25.76 30.25 -2.18
CA TYR C 286 25.09 28.97 -2.23
C TYR C 286 24.52 28.61 -0.86
N SER C 287 23.26 28.18 -0.86
CA SER C 287 22.56 27.74 0.34
C SER C 287 21.87 26.41 0.06
N PHE C 288 21.91 25.51 1.03
CA PHE C 288 21.37 24.16 0.87
C PHE C 288 20.11 24.01 1.69
N LEU C 289 19.07 23.45 1.09
CA LEU C 289 17.80 23.19 1.74
C LEU C 289 17.55 21.69 1.74
N GLN C 290 17.73 21.05 2.89
CA GLN C 290 17.45 19.63 3.01
C GLN C 290 15.96 19.40 3.22
N PHE C 291 15.49 18.23 2.82
CA PHE C 291 14.08 17.90 3.02
C PHE C 291 13.91 16.39 2.99
N ASP C 292 12.77 15.94 3.51
CA ASP C 292 12.41 14.55 3.65
C ASP C 292 11.31 14.19 2.67
N PRO C 293 11.03 12.89 2.48
CA PRO C 293 9.98 12.50 1.54
C PRO C 293 8.63 13.08 1.94
N ALA C 294 7.85 13.46 0.94
CA ALA C 294 6.51 13.96 1.22
C ALA C 294 5.62 12.83 1.73
N PRO C 295 4.67 13.13 2.62
CA PRO C 295 3.75 12.09 3.07
C PRO C 295 2.91 11.55 1.91
N ARG C 296 2.89 10.23 1.77
CA ARG C 296 2.08 9.58 0.75
C ARG C 296 0.68 9.30 1.29
N ARG C 297 -0.30 9.38 0.40
CA ARG C 297 -1.67 9.05 0.77
C ARG C 297 -1.81 7.54 0.94
N GLY C 298 -2.43 7.13 2.04
CA GLY C 298 -2.58 5.70 2.31
C GLY C 298 -1.27 4.97 2.45
N GLU C 299 -0.30 5.58 3.11
CA GLU C 299 1.01 4.99 3.34
C GLU C 299 1.41 5.21 4.79
N PRO C 300 2.36 4.42 5.32
CA PRO C 300 3.19 3.41 4.64
C PRO C 300 2.42 2.18 4.17
N HIS C 301 2.94 1.50 3.15
CA HIS C 301 2.28 0.29 2.66
C HIS C 301 2.21 -0.77 3.75
N VAL C 302 3.30 -0.97 4.47
CA VAL C 302 3.35 -1.86 5.62
C VAL C 302 3.46 -0.98 6.86
N THR C 303 2.43 -1.04 7.71
CA THR C 303 2.30 -0.16 8.85
C THR C 303 2.18 -0.96 10.13
N ARG C 304 2.82 -0.47 11.19
CA ARG C 304 2.69 -1.08 12.50
C ARG C 304 1.48 -0.58 13.28
N ARG C 305 0.77 0.41 12.75
CA ARG C 305 -0.51 0.82 13.31
C ARG C 305 -1.62 -0.06 12.75
N THR C 306 -2.57 -0.41 13.61
CA THR C 306 -3.63 -1.32 13.19
C THR C 306 -4.39 -0.72 12.01
N PRO C 307 -4.54 -1.44 10.90
CA PRO C 307 -5.34 -0.92 9.79
C PRO C 307 -6.83 -0.98 10.09
N ASP C 308 -7.59 -0.31 9.22
CA ASP C 308 -9.04 -0.23 9.43
C ASP C 308 -9.69 -1.61 9.39
N TYR C 309 -9.26 -2.47 8.46
CA TYR C 309 -9.93 -3.75 8.29
C TYR C 309 -9.79 -4.63 9.52
N PHE C 310 -8.72 -4.46 10.30
CA PHE C 310 -8.46 -5.33 11.43
C PHE C 310 -8.95 -4.69 12.74
N LYS D 44 31.78 -22.37 16.49
CA LYS D 44 30.74 -23.09 15.76
C LYS D 44 30.51 -22.48 14.37
N PRO D 45 30.00 -23.28 13.44
CA PRO D 45 29.85 -22.79 12.06
C PRO D 45 28.67 -21.85 11.86
N GLY D 46 27.88 -21.57 12.89
CA GLY D 46 26.77 -20.65 12.76
C GLY D 46 27.20 -19.21 12.99
N GLY D 47 26.49 -18.51 13.87
CA GLY D 47 26.84 -17.13 14.20
C GLY D 47 26.01 -16.12 13.44
N SER D 48 26.25 -14.85 13.78
CA SER D 48 25.50 -13.76 13.17
C SER D 48 25.80 -13.64 11.69
N ASP D 49 27.09 -13.60 11.33
CA ASP D 49 27.46 -13.44 9.94
C ASP D 49 26.95 -14.60 9.09
N PHE D 50 26.85 -15.79 9.67
CA PHE D 50 26.31 -16.92 8.94
C PHE D 50 24.88 -16.66 8.50
N LEU D 51 24.04 -16.14 9.41
CA LEU D 51 22.67 -15.82 9.05
C LEU D 51 22.60 -14.69 8.03
N ARG D 52 23.40 -13.65 8.25
CA ARG D 52 23.33 -12.48 7.37
C ARG D 52 23.67 -12.85 5.93
N LYS D 53 24.70 -13.67 5.73
CA LYS D 53 25.07 -14.07 4.38
C LYS D 53 23.95 -14.86 3.71
N ARG D 54 23.20 -15.65 4.48
CA ARG D 54 22.08 -16.39 3.91
C ARG D 54 20.95 -15.43 3.53
N LEU D 55 20.76 -14.36 4.29
CA LEU D 55 19.77 -13.36 3.90
C LEU D 55 20.10 -12.76 2.56
N GLN D 56 21.37 -12.41 2.33
CA GLN D 56 21.82 -11.79 1.09
C GLN D 56 22.08 -12.87 0.04
N LYS D 57 21.00 -13.55 -0.37
CA LYS D 57 21.12 -14.59 -1.38
C LYS D 57 21.42 -13.98 -2.75
N GLY D 58 22.38 -14.55 -3.45
CA GLY D 58 22.73 -14.10 -4.78
C GLY D 58 23.70 -12.93 -4.80
N GLN D 59 23.20 -11.73 -4.51
CA GLN D 59 24.02 -10.52 -4.55
C GLN D 59 24.72 -10.39 -5.90
N LYS D 60 24.01 -10.79 -6.96
CA LYS D 60 24.66 -10.90 -8.26
C LYS D 60 25.10 -9.55 -8.80
N TYR D 61 24.26 -8.52 -8.66
CA TYR D 61 24.46 -7.26 -9.35
C TYR D 61 24.81 -6.14 -8.38
N PHE D 62 25.66 -5.24 -8.85
CA PHE D 62 26.04 -4.06 -8.07
C PHE D 62 24.86 -3.11 -7.95
N ASP D 63 24.70 -2.53 -6.76
CA ASP D 63 23.64 -1.56 -6.52
C ASP D 63 24.22 -0.29 -5.90
N GLY D 65 22.76 2.28 -4.53
CA GLY D 65 22.13 2.62 -3.27
C GLY D 65 22.80 1.94 -2.09
N ASP D 66 22.87 0.61 -2.14
CA ASP D 66 23.49 -0.13 -1.05
C ASP D 66 24.95 0.25 -0.87
N TYR D 67 25.68 0.39 -1.98
CA TYR D 67 27.09 0.71 -1.89
C TYR D 67 27.31 2.05 -1.21
N ASN D 68 26.51 3.06 -1.55
CA ASN D 68 26.69 4.38 -0.97
C ASN D 68 26.21 4.43 0.48
N MET D 69 25.17 3.68 0.81
CA MET D 69 24.73 3.62 2.20
C MET D 69 25.82 3.05 3.09
N ALA D 70 26.51 2.01 2.63
CA ALA D 70 27.57 1.41 3.41
C ALA D 70 28.67 2.41 3.70
N LYS D 71 29.06 3.20 2.70
CA LYS D 71 30.13 4.17 2.91
C LYS D 71 29.82 5.12 4.05
N ALA D 72 28.58 5.63 4.10
CA ALA D 72 28.20 6.55 5.16
C ALA D 72 28.37 5.91 6.53
N LYS D 73 27.91 4.67 6.68
CA LYS D 73 28.04 3.97 7.96
C LYS D 73 29.51 3.78 8.33
N MET D 74 30.33 3.37 7.37
CA MET D 74 31.75 3.15 7.65
C MET D 74 32.42 4.45 8.09
N LYS D 75 32.16 5.55 7.37
CA LYS D 75 32.74 6.83 7.77
C LYS D 75 32.20 7.28 9.12
N ASN D 76 30.95 6.95 9.43
CA ASN D 76 30.40 7.26 10.74
C ASN D 76 30.89 6.31 11.83
N LYS D 77 31.59 5.24 11.46
CA LYS D 77 32.09 4.27 12.43
C LYS D 77 33.46 3.74 11.99
N GLU D 88 29.50 -9.49 1.52
CA GLU D 88 30.01 -8.20 1.06
C GLU D 88 28.85 -7.24 0.85
N VAL D 89 29.18 -5.96 0.69
CA VAL D 89 28.13 -4.93 0.61
C VAL D 89 27.25 -5.17 -0.61
N THR D 90 27.86 -5.40 -1.77
CA THR D 90 27.11 -5.61 -3.01
C THR D 90 27.92 -6.49 -3.94
N GLY D 91 27.28 -6.93 -5.02
CA GLY D 91 27.94 -7.67 -6.06
C GLY D 91 28.73 -6.77 -6.99
N ASP D 92 29.45 -7.39 -7.91
CA ASP D 92 30.29 -6.68 -8.85
C ASP D 92 29.67 -6.54 -10.23
N HIS D 93 28.88 -7.53 -10.67
CA HIS D 93 28.30 -7.48 -12.00
C HIS D 93 27.39 -6.28 -12.14
N ILE D 94 27.51 -5.60 -13.28
CA ILE D 94 26.64 -4.48 -13.62
C ILE D 94 25.48 -5.03 -14.46
N PRO D 95 24.22 -4.82 -14.05
CA PRO D 95 23.11 -5.44 -14.78
C PRO D 95 23.08 -4.97 -16.23
N THR D 96 22.69 -5.88 -17.11
CA THR D 96 22.60 -5.62 -18.54
C THR D 96 21.23 -6.07 -19.03
N PRO D 97 20.65 -5.40 -20.03
CA PRO D 97 19.33 -5.82 -20.51
C PRO D 97 19.28 -7.27 -20.92
N GLN D 98 20.35 -7.80 -21.52
CA GLN D 98 20.38 -9.21 -21.89
C GLN D 98 20.29 -10.10 -20.66
N ASP D 99 21.00 -9.73 -19.59
CA ASP D 99 21.00 -10.56 -18.38
C ASP D 99 19.63 -10.65 -17.74
N LEU D 100 18.77 -9.65 -17.95
CA LEU D 100 17.47 -9.66 -17.32
C LEU D 100 16.57 -10.72 -17.95
N PRO D 101 15.52 -11.15 -17.24
CA PRO D 101 14.57 -12.09 -17.82
C PRO D 101 14.00 -11.57 -19.13
N GLN D 102 13.40 -12.48 -19.89
CA GLN D 102 12.84 -12.12 -21.18
C GLN D 102 11.68 -11.16 -21.00
N ARG D 103 11.47 -10.31 -22.01
CA ARG D 103 10.42 -9.31 -21.93
C ARG D 103 9.05 -9.97 -21.76
N LYS D 104 8.87 -11.14 -22.34
CA LYS D 104 7.61 -11.88 -22.27
C LYS D 104 7.90 -13.32 -21.85
N PRO D 105 6.90 -14.01 -21.31
CA PRO D 105 7.13 -15.40 -20.87
C PRO D 105 7.60 -16.29 -22.01
N ALA D 106 8.50 -17.21 -21.69
CA ALA D 106 9.02 -18.16 -22.67
C ALA D 106 9.18 -19.54 -22.06
N LEU D 107 8.31 -19.91 -21.12
CA LEU D 107 8.39 -21.18 -20.41
C LEU D 107 7.28 -22.11 -20.88
N VAL D 108 7.63 -23.36 -21.14
CA VAL D 108 6.66 -24.35 -21.63
C VAL D 108 5.89 -24.93 -20.46
N ALA D 109 4.83 -25.67 -20.75
CA ALA D 109 4.02 -26.27 -19.71
C ALA D 109 4.81 -27.29 -18.92
N SER D 110 4.46 -27.43 -17.64
CA SER D 110 5.18 -28.34 -16.76
C SER D 110 5.03 -29.79 -17.26
N LYS D 111 6.10 -30.56 -17.07
CA LYS D 111 6.08 -31.96 -17.46
C LYS D 111 5.11 -32.78 -16.62
N LEU D 112 4.75 -32.29 -15.42
CA LEU D 112 3.73 -32.97 -14.64
C LEU D 112 2.40 -32.98 -15.36
N ALA D 113 2.04 -31.86 -15.99
CA ALA D 113 0.79 -31.78 -16.73
C ALA D 113 0.76 -32.74 -17.92
N GLY D 114 1.92 -33.19 -18.39
CA GLY D 114 1.98 -34.10 -19.51
C GLY D 114 1.24 -35.39 -19.26
#